data_8WBH
#
_entry.id   8WBH
#
_cell.length_a   1.00
_cell.length_b   1.00
_cell.length_c   1.00
_cell.angle_alpha   90.00
_cell.angle_beta   90.00
_cell.angle_gamma   90.00
#
_symmetry.space_group_name_H-M   'P 1'
#
_entity_poly.entity_id   1
_entity_poly.type   'polypeptide(L)'
_entity_poly.pdbx_seq_one_letter_code
;DTGCAIDITRKEMRCGSGIFVHNDVEAWVDRYKYLPETPRSLAKIVHKAHKEGVCGVRSVTRLEHQMWEAVRDELNVLLK
ENAVDLSVVVNKPVGRYRSAPKRLSMTQEKFEMGWKAWGKSILFAPELANSTFVVDGPETKECPDEHRAWNSMQIEDFGF
GITSTRVWLKIREESTDECDGAIIGTAVKGHVAVHSDLSYWIESRYNDTWKLERAVFGEVKSCTWPETHTLWGDGVEESE
LIIPHTIAGPKSKHNRREGYKTQNQGPWDENGIVLDFDYCPGTKVTITEDCGKRGPSVRTTTDSGKLITDWCCRSCSLPP
LRFRTENGCWYGMEIRPVRHDETTLVRSQVDAHHHHHH
;
_entity_poly.pdbx_strand_id   A,B,a,b
#
# COMPACT_ATOMS: atom_id res chain seq x y z
N ASP A 1 4.24 -9.91 6.78
CA ASP A 1 3.76 -9.21 5.59
C ASP A 1 4.13 -7.73 5.64
N THR A 2 5.28 -7.41 5.06
CA THR A 2 5.73 -6.02 5.01
C THR A 2 4.84 -5.21 4.08
N GLY A 3 4.40 -4.05 4.53
CA GLY A 3 3.55 -3.22 3.72
C GLY A 3 3.24 -1.91 4.41
N CYS A 4 2.41 -1.12 3.76
CA CYS A 4 1.99 0.18 4.27
C CYS A 4 0.46 0.26 4.26
N ALA A 5 -0.07 1.28 4.92
CA ALA A 5 -1.52 1.40 5.04
C ALA A 5 -1.89 2.83 5.40
N ILE A 6 -3.19 3.10 5.32
CA ILE A 6 -3.77 4.38 5.71
C ILE A 6 -4.89 4.09 6.69
N ASP A 7 -4.73 4.55 7.93
CA ASP A 7 -5.70 4.29 8.99
C ASP A 7 -6.50 5.56 9.27
N ILE A 8 -7.81 5.48 9.06
CA ILE A 8 -8.67 6.64 9.32
C ILE A 8 -8.80 6.88 10.81
N THR A 9 -8.99 5.82 11.60
CA THR A 9 -9.22 5.97 13.04
C THR A 9 -7.99 6.51 13.74
N ARG A 10 -6.82 5.97 13.43
CA ARG A 10 -5.58 6.43 14.05
C ARG A 10 -5.06 7.72 13.44
N LYS A 11 -5.57 8.11 12.27
CA LYS A 11 -5.08 9.28 11.54
C LYS A 11 -3.57 9.17 11.32
N GLU A 12 -3.18 8.13 10.60
CA GLU A 12 -1.77 7.82 10.42
C GLU A 12 -1.58 7.02 9.15
N MET A 13 -0.52 7.35 8.41
CA MET A 13 -0.05 6.56 7.29
C MET A 13 1.37 6.12 7.59
N ARG A 14 1.62 4.81 7.50
CA ARG A 14 2.86 4.26 7.99
C ARG A 14 3.20 2.98 7.23
N CYS A 15 4.40 2.48 7.47
CA CYS A 15 4.87 1.22 6.90
C CYS A 15 5.48 0.38 8.00
N GLY A 16 5.51 -0.93 7.77
CA GLY A 16 6.05 -1.84 8.77
C GLY A 16 5.81 -3.29 8.35
N SER A 17 5.79 -4.15 9.36
CA SER A 17 5.59 -5.59 9.16
C SER A 17 4.51 -6.10 10.10
N GLY A 18 3.74 -7.08 9.63
CA GLY A 18 2.65 -7.61 10.41
C GLY A 18 1.81 -8.62 9.67
N ILE A 19 0.49 -8.48 9.73
CA ILE A 19 -0.44 -9.39 9.06
C ILE A 19 -1.50 -8.54 8.35
N PHE A 20 -1.63 -8.74 7.04
CA PHE A 20 -2.58 -8.00 6.21
C PHE A 20 -3.73 -8.92 5.83
N VAL A 21 -4.91 -8.63 6.38
CA VAL A 21 -6.14 -9.34 5.99
C VAL A 21 -6.84 -8.48 4.96
N HIS A 22 -6.97 -9.00 3.74
CA HIS A 22 -7.37 -8.22 2.58
C HIS A 22 -8.67 -8.77 2.03
N ASN A 23 -9.61 -7.86 1.74
CA ASN A 23 -10.91 -8.23 1.18
C ASN A 23 -10.74 -8.80 -0.22
N ASP A 24 -11.03 -10.09 -0.37
CA ASP A 24 -10.95 -10.77 -1.67
C ASP A 24 -12.29 -11.26 -2.17
N VAL A 25 -13.39 -10.88 -1.53
CA VAL A 25 -14.70 -11.38 -1.94
C VAL A 25 -15.40 -10.32 -2.79
N GLU A 26 -15.11 -9.05 -2.53
CA GLU A 26 -15.65 -7.96 -3.34
C GLU A 26 -14.60 -7.50 -4.35
N ALA A 27 -14.31 -8.41 -5.29
CA ALA A 27 -13.35 -8.16 -6.35
C ALA A 27 -14.01 -8.42 -7.70
N TRP A 28 -13.68 -7.60 -8.69
CA TRP A 28 -14.27 -7.72 -10.02
C TRP A 28 -13.55 -8.75 -10.89
N VAL A 29 -12.39 -9.24 -10.46
CA VAL A 29 -11.65 -10.26 -11.20
C VAL A 29 -11.24 -11.35 -10.21
N ASP A 30 -11.12 -12.58 -10.69
CA ASP A 30 -10.67 -13.67 -9.84
C ASP A 30 -9.16 -13.66 -9.73
N ARG A 31 -8.67 -13.54 -8.49
CA ARG A 31 -7.23 -13.45 -8.25
C ARG A 31 -6.60 -14.80 -7.93
N TYR A 32 -7.40 -15.81 -7.59
CA TYR A 32 -6.91 -17.13 -7.25
C TYR A 32 -7.52 -18.17 -8.19
N LYS A 33 -6.73 -19.17 -8.56
CA LYS A 33 -7.15 -20.20 -9.50
C LYS A 33 -6.72 -21.56 -8.97
N TYR A 34 -7.70 -22.39 -8.62
CA TYR A 34 -7.40 -23.73 -8.14
C TYR A 34 -6.90 -24.61 -9.27
N LEU A 35 -5.90 -25.44 -8.98
CA LEU A 35 -5.40 -26.43 -9.91
C LEU A 35 -5.18 -27.77 -9.22
N PRO A 36 -5.37 -28.87 -9.94
CA PRO A 36 -5.08 -30.18 -9.36
C PRO A 36 -3.59 -30.43 -9.25
N GLU A 37 -3.23 -31.41 -8.41
CA GLU A 37 -1.83 -31.79 -8.25
C GLU A 37 -1.25 -32.32 -9.56
N THR A 38 -1.78 -33.45 -10.04
CA THR A 38 -1.32 -34.08 -11.26
C THR A 38 -2.52 -34.65 -12.02
N PRO A 39 -2.82 -34.14 -13.21
CA PRO A 39 -3.96 -34.67 -13.98
C PRO A 39 -3.81 -36.15 -14.31
N ARG A 40 -2.58 -36.65 -14.42
CA ARG A 40 -2.40 -38.08 -14.68
C ARG A 40 -2.88 -38.93 -13.52
N SER A 41 -2.56 -38.53 -12.28
CA SER A 41 -2.98 -39.29 -11.12
C SER A 41 -4.45 -39.04 -10.76
N LEU A 42 -5.00 -37.89 -11.14
CA LEU A 42 -6.40 -37.62 -10.87
C LEU A 42 -7.30 -38.61 -11.61
N ALA A 43 -6.87 -39.05 -12.79
CA ALA A 43 -7.61 -40.09 -13.50
C ALA A 43 -7.63 -41.39 -12.71
N LYS A 44 -6.48 -41.77 -12.14
CA LYS A 44 -6.44 -42.95 -11.29
C LYS A 44 -7.33 -42.79 -10.07
N ILE A 45 -7.35 -41.59 -9.49
CA ILE A 45 -8.23 -41.31 -8.36
C ILE A 45 -9.68 -41.53 -8.75
N VAL A 46 -10.08 -40.98 -9.90
CA VAL A 46 -11.46 -41.11 -10.35
C VAL A 46 -11.80 -42.57 -10.62
N HIS A 47 -10.89 -43.31 -11.26
CA HIS A 47 -11.14 -44.72 -11.55
C HIS A 47 -11.30 -45.53 -10.26
N LYS A 48 -10.41 -45.32 -9.30
CA LYS A 48 -10.50 -46.05 -8.04
C LYS A 48 -11.78 -45.71 -7.29
N ALA A 49 -12.15 -44.43 -7.26
CA ALA A 49 -13.38 -44.03 -6.59
C ALA A 49 -14.60 -44.64 -7.26
N HIS A 50 -14.64 -44.63 -8.60
CA HIS A 50 -15.76 -45.22 -9.30
C HIS A 50 -15.87 -46.71 -9.03
N LYS A 51 -14.73 -47.42 -9.03
CA LYS A 51 -14.76 -48.84 -8.71
C LYS A 51 -15.22 -49.09 -7.29
N GLU A 52 -14.80 -48.24 -6.35
CA GLU A 52 -15.16 -48.43 -4.95
C GLU A 52 -16.65 -48.17 -4.68
N GLY A 53 -17.31 -47.40 -5.54
CA GLY A 53 -18.74 -47.19 -5.38
C GLY A 53 -19.17 -45.74 -5.25
N VAL A 54 -18.38 -44.81 -5.77
CA VAL A 54 -18.69 -43.40 -5.76
C VAL A 54 -19.10 -42.99 -7.17
N CYS A 55 -20.34 -42.51 -7.32
CA CYS A 55 -20.87 -42.18 -8.64
C CYS A 55 -20.69 -40.70 -9.01
N GLY A 56 -20.20 -39.87 -8.09
CA GLY A 56 -20.03 -38.47 -8.41
C GLY A 56 -19.41 -37.72 -7.25
N VAL A 57 -19.07 -36.46 -7.52
CA VAL A 57 -18.47 -35.57 -6.53
C VAL A 57 -19.31 -34.30 -6.47
N ARG A 58 -19.39 -33.70 -5.29
CA ARG A 58 -20.07 -32.43 -5.09
C ARG A 58 -19.06 -31.40 -4.59
N SER A 59 -18.98 -30.29 -5.31
CA SER A 59 -18.00 -29.26 -4.97
C SER A 59 -18.35 -28.56 -3.66
N VAL A 60 -17.33 -28.10 -2.96
CA VAL A 60 -17.52 -27.37 -1.70
C VAL A 60 -17.59 -25.88 -1.94
N THR A 61 -16.64 -25.34 -2.69
CA THR A 61 -16.60 -23.92 -3.05
C THR A 61 -16.74 -23.77 -4.55
N ARG A 62 -17.11 -22.56 -4.97
CA ARG A 62 -17.29 -22.28 -6.39
C ARG A 62 -16.00 -22.50 -7.16
N LEU A 63 -14.85 -22.27 -6.53
CA LEU A 63 -13.58 -22.44 -7.23
C LEU A 63 -13.29 -23.91 -7.50
N GLU A 64 -13.72 -24.81 -6.62
CA GLU A 64 -13.58 -26.23 -6.91
C GLU A 64 -14.42 -26.63 -8.13
N HIS A 65 -15.64 -26.10 -8.23
CA HIS A 65 -16.46 -26.37 -9.40
C HIS A 65 -15.83 -25.80 -10.66
N GLN A 66 -15.25 -24.61 -10.58
CA GLN A 66 -14.57 -24.03 -11.74
C GLN A 66 -13.37 -24.87 -12.15
N MET A 67 -12.62 -25.39 -11.17
CA MET A 67 -11.50 -26.28 -11.47
C MET A 67 -11.97 -27.55 -12.16
N TRP A 68 -13.05 -28.15 -11.66
CA TRP A 68 -13.58 -29.36 -12.30
C TRP A 68 -14.03 -29.06 -13.72
N GLU A 69 -14.68 -27.92 -13.93
CA GLU A 69 -15.10 -27.54 -15.27
C GLU A 69 -13.91 -27.38 -16.20
N ALA A 70 -12.83 -26.74 -15.71
CA ALA A 70 -11.68 -26.49 -16.55
C ALA A 70 -10.85 -27.74 -16.83
N VAL A 71 -10.91 -28.75 -15.95
CA VAL A 71 -10.11 -29.96 -16.13
C VAL A 71 -10.94 -31.15 -16.64
N ARG A 72 -12.25 -30.96 -16.83
CA ARG A 72 -13.08 -32.06 -17.32
C ARG A 72 -12.63 -32.56 -18.68
N ASP A 73 -12.28 -31.65 -19.59
CA ASP A 73 -11.89 -32.06 -20.94
C ASP A 73 -10.61 -32.89 -20.90
N GLU A 74 -9.60 -32.44 -20.14
CA GLU A 74 -8.36 -33.19 -20.04
C GLU A 74 -8.58 -34.54 -19.37
N LEU A 75 -9.44 -34.58 -18.34
CA LEU A 75 -9.73 -35.86 -17.68
C LEU A 75 -10.39 -36.83 -18.66
N ASN A 76 -11.35 -36.34 -19.45
CA ASN A 76 -12.00 -37.20 -20.44
C ASN A 76 -11.01 -37.69 -21.48
N VAL A 77 -10.12 -36.80 -21.94
CA VAL A 77 -9.14 -37.19 -22.95
C VAL A 77 -8.21 -38.27 -22.41
N LEU A 78 -7.72 -38.09 -21.18
CA LEU A 78 -6.83 -39.08 -20.59
C LEU A 78 -7.53 -40.41 -20.38
N LEU A 79 -8.78 -40.38 -19.88
CA LEU A 79 -9.52 -41.61 -19.66
C LEU A 79 -9.75 -42.36 -20.97
N LYS A 80 -10.16 -41.63 -22.01
CA LYS A 80 -10.39 -42.28 -23.31
C LYS A 80 -9.10 -42.82 -23.90
N GLU A 81 -8.00 -42.07 -23.76
CA GLU A 81 -6.72 -42.52 -24.32
C GLU A 81 -6.23 -43.77 -23.62
N ASN A 82 -6.42 -43.86 -22.30
CA ASN A 82 -6.04 -45.05 -21.56
C ASN A 82 -7.07 -46.18 -21.70
N ALA A 83 -8.05 -46.03 -22.58
CA ALA A 83 -9.08 -47.03 -22.83
C ALA A 83 -9.85 -47.35 -21.53
N VAL A 84 -10.50 -46.33 -21.01
CA VAL A 84 -11.29 -46.43 -19.79
C VAL A 84 -12.74 -46.08 -20.12
N ASP A 85 -13.66 -46.94 -19.72
CA ASP A 85 -15.09 -46.72 -19.95
C ASP A 85 -15.66 -45.89 -18.80
N LEU A 86 -15.32 -44.60 -18.83
CA LEU A 86 -15.75 -43.67 -17.80
C LEU A 86 -15.72 -42.26 -18.37
N SER A 87 -16.72 -41.46 -18.00
CA SER A 87 -16.82 -40.09 -18.47
C SER A 87 -17.18 -39.18 -17.30
N VAL A 88 -16.48 -38.05 -17.20
CA VAL A 88 -16.75 -37.04 -16.18
C VAL A 88 -17.59 -35.94 -16.81
N VAL A 89 -18.70 -35.59 -16.16
CA VAL A 89 -19.61 -34.56 -16.63
C VAL A 89 -19.82 -33.55 -15.52
N VAL A 90 -19.82 -32.28 -15.87
CA VAL A 90 -19.98 -31.18 -14.92
C VAL A 90 -21.28 -30.47 -15.24
N ASN A 91 -22.17 -30.40 -14.25
CA ASN A 91 -23.43 -29.69 -14.40
C ASN A 91 -23.31 -28.30 -13.78
N LYS A 92 -24.42 -27.57 -13.78
CA LYS A 92 -24.36 -26.22 -13.26
C LYS A 92 -25.00 -26.15 -11.87
N PRO A 93 -24.51 -25.27 -11.00
CA PRO A 93 -25.06 -25.19 -9.65
C PRO A 93 -26.52 -24.73 -9.65
N VAL A 94 -27.26 -25.20 -8.65
CA VAL A 94 -28.68 -24.92 -8.53
C VAL A 94 -28.99 -24.06 -7.31
N GLY A 95 -28.33 -24.31 -6.18
CA GLY A 95 -28.55 -23.54 -4.97
C GLY A 95 -27.30 -23.41 -4.13
N ARG A 96 -27.43 -23.63 -2.83
CA ARG A 96 -26.27 -23.70 -1.96
C ARG A 96 -25.55 -25.03 -2.18
N TYR A 97 -24.24 -25.02 -1.92
CA TYR A 97 -23.41 -26.21 -2.12
C TYR A 97 -23.66 -27.16 -0.95
N ARG A 98 -24.45 -28.20 -1.20
CA ARG A 98 -24.87 -29.11 -0.15
C ARG A 98 -23.72 -30.05 0.24
N SER A 99 -24.02 -30.98 1.15
CA SER A 99 -23.03 -31.89 1.69
C SER A 99 -23.25 -33.30 1.17
N ALA A 100 -22.24 -34.15 1.37
CA ALA A 100 -22.28 -35.54 0.97
C ALA A 100 -21.53 -36.37 1.99
N PRO A 101 -21.85 -37.67 2.13
CA PRO A 101 -21.22 -38.49 3.17
C PRO A 101 -19.96 -39.23 2.76
N LYS A 102 -19.60 -39.28 1.48
CA LYS A 102 -18.46 -40.04 1.02
C LYS A 102 -17.27 -39.12 0.74
N ARG A 103 -16.09 -39.73 0.67
CA ARG A 103 -14.84 -39.01 0.45
C ARG A 103 -14.00 -39.72 -0.60
N LEU A 104 -13.15 -38.96 -1.29
CA LEU A 104 -12.23 -39.54 -2.26
C LEU A 104 -11.01 -40.11 -1.55
N SER A 105 -10.60 -41.29 -1.99
CA SER A 105 -9.43 -41.94 -1.41
C SER A 105 -8.15 -41.24 -1.86
N MET A 106 -7.06 -41.53 -1.15
CA MET A 106 -5.77 -40.98 -1.50
C MET A 106 -5.20 -41.68 -2.73
N THR A 107 -4.18 -41.05 -3.32
CA THR A 107 -3.53 -41.65 -4.48
C THR A 107 -2.82 -42.94 -4.10
N GLN A 108 -2.90 -43.92 -4.98
CA GLN A 108 -2.29 -45.22 -4.75
C GLN A 108 -1.12 -45.53 -5.66
N GLU A 109 -1.08 -44.95 -6.86
CA GLU A 109 0.00 -45.18 -7.80
C GLU A 109 0.68 -43.88 -8.21
N ALA A 129 -24.65 -49.73 -19.31
CA ALA A 129 -23.73 -49.84 -20.44
C ALA A 129 -22.66 -48.74 -20.38
N ASN A 130 -23.11 -47.52 -20.12
CA ASN A 130 -22.22 -46.36 -20.03
C ASN A 130 -22.19 -45.84 -18.61
N SER A 131 -21.00 -45.55 -18.11
CA SER A 131 -20.80 -45.05 -16.75
C SER A 131 -20.41 -43.58 -16.81
N THR A 132 -21.04 -42.77 -15.97
CA THR A 132 -20.79 -41.34 -15.92
C THR A 132 -20.32 -40.94 -14.52
N PHE A 133 -19.66 -39.79 -14.44
CA PHE A 133 -19.14 -39.24 -13.20
C PHE A 133 -19.74 -37.85 -13.05
N VAL A 134 -20.93 -37.77 -12.47
CA VAL A 134 -21.68 -36.53 -12.41
C VAL A 134 -21.07 -35.61 -11.37
N VAL A 135 -21.08 -34.30 -11.64
CA VAL A 135 -20.53 -33.30 -10.74
C VAL A 135 -21.58 -32.22 -10.51
N ASP A 136 -21.87 -31.96 -9.23
CA ASP A 136 -22.73 -30.84 -8.81
C ASP A 136 -24.13 -30.94 -9.43
N GLY A 137 -24.57 -32.14 -9.76
CA GLY A 137 -25.88 -32.32 -10.33
C GLY A 137 -26.97 -32.26 -9.29
N PRO A 138 -28.22 -32.08 -9.72
CA PRO A 138 -29.35 -32.14 -8.79
C PRO A 138 -29.63 -33.57 -8.33
N GLU A 139 -30.73 -33.76 -7.59
CA GLU A 139 -31.05 -35.07 -7.03
C GLU A 139 -31.53 -35.98 -8.15
N THR A 140 -30.58 -36.59 -8.84
CA THR A 140 -30.88 -37.55 -9.89
C THR A 140 -30.93 -38.95 -9.30
N LYS A 141 -31.83 -39.78 -9.82
CA LYS A 141 -31.97 -41.15 -9.31
C LYS A 141 -30.83 -42.04 -9.74
N GLU A 142 -30.05 -41.63 -10.75
CA GLU A 142 -28.88 -42.43 -11.14
C GLU A 142 -27.77 -42.30 -10.12
N CYS A 143 -27.48 -41.08 -9.66
CA CYS A 143 -26.43 -40.81 -8.69
C CYS A 143 -27.03 -40.01 -7.54
N PRO A 144 -27.56 -40.67 -6.51
CA PRO A 144 -28.26 -39.95 -5.44
C PRO A 144 -27.30 -39.13 -4.59
N ASP A 145 -27.89 -38.42 -3.63
CA ASP A 145 -27.10 -37.57 -2.73
C ASP A 145 -26.15 -38.39 -1.86
N GLU A 146 -26.56 -39.60 -1.48
CA GLU A 146 -25.82 -40.40 -0.51
C GLU A 146 -24.63 -41.13 -1.12
N HIS A 147 -24.43 -41.06 -2.43
CA HIS A 147 -23.36 -41.76 -3.11
C HIS A 147 -22.40 -40.79 -3.79
N ARG A 148 -22.14 -39.66 -3.15
CA ARG A 148 -21.32 -38.61 -3.73
C ARG A 148 -20.20 -38.24 -2.77
N ALA A 149 -19.09 -37.76 -3.34
CA ALA A 149 -17.97 -37.33 -2.52
C ALA A 149 -18.15 -35.87 -2.09
N TRP A 150 -17.34 -35.45 -1.12
CA TRP A 150 -17.38 -34.08 -0.63
C TRP A 150 -16.15 -33.77 0.22
N ASN A 151 -15.48 -32.66 -0.08
CA ASN A 151 -14.37 -32.13 0.74
C ASN A 151 -13.27 -33.17 0.93
N SER A 152 -12.64 -33.55 -0.19
CA SER A 152 -11.57 -34.53 -0.18
C SER A 152 -10.25 -33.93 -0.65
N MET A 153 -10.13 -32.61 -0.65
CA MET A 153 -8.93 -31.94 -1.15
C MET A 153 -8.47 -30.89 -0.15
N GLN A 154 -7.22 -30.46 -0.32
CA GLN A 154 -6.58 -29.56 0.64
C GLN A 154 -5.50 -28.76 -0.07
N ILE A 155 -5.44 -27.47 0.26
CA ILE A 155 -4.44 -26.58 -0.32
C ILE A 155 -3.05 -27.00 0.13
N GLU A 156 -2.11 -27.03 -0.81
CA GLU A 156 -0.74 -27.47 -0.54
C GLU A 156 0.28 -26.35 -0.64
N ASP A 157 0.19 -25.52 -1.70
CA ASP A 157 1.16 -24.47 -1.91
C ASP A 157 0.55 -23.42 -2.83
N PHE A 158 1.20 -22.26 -2.89
CA PHE A 158 0.79 -21.16 -3.75
C PHE A 158 1.83 -20.96 -4.84
N GLY A 159 1.36 -20.58 -6.04
CA GLY A 159 2.22 -20.28 -7.16
C GLY A 159 2.33 -18.79 -7.41
N PHE A 160 2.85 -18.46 -8.59
CA PHE A 160 3.00 -17.08 -9.02
C PHE A 160 2.29 -16.87 -10.35
N GLY A 161 1.61 -15.72 -10.46
CA GLY A 161 0.91 -15.37 -11.68
C GLY A 161 0.58 -13.89 -11.74
N ILE A 162 0.82 -13.26 -12.89
CA ILE A 162 0.55 -11.84 -13.03
C ILE A 162 -0.94 -11.56 -12.94
N THR A 163 -1.76 -12.46 -13.46
CA THR A 163 -3.22 -12.32 -13.43
C THR A 163 -3.85 -13.09 -12.27
N SER A 164 -3.55 -14.38 -12.15
CA SER A 164 -4.16 -15.23 -11.14
C SER A 164 -3.09 -16.13 -10.53
N THR A 165 -3.00 -16.12 -9.21
CA THR A 165 -2.07 -17.02 -8.54
C THR A 165 -2.62 -18.44 -8.55
N ARG A 166 -1.71 -19.40 -8.41
CA ARG A 166 -2.06 -20.82 -8.50
C ARG A 166 -2.12 -21.41 -7.10
N VAL A 167 -3.17 -22.18 -6.83
CA VAL A 167 -3.40 -22.81 -5.54
C VAL A 167 -3.46 -24.31 -5.79
N TRP A 168 -2.35 -25.01 -5.56
CA TRP A 168 -2.31 -26.44 -5.78
C TRP A 168 -3.10 -27.17 -4.69
N LEU A 169 -3.63 -28.33 -5.05
CA LEU A 169 -4.50 -29.10 -4.17
C LEU A 169 -3.97 -30.51 -4.01
N LYS A 170 -4.31 -31.13 -2.87
CA LYS A 170 -3.85 -32.46 -2.52
C LYS A 170 -4.96 -33.19 -1.79
N ILE A 171 -5.05 -34.50 -2.01
CA ILE A 171 -6.07 -35.32 -1.36
C ILE A 171 -5.81 -35.38 0.14
N ARG A 172 -6.85 -35.15 0.93
CA ARG A 172 -6.74 -35.23 2.38
C ARG A 172 -6.41 -36.66 2.82
N GLU A 173 -5.80 -36.77 3.99
CA GLU A 173 -5.46 -38.05 4.57
C GLU A 173 -6.46 -38.51 5.63
N GLU A 174 -6.98 -37.57 6.43
CA GLU A 174 -7.95 -37.88 7.48
C GLU A 174 -9.22 -37.09 7.24
N SER A 175 -10.36 -37.75 7.35
CA SER A 175 -11.64 -37.12 7.05
C SER A 175 -11.94 -36.02 8.06
N THR A 176 -12.44 -34.89 7.54
CA THR A 176 -12.83 -33.76 8.38
C THR A 176 -14.09 -33.13 7.81
N ASP A 177 -14.77 -32.34 8.64
CA ASP A 177 -15.93 -31.57 8.23
C ASP A 177 -15.67 -30.07 8.32
N GLU A 178 -14.41 -29.66 8.36
CA GLU A 178 -14.04 -28.26 8.58
C GLU A 178 -13.57 -27.63 7.27
N CYS A 179 -13.73 -26.31 7.20
CA CYS A 179 -13.31 -25.57 6.03
C CYS A 179 -11.78 -25.53 5.96
N ASP A 180 -11.27 -25.07 4.81
CA ASP A 180 -9.83 -25.09 4.57
C ASP A 180 -9.18 -23.89 5.26
N GLY A 181 -8.29 -24.17 6.20
CA GLY A 181 -7.68 -23.14 7.02
C GLY A 181 -6.51 -22.39 6.42
N ALA A 182 -6.10 -22.72 5.20
CA ALA A 182 -4.96 -22.04 4.59
C ALA A 182 -5.34 -20.71 3.96
N ILE A 183 -6.64 -20.41 3.87
CA ILE A 183 -7.10 -19.14 3.31
C ILE A 183 -7.90 -18.31 4.29
N ILE A 184 -8.24 -18.84 5.46
CA ILE A 184 -9.09 -18.12 6.41
C ILE A 184 -8.29 -16.99 7.03
N GLY A 185 -8.87 -15.80 7.06
CA GLY A 185 -8.24 -14.66 7.68
C GLY A 185 -9.15 -13.96 8.66
N THR A 186 -8.78 -13.97 9.93
CA THR A 186 -9.56 -13.37 11.01
C THR A 186 -8.72 -12.30 11.67
N ALA A 187 -9.34 -11.15 11.96
CA ALA A 187 -8.60 -10.03 12.52
C ALA A 187 -9.54 -9.14 13.32
N VAL A 188 -8.98 -8.49 14.34
CA VAL A 188 -9.65 -7.43 15.09
C VAL A 188 -8.60 -6.40 15.47
N LYS A 189 -8.97 -5.13 15.37
CA LYS A 189 -8.05 -4.04 15.73
C LYS A 189 -8.90 -2.87 16.25
N GLY A 190 -9.04 -2.78 17.56
CA GLY A 190 -9.77 -1.68 18.16
C GLY A 190 -11.24 -1.95 18.29
N HIS A 191 -12.04 -1.41 17.37
CA HIS A 191 -13.50 -1.53 17.41
C HIS A 191 -14.03 -2.03 16.08
N VAL A 192 -13.35 -3.00 15.48
CA VAL A 192 -13.81 -3.60 14.23
C VAL A 192 -13.19 -5.00 14.09
N ALA A 193 -14.00 -5.98 13.73
CA ALA A 193 -13.56 -7.36 13.59
C ALA A 193 -14.00 -7.91 12.25
N VAL A 194 -13.28 -8.91 11.76
CA VAL A 194 -13.55 -9.50 10.45
C VAL A 194 -13.31 -11.00 10.53
N HIS A 195 -14.31 -11.79 10.18
CA HIS A 195 -14.15 -13.20 9.85
C HIS A 195 -14.31 -13.33 8.34
N SER A 196 -13.30 -13.86 7.67
CA SER A 196 -13.37 -13.85 6.21
C SER A 196 -12.50 -14.97 5.64
N ASP A 197 -12.82 -15.33 4.40
CA ASP A 197 -12.04 -16.21 3.55
C ASP A 197 -12.30 -15.78 2.11
N LEU A 198 -11.98 -16.65 1.15
CA LEU A 198 -12.20 -16.31 -0.25
C LEU A 198 -13.67 -16.26 -0.63
N SER A 199 -14.57 -16.71 0.24
CA SER A 199 -16.00 -16.74 -0.08
C SER A 199 -16.88 -15.92 0.86
N TYR A 200 -16.44 -15.67 2.10
CA TYR A 200 -17.23 -14.98 3.10
C TYR A 200 -16.51 -13.71 3.54
N TRP A 201 -17.31 -12.74 4.01
CA TRP A 201 -16.77 -11.53 4.63
C TRP A 201 -17.76 -11.09 5.70
N ILE A 202 -17.51 -11.52 6.94
CA ILE A 202 -18.33 -11.18 8.09
C ILE A 202 -17.68 -10.02 8.83
N GLU A 203 -18.49 -9.04 9.24
CA GLU A 203 -17.97 -7.85 9.88
C GLU A 203 -18.77 -7.53 11.13
N SER A 204 -18.08 -7.08 12.18
CA SER A 204 -18.68 -6.69 13.44
C SER A 204 -18.08 -5.37 13.89
N ARG A 205 -18.84 -4.62 14.68
CA ARG A 205 -18.41 -3.29 15.12
C ARG A 205 -18.88 -3.03 16.53
N TYR A 206 -18.22 -2.06 17.18
CA TYR A 206 -18.46 -1.72 18.57
C TYR A 206 -19.07 -0.33 18.64
N ASN A 207 -20.32 -0.25 19.11
CA ASN A 207 -20.96 1.02 19.46
C ASN A 207 -21.80 0.73 20.70
N ASP A 208 -21.19 0.90 21.87
CA ASP A 208 -21.74 0.57 23.18
C ASP A 208 -21.93 -0.93 23.37
N THR A 209 -21.70 -1.74 22.35
CA THR A 209 -21.91 -3.19 22.37
C THR A 209 -21.36 -3.77 21.07
N TRP A 210 -20.73 -4.94 21.17
CA TRP A 210 -20.30 -5.66 19.98
C TRP A 210 -21.48 -6.34 19.33
N LYS A 211 -21.68 -6.09 18.04
CA LYS A 211 -22.83 -6.62 17.32
C LYS A 211 -22.46 -6.87 15.86
N LEU A 212 -23.20 -7.78 15.23
CA LEU A 212 -22.99 -8.04 13.81
C LEU A 212 -23.41 -6.83 13.00
N GLU A 213 -22.62 -6.50 11.98
CA GLU A 213 -22.79 -5.24 11.26
C GLU A 213 -23.11 -5.46 9.79
N ARG A 214 -22.40 -6.35 9.10
CA ARG A 214 -22.61 -6.55 7.67
C ARG A 214 -21.93 -7.84 7.24
N ALA A 215 -22.66 -8.69 6.51
CA ALA A 215 -22.14 -9.95 6.01
C ALA A 215 -22.35 -10.02 4.51
N VAL A 216 -21.33 -10.48 3.79
CA VAL A 216 -21.34 -10.59 2.34
C VAL A 216 -21.06 -12.03 1.96
N PHE A 217 -21.86 -12.59 1.06
CA PHE A 217 -21.71 -13.97 0.62
C PHE A 217 -21.46 -14.01 -0.89
N GLY A 218 -20.61 -14.93 -1.31
CA GLY A 218 -20.43 -15.21 -2.72
C GLY A 218 -21.14 -16.50 -3.10
N GLU A 219 -21.21 -17.41 -2.14
CA GLU A 219 -22.05 -18.61 -2.22
C GLU A 219 -22.31 -19.07 -0.80
N VAL A 220 -23.17 -20.06 -0.66
CA VAL A 220 -23.50 -20.62 0.65
C VAL A 220 -23.00 -22.06 0.67
N LYS A 221 -21.85 -22.28 1.28
CA LYS A 221 -21.30 -23.62 1.45
C LYS A 221 -21.77 -24.20 2.77
N SER A 222 -21.41 -25.45 3.04
CA SER A 222 -21.87 -26.15 4.24
C SER A 222 -20.74 -26.77 5.03
N CYS A 223 -19.52 -26.27 4.90
CA CYS A 223 -18.44 -26.72 5.77
C CYS A 223 -18.63 -26.12 7.17
N THR A 224 -17.73 -26.46 8.08
CA THR A 224 -17.79 -26.00 9.46
C THR A 224 -16.59 -25.12 9.75
N TRP A 225 -16.83 -23.93 10.28
CA TRP A 225 -15.76 -22.98 10.53
C TRP A 225 -14.87 -23.51 11.65
N PRO A 226 -13.55 -23.59 11.44
CA PRO A 226 -12.67 -24.09 12.50
C PRO A 226 -12.62 -23.15 13.69
N GLU A 227 -12.43 -23.73 14.87
CA GLU A 227 -12.36 -22.94 16.10
C GLU A 227 -11.01 -22.25 16.28
N THR A 228 -9.98 -22.69 15.56
CA THR A 228 -8.68 -22.05 15.64
C THR A 228 -8.67 -20.67 15.00
N HIS A 229 -9.71 -20.31 14.25
CA HIS A 229 -9.78 -19.03 13.54
C HIS A 229 -10.95 -18.17 13.99
N THR A 230 -11.55 -18.48 15.14
CA THR A 230 -12.69 -17.74 15.66
C THR A 230 -12.25 -16.83 16.80
N LEU A 231 -13.02 -15.76 17.01
CA LEU A 231 -12.80 -14.82 18.08
C LEU A 231 -13.96 -14.89 19.07
N TRP A 232 -13.66 -14.81 20.37
CA TRP A 232 -14.68 -14.68 21.40
C TRP A 232 -15.62 -15.89 21.40
N GLY A 233 -15.07 -17.07 21.20
CA GLY A 233 -15.89 -18.27 21.11
C GLY A 233 -16.01 -19.05 22.39
N ASP A 234 -16.17 -18.36 23.52
CA ASP A 234 -16.25 -18.99 24.83
C ASP A 234 -17.68 -18.95 25.35
N GLY A 235 -18.20 -20.10 25.73
CA GLY A 235 -19.55 -20.18 26.28
C GLY A 235 -20.62 -19.69 25.33
N VAL A 236 -20.52 -20.06 24.07
CA VAL A 236 -21.45 -19.61 23.05
C VAL A 236 -22.59 -20.61 22.94
N GLU A 237 -23.76 -20.12 22.54
CA GLU A 237 -24.95 -20.95 22.33
C GLU A 237 -25.22 -21.04 20.84
N GLU A 238 -25.45 -22.25 20.35
CA GLU A 238 -25.70 -22.46 18.93
C GLU A 238 -27.06 -21.95 18.48
N SER A 239 -27.93 -21.58 19.42
CA SER A 239 -29.27 -21.14 19.09
C SER A 239 -29.41 -19.62 19.01
N GLU A 240 -28.32 -18.87 19.17
CA GLU A 240 -28.36 -17.42 19.09
C GLU A 240 -27.42 -16.87 18.02
N LEU A 241 -26.83 -17.71 17.20
CA LEU A 241 -25.97 -17.25 16.12
C LEU A 241 -26.82 -16.82 14.93
N ILE A 242 -26.59 -15.60 14.44
CA ILE A 242 -27.38 -15.07 13.35
C ILE A 242 -27.22 -15.95 12.10
N ILE A 243 -25.98 -16.24 11.73
CA ILE A 243 -25.69 -17.14 10.61
C ILE A 243 -25.55 -18.55 11.18
N PRO A 244 -26.34 -19.51 10.72
CA PRO A 244 -26.28 -20.85 11.31
C PRO A 244 -24.91 -21.48 11.14
N HIS A 245 -24.51 -22.28 12.12
CA HIS A 245 -23.22 -22.95 12.08
C HIS A 245 -23.20 -24.12 11.10
N THR A 246 -24.33 -24.44 10.48
CA THR A 246 -24.39 -25.50 9.48
C THR A 246 -24.18 -24.99 8.06
N ILE A 247 -23.96 -23.70 7.88
CA ILE A 247 -23.64 -23.14 6.57
C ILE A 247 -22.33 -22.37 6.66
N ALA A 248 -21.43 -22.85 7.53
CA ALA A 248 -20.10 -22.27 7.73
C ALA A 248 -20.18 -20.87 8.34
N GLY A 249 -21.03 -20.70 9.33
CA GLY A 249 -21.03 -19.49 10.12
C GLY A 249 -20.20 -19.70 11.38
N PRO A 250 -19.28 -18.77 11.66
CA PRO A 250 -18.39 -18.96 12.81
C PRO A 250 -19.16 -19.07 14.11
N LYS A 251 -18.72 -19.99 14.96
CA LYS A 251 -19.35 -20.21 16.26
C LYS A 251 -18.82 -19.21 17.27
N SER A 252 -18.91 -17.93 16.96
CA SER A 252 -18.36 -16.87 17.78
C SER A 252 -19.50 -16.05 18.38
N LYS A 253 -19.13 -15.04 19.17
CA LYS A 253 -20.09 -14.10 19.72
C LYS A 253 -20.01 -12.73 19.05
N HIS A 254 -19.14 -12.58 18.06
CA HIS A 254 -19.28 -11.48 17.10
C HIS A 254 -20.33 -11.78 16.05
N ASN A 255 -20.91 -12.98 16.08
CA ASN A 255 -21.83 -13.48 15.07
C ASN A 255 -23.29 -13.29 15.48
N ARG A 256 -23.57 -12.48 16.50
CA ARG A 256 -24.91 -12.35 17.03
C ARG A 256 -25.30 -10.89 17.11
N ARG A 257 -26.61 -10.65 17.14
CA ARG A 257 -27.17 -9.34 17.39
C ARG A 257 -28.35 -9.48 18.34
N GLU A 258 -28.61 -8.43 19.11
CA GLU A 258 -29.59 -8.51 20.17
C GLU A 258 -31.00 -8.60 19.60
N GLY A 259 -31.83 -9.46 20.22
CA GLY A 259 -33.20 -9.62 19.83
C GLY A 259 -33.46 -10.58 18.68
N TYR A 260 -32.43 -11.20 18.13
CA TYR A 260 -32.56 -12.07 16.98
C TYR A 260 -31.90 -13.41 17.25
N LYS A 261 -32.56 -14.48 16.82
CA LYS A 261 -32.06 -15.84 16.95
C LYS A 261 -31.59 -16.34 15.58
N THR A 262 -31.25 -17.62 15.52
CA THR A 262 -30.72 -18.22 14.30
C THR A 262 -31.73 -18.11 13.16
N GLN A 263 -31.23 -17.78 11.97
CA GLN A 263 -32.07 -17.63 10.79
C GLN A 263 -31.96 -18.90 9.95
N ASN A 264 -32.66 -19.94 10.40
CA ASN A 264 -32.68 -21.20 9.65
C ASN A 264 -33.31 -21.03 8.28
N GLN A 265 -34.58 -20.66 8.24
CA GLN A 265 -35.35 -20.62 7.00
C GLN A 265 -35.20 -19.28 6.28
N GLY A 266 -33.97 -18.88 6.00
CA GLY A 266 -33.72 -17.66 5.27
C GLY A 266 -33.69 -17.90 3.78
N PRO A 267 -33.39 -16.87 3.00
CA PRO A 267 -33.24 -17.01 1.55
C PRO A 267 -31.86 -17.55 1.17
N TRP A 268 -31.52 -18.72 1.72
CA TRP A 268 -30.18 -19.27 1.57
C TRP A 268 -29.98 -20.00 0.26
N ASP A 269 -31.02 -20.14 -0.56
CA ASP A 269 -30.91 -20.81 -1.84
C ASP A 269 -30.69 -19.84 -3.00
N GLU A 270 -30.73 -18.53 -2.75
CA GLU A 270 -30.53 -17.55 -3.79
C GLU A 270 -29.04 -17.25 -3.93
N ASN A 271 -28.72 -16.28 -4.78
CA ASN A 271 -27.33 -15.93 -5.09
C ASN A 271 -27.13 -14.43 -4.94
N GLY A 272 -25.88 -14.04 -4.71
CA GLY A 272 -25.55 -12.64 -4.50
C GLY A 272 -26.12 -12.08 -3.23
N ILE A 273 -26.07 -12.84 -2.14
CA ILE A 273 -26.69 -12.43 -0.88
C ILE A 273 -25.80 -11.39 -0.20
N VAL A 274 -26.43 -10.39 0.40
CA VAL A 274 -25.76 -9.43 1.28
C VAL A 274 -26.64 -9.28 2.52
N LEU A 275 -26.07 -9.51 3.68
CA LEU A 275 -26.81 -9.44 4.94
C LEU A 275 -26.50 -8.10 5.59
N ASP A 276 -27.53 -7.27 5.74
CA ASP A 276 -27.41 -5.94 6.29
C ASP A 276 -28.51 -5.71 7.31
N PHE A 277 -28.42 -4.59 8.03
CA PHE A 277 -29.41 -4.19 9.01
C PHE A 277 -29.90 -2.79 8.64
N ASP A 278 -31.00 -2.73 7.90
CA ASP A 278 -31.51 -1.48 7.35
C ASP A 278 -32.97 -1.68 7.00
N TYR A 279 -33.59 -0.63 6.45
CA TYR A 279 -34.97 -0.69 6.00
C TYR A 279 -35.00 -1.00 4.50
N CYS A 280 -35.71 -2.06 4.14
CA CYS A 280 -35.97 -2.29 2.73
C CYS A 280 -36.81 -1.15 2.18
N PRO A 281 -36.52 -0.65 0.99
CA PRO A 281 -37.17 0.57 0.51
C PRO A 281 -38.70 0.45 0.48
N GLY A 282 -39.36 1.49 0.97
CA GLY A 282 -40.79 1.59 0.90
C GLY A 282 -41.58 0.85 1.95
N THR A 283 -40.92 0.21 2.92
CA THR A 283 -41.59 -0.61 3.91
C THR A 283 -41.47 0.02 5.30
N LYS A 284 -42.39 -0.38 6.18
CA LYS A 284 -42.48 0.13 7.54
C LYS A 284 -42.63 -1.05 8.50
N VAL A 285 -41.92 -0.98 9.63
CA VAL A 285 -41.92 -2.04 10.63
C VAL A 285 -42.35 -1.46 11.96
N THR A 286 -43.24 -2.17 12.65
CA THR A 286 -43.71 -1.79 13.97
C THR A 286 -43.36 -2.87 14.99
N ILE A 287 -43.16 -2.45 16.23
CA ILE A 287 -42.73 -3.35 17.30
C ILE A 287 -43.89 -3.75 18.21
N THR A 288 -45.13 -3.67 17.71
CA THR A 288 -46.28 -4.06 18.52
C THR A 288 -46.23 -5.55 18.86
N GLU A 289 -46.87 -5.91 19.96
CA GLU A 289 -46.85 -7.28 20.46
C GLU A 289 -48.00 -8.13 19.95
N ASP A 290 -48.85 -7.58 19.07
CA ASP A 290 -49.97 -8.32 18.51
C ASP A 290 -49.60 -9.13 17.28
N CYS A 291 -48.31 -9.26 16.99
CA CYS A 291 -47.86 -9.96 15.79
C CYS A 291 -48.05 -11.47 15.98
N GLY A 292 -47.63 -12.22 14.97
CA GLY A 292 -47.71 -13.67 15.03
C GLY A 292 -46.46 -14.29 15.63
N LYS A 293 -45.97 -15.35 14.98
CA LYS A 293 -44.74 -16.02 15.41
C LYS A 293 -43.79 -16.10 14.23
N ARG A 294 -42.50 -16.19 14.54
CA ARG A 294 -41.47 -16.16 13.51
C ARG A 294 -41.56 -17.39 12.62
N GLY A 295 -41.42 -17.17 11.31
CA GLY A 295 -41.44 -18.24 10.35
C GLY A 295 -40.45 -18.00 9.23
N PRO A 296 -40.62 -18.67 8.10
CA PRO A 296 -39.68 -18.50 6.98
C PRO A 296 -39.73 -17.07 6.43
N SER A 297 -38.64 -16.70 5.76
CA SER A 297 -38.53 -15.36 5.21
C SER A 297 -39.62 -15.10 4.18
N VAL A 298 -40.11 -13.87 4.16
CA VAL A 298 -41.16 -13.44 3.22
C VAL A 298 -40.63 -12.26 2.43
N ARG A 299 -40.61 -12.41 1.11
CA ARG A 299 -40.17 -11.32 0.24
C ARG A 299 -41.21 -10.20 0.22
N THR A 300 -40.72 -8.97 0.10
CA THR A 300 -41.62 -7.81 0.09
C THR A 300 -42.56 -7.85 -1.11
N THR A 301 -42.04 -8.20 -2.30
CA THR A 301 -42.84 -8.17 -3.51
C THR A 301 -43.63 -9.45 -3.67
N THR A 302 -44.88 -9.32 -4.09
CA THR A 302 -45.75 -10.45 -4.37
C THR A 302 -45.59 -10.87 -5.83
N ASP A 303 -46.49 -11.73 -6.31
CA ASP A 303 -46.42 -12.18 -7.70
C ASP A 303 -46.61 -11.01 -8.67
N SER A 304 -47.50 -10.08 -8.32
CA SER A 304 -47.75 -8.90 -9.15
C SER A 304 -46.76 -7.77 -8.91
N GLY A 305 -45.75 -7.99 -8.06
CA GLY A 305 -44.79 -6.96 -7.76
C GLY A 305 -45.35 -5.79 -6.98
N LYS A 306 -46.25 -6.05 -6.04
CA LYS A 306 -46.84 -5.03 -5.18
C LYS A 306 -46.10 -5.03 -3.84
N LEU A 307 -45.53 -3.88 -3.48
CA LEU A 307 -44.79 -3.77 -2.23
C LEU A 307 -45.72 -3.93 -1.05
N ILE A 308 -45.34 -4.80 -0.11
CA ILE A 308 -46.04 -4.89 1.17
C ILE A 308 -45.44 -3.83 2.10
N THR A 309 -46.26 -2.89 2.54
CA THR A 309 -45.79 -1.73 3.28
C THR A 309 -46.25 -1.74 4.73
N ASP A 310 -46.62 -2.91 5.25
CA ASP A 310 -47.03 -3.06 6.65
C ASP A 310 -46.43 -4.35 7.18
N TRP A 311 -45.48 -4.24 8.11
CA TRP A 311 -44.80 -5.39 8.68
C TRP A 311 -44.91 -5.35 10.20
N CYS A 312 -45.00 -6.54 10.79
CA CYS A 312 -45.22 -6.71 12.22
C CYS A 312 -44.10 -7.56 12.80
N CYS A 313 -43.48 -7.08 13.87
CA CYS A 313 -42.46 -7.85 14.58
C CYS A 313 -42.73 -7.80 16.08
N ARG A 314 -42.31 -8.87 16.77
CA ARG A 314 -42.61 -9.03 18.19
C ARG A 314 -41.54 -8.38 19.06
N SER A 315 -40.28 -8.81 18.93
CA SER A 315 -39.21 -8.36 19.81
C SER A 315 -37.95 -8.02 18.99
N CYS A 316 -38.13 -7.26 17.92
CA CYS A 316 -37.00 -6.88 17.08
C CYS A 316 -36.18 -5.78 17.75
N SER A 317 -35.18 -5.30 17.00
CA SER A 317 -34.36 -4.16 17.40
C SER A 317 -34.06 -3.38 16.12
N LEU A 318 -34.83 -2.33 15.87
CA LEU A 318 -34.73 -1.62 14.60
C LEU A 318 -33.36 -0.97 14.48
N PRO A 319 -32.75 -0.97 13.28
CA PRO A 319 -33.26 -1.50 12.01
C PRO A 319 -33.24 -3.02 11.96
N PRO A 320 -34.10 -3.63 11.14
CA PRO A 320 -34.19 -5.10 11.11
C PRO A 320 -33.23 -5.72 10.11
N LEU A 321 -33.25 -7.05 10.00
CA LEU A 321 -32.43 -7.73 9.01
C LEU A 321 -32.91 -7.40 7.61
N ARG A 322 -31.99 -7.45 6.65
CA ARG A 322 -32.33 -7.16 5.26
C ARG A 322 -31.45 -8.04 4.37
N PHE A 323 -32.00 -9.19 3.96
CA PHE A 323 -31.35 -10.01 2.94
C PHE A 323 -31.59 -9.36 1.59
N ARG A 324 -30.52 -8.94 0.92
CA ARG A 324 -30.62 -8.26 -0.36
C ARG A 324 -29.96 -9.14 -1.42
N THR A 325 -30.73 -10.08 -1.95
CA THR A 325 -30.29 -10.93 -3.05
C THR A 325 -30.59 -10.22 -4.37
N GLU A 326 -30.48 -10.95 -5.48
CA GLU A 326 -30.82 -10.38 -6.78
C GLU A 326 -32.33 -10.15 -6.93
N ASN A 327 -33.14 -10.67 -6.03
CA ASN A 327 -34.57 -10.43 -6.04
C ASN A 327 -34.97 -9.17 -5.26
N GLY A 328 -34.04 -8.57 -4.52
CA GLY A 328 -34.23 -7.23 -4.00
C GLY A 328 -34.39 -7.08 -2.50
N CYS A 329 -35.21 -7.91 -1.87
CA CYS A 329 -35.50 -7.72 -0.46
C CYS A 329 -36.06 -9.00 0.16
N TRP A 330 -35.54 -9.36 1.32
CA TRP A 330 -36.15 -10.35 2.19
C TRP A 330 -35.97 -9.88 3.63
N TYR A 331 -36.80 -10.42 4.52
CA TYR A 331 -36.74 -10.08 5.93
C TYR A 331 -36.48 -11.33 6.76
N GLY A 332 -36.11 -11.11 8.02
CA GLY A 332 -35.78 -12.19 8.92
C GLY A 332 -37.02 -12.95 9.39
N MET A 333 -36.77 -13.95 10.23
CA MET A 333 -37.86 -14.78 10.73
C MET A 333 -38.85 -13.96 11.56
N GLU A 334 -38.34 -13.05 12.39
CA GLU A 334 -39.16 -12.36 13.38
C GLU A 334 -40.12 -11.34 12.76
N ILE A 335 -39.99 -11.04 11.47
CA ILE A 335 -40.81 -10.03 10.81
C ILE A 335 -41.90 -10.72 10.02
N ARG A 336 -43.15 -10.36 10.29
CA ARG A 336 -44.30 -10.94 9.61
C ARG A 336 -45.16 -9.82 9.03
N PRO A 337 -45.85 -10.08 7.92
CA PRO A 337 -46.74 -9.07 7.36
C PRO A 337 -47.98 -8.86 8.22
N VAL A 338 -48.63 -7.72 8.02
CA VAL A 338 -49.78 -7.31 8.80
C VAL A 338 -51.05 -7.53 7.98
N ARG A 339 -52.13 -7.89 8.70
CA ARG A 339 -53.49 -8.06 8.17
C ARG A 339 -53.50 -8.62 6.75
N HIS A 340 -52.68 -9.66 6.54
CA HIS A 340 -52.57 -10.30 5.24
C HIS A 340 -52.90 -11.79 5.38
N ASP A 341 -52.78 -12.51 4.27
CA ASP A 341 -53.06 -13.93 4.21
C ASP A 341 -52.00 -14.62 3.35
N GLU A 342 -51.89 -15.94 3.52
CA GLU A 342 -50.94 -16.71 2.74
C GLU A 342 -51.44 -16.84 1.29
N THR A 343 -51.11 -15.87 0.45
CA THR A 343 -51.64 -15.83 -0.91
C THR A 343 -50.73 -14.99 -1.78
N THR A 344 -50.21 -15.58 -2.86
CA THR A 344 -49.38 -14.91 -3.85
C THR A 344 -48.13 -14.27 -3.26
N LEU A 345 -47.75 -14.65 -2.04
CA LEU A 345 -46.53 -14.17 -1.41
C LEU A 345 -45.49 -15.29 -1.36
N VAL A 346 -44.23 -14.91 -1.50
CA VAL A 346 -43.14 -15.85 -1.73
C VAL A 346 -42.37 -16.04 -0.43
N ARG A 347 -42.23 -17.29 0.00
CA ARG A 347 -41.51 -17.64 1.22
C ARG A 347 -40.39 -18.62 0.90
N SER A 348 -39.32 -18.53 1.68
CA SER A 348 -38.18 -19.42 1.50
C SER A 348 -38.55 -20.86 1.83
N GLN A 349 -38.08 -21.80 1.01
CA GLN A 349 -38.30 -23.21 1.22
C GLN A 349 -37.07 -23.93 1.77
N VAL A 350 -36.07 -23.18 2.23
CA VAL A 350 -34.84 -23.75 2.76
C VAL A 350 -34.99 -23.93 4.26
N ASP A 351 -34.36 -24.98 4.79
CA ASP A 351 -34.29 -25.22 6.23
C ASP A 351 -32.90 -25.77 6.53
N ALA A 352 -31.98 -24.88 6.89
CA ALA A 352 -30.60 -25.28 7.15
C ALA A 352 -30.44 -25.74 8.59
N ASP B 1 0.73 15.64 -2.22
CA ASP B 1 1.88 16.30 -1.60
C ASP B 1 2.81 15.30 -0.92
N THR B 2 2.29 14.56 0.06
CA THR B 2 3.05 13.59 0.82
C THR B 2 2.68 12.18 0.37
N GLY B 3 3.71 11.33 0.22
CA GLY B 3 3.50 9.98 -0.23
C GLY B 3 4.31 9.00 0.58
N CYS B 4 3.98 7.72 0.43
CA CYS B 4 4.51 6.71 1.34
C CYS B 4 4.38 5.38 0.62
N ALA B 5 5.51 4.82 0.18
CA ALA B 5 5.48 3.81 -0.87
C ALA B 5 6.62 2.82 -0.70
N ILE B 6 6.58 1.78 -1.53
CA ILE B 6 7.54 0.69 -1.53
C ILE B 6 8.36 0.76 -2.81
N ASP B 7 9.68 0.65 -2.69
CA ASP B 7 10.59 0.64 -3.83
C ASP B 7 11.31 -0.70 -3.89
N ILE B 8 10.98 -1.52 -4.89
CA ILE B 8 11.61 -2.85 -4.99
C ILE B 8 12.98 -2.76 -5.64
N THR B 9 13.21 -1.80 -6.56
CA THR B 9 14.50 -1.73 -7.24
C THR B 9 15.57 -1.16 -6.33
N ARG B 10 15.21 -0.29 -5.39
CA ARG B 10 16.12 0.20 -4.38
C ARG B 10 16.15 -0.68 -3.14
N LYS B 11 15.28 -1.68 -3.07
CA LYS B 11 15.23 -2.62 -1.94
C LYS B 11 15.03 -1.87 -0.62
N GLU B 12 14.11 -0.92 -0.61
CA GLU B 12 13.84 -0.11 0.56
C GLU B 12 12.37 0.26 0.58
N MET B 13 11.91 0.69 1.75
CA MET B 13 10.52 1.09 1.95
C MET B 13 10.55 2.40 2.74
N ARG B 14 10.44 3.52 2.02
CA ARG B 14 10.48 4.84 2.62
C ARG B 14 9.08 5.44 2.63
N CYS B 15 8.95 6.55 3.35
CA CYS B 15 7.63 7.14 3.54
C CYS B 15 7.86 8.64 3.78
N GLY B 16 7.72 9.44 2.72
CA GLY B 16 8.11 10.83 2.77
C GLY B 16 7.28 11.83 2.00
N SER B 17 7.93 12.73 1.26
CA SER B 17 7.25 13.79 0.53
C SER B 17 7.77 13.85 -0.91
N GLY B 18 6.87 14.21 -1.83
CA GLY B 18 7.23 14.30 -3.23
C GLY B 18 6.04 14.35 -4.16
N ILE B 19 6.16 13.70 -5.31
CA ILE B 19 5.10 13.65 -6.31
C ILE B 19 4.87 12.19 -6.70
N PHE B 20 3.64 11.71 -6.55
CA PHE B 20 3.28 10.32 -6.80
C PHE B 20 2.33 10.27 -7.99
N VAL B 21 2.73 9.51 -9.02
CA VAL B 21 1.92 9.35 -10.24
C VAL B 21 1.34 7.95 -10.22
N HIS B 22 0.03 7.84 -10.42
CA HIS B 22 -0.70 6.60 -10.23
C HIS B 22 -1.32 6.12 -11.53
N ASN B 23 -1.46 4.81 -11.66
CA ASN B 23 -2.00 4.17 -12.85
C ASN B 23 -3.53 4.13 -12.72
N ASP B 24 -4.21 5.11 -13.31
CA ASP B 24 -5.65 5.20 -13.25
C ASP B 24 -6.36 4.56 -14.42
N VAL B 25 -5.61 3.97 -15.37
CA VAL B 25 -6.23 3.40 -16.56
C VAL B 25 -6.67 1.97 -16.28
N GLU B 26 -5.73 1.11 -15.90
CA GLU B 26 -6.02 -0.29 -15.65
C GLU B 26 -6.72 -0.46 -14.30
N ALA B 27 -7.99 -0.06 -14.29
CA ALA B 27 -8.85 -0.21 -13.13
C ALA B 27 -10.24 -0.63 -13.60
N TRP B 28 -10.94 -1.37 -12.74
CA TRP B 28 -12.25 -1.91 -13.11
C TRP B 28 -13.40 -0.97 -12.82
N VAL B 29 -13.16 0.11 -12.07
CA VAL B 29 -14.15 1.14 -11.81
C VAL B 29 -13.55 2.49 -12.16
N ASP B 30 -14.40 3.51 -12.19
CA ASP B 30 -13.99 4.87 -12.48
C ASP B 30 -14.01 5.70 -11.21
N ARG B 31 -12.90 6.36 -10.92
CA ARG B 31 -12.79 7.20 -9.74
C ARG B 31 -13.17 8.64 -10.00
N TYR B 32 -13.01 9.11 -11.23
CA TYR B 32 -13.27 10.51 -11.59
C TYR B 32 -14.49 10.59 -12.48
N LYS B 33 -15.43 11.46 -12.10
CA LYS B 33 -16.64 11.70 -12.87
C LYS B 33 -16.67 13.18 -13.26
N TYR B 34 -16.70 13.43 -14.57
CA TYR B 34 -16.75 14.80 -15.06
C TYR B 34 -18.06 15.46 -14.64
N LEU B 35 -17.96 16.70 -14.16
CA LEU B 35 -19.13 17.48 -13.75
C LEU B 35 -19.05 18.84 -14.43
N PRO B 36 -20.10 19.26 -15.12
CA PRO B 36 -20.10 20.56 -15.78
C PRO B 36 -20.37 21.67 -14.76
N GLU B 37 -20.47 22.89 -15.27
CA GLU B 37 -20.83 24.04 -14.44
C GLU B 37 -22.33 24.02 -14.21
N THR B 38 -22.88 25.11 -13.69
CA THR B 38 -24.31 25.18 -13.47
C THR B 38 -25.05 25.06 -14.81
N PRO B 39 -26.03 24.17 -14.92
CA PRO B 39 -26.70 23.97 -16.22
C PRO B 39 -27.45 25.21 -16.71
N ARG B 40 -27.73 26.17 -15.83
CA ARG B 40 -28.42 27.38 -16.25
C ARG B 40 -27.63 28.15 -17.30
N SER B 41 -26.30 28.07 -17.24
CA SER B 41 -25.48 28.73 -18.26
C SER B 41 -25.38 27.87 -19.51
N LEU B 42 -25.30 26.55 -19.35
CA LEU B 42 -25.26 25.67 -20.52
C LEU B 42 -26.54 25.76 -21.35
N ALA B 43 -27.67 26.13 -20.72
CA ALA B 43 -28.90 26.32 -21.48
C ALA B 43 -28.75 27.42 -22.51
N LYS B 44 -28.31 28.60 -22.08
CA LYS B 44 -28.12 29.70 -23.03
C LYS B 44 -26.96 29.44 -23.97
N ILE B 45 -25.94 28.68 -23.53
CA ILE B 45 -24.85 28.31 -24.43
C ILE B 45 -25.37 27.45 -25.57
N VAL B 46 -26.20 26.45 -25.23
CA VAL B 46 -26.78 25.57 -26.24
C VAL B 46 -27.72 26.37 -27.15
N HIS B 47 -28.46 27.32 -26.58
CA HIS B 47 -29.33 28.17 -27.39
C HIS B 47 -28.52 28.97 -28.40
N LYS B 48 -27.42 29.57 -27.97
CA LYS B 48 -26.57 30.33 -28.88
C LYS B 48 -25.98 29.43 -29.95
N ALA B 49 -25.54 28.23 -29.56
CA ALA B 49 -24.98 27.29 -30.54
C ALA B 49 -26.02 26.89 -31.57
N HIS B 50 -27.26 26.64 -31.13
CA HIS B 50 -28.32 26.26 -32.04
C HIS B 50 -28.69 27.42 -32.97
N LYS B 51 -28.71 28.64 -32.45
CA LYS B 51 -29.00 29.81 -33.28
C LYS B 51 -27.91 30.02 -34.33
N GLU B 52 -26.64 29.85 -33.94
CA GLU B 52 -25.55 30.03 -34.89
C GLU B 52 -25.53 28.91 -35.93
N GLY B 53 -25.89 27.69 -35.54
CA GLY B 53 -25.95 26.59 -36.49
C GLY B 53 -25.17 25.36 -36.08
N VAL B 54 -24.82 25.27 -34.80
CA VAL B 54 -24.12 24.09 -34.28
C VAL B 54 -25.13 22.96 -34.13
N CYS B 55 -24.94 21.90 -34.91
CA CYS B 55 -25.85 20.76 -34.89
C CYS B 55 -25.42 19.65 -33.93
N GLY B 56 -24.32 19.83 -33.22
CA GLY B 56 -23.90 18.82 -32.26
C GLY B 56 -22.53 19.14 -31.71
N VAL B 57 -22.19 18.43 -30.64
CA VAL B 57 -20.88 18.54 -30.00
C VAL B 57 -20.25 17.16 -29.96
N ARG B 58 -19.01 17.06 -30.45
CA ARG B 58 -18.28 15.80 -30.47
C ARG B 58 -17.41 15.71 -29.21
N SER B 59 -17.68 14.71 -28.38
CA SER B 59 -16.93 14.54 -27.15
C SER B 59 -15.48 14.15 -27.45
N VAL B 60 -14.56 14.73 -26.69
CA VAL B 60 -13.14 14.41 -26.86
C VAL B 60 -12.75 13.20 -26.02
N THR B 61 -13.31 13.06 -24.83
CA THR B 61 -13.02 11.94 -23.95
C THR B 61 -14.30 11.17 -23.65
N ARG B 62 -14.14 9.90 -23.27
CA ARG B 62 -15.28 9.09 -22.88
C ARG B 62 -15.98 9.67 -21.66
N LEU B 63 -15.23 10.38 -20.80
CA LEU B 63 -15.83 10.95 -19.61
C LEU B 63 -16.73 12.13 -19.94
N GLU B 64 -16.38 12.93 -20.95
CA GLU B 64 -17.29 13.98 -21.41
C GLU B 64 -18.54 13.38 -22.04
N HIS B 65 -18.39 12.26 -22.77
CA HIS B 65 -19.55 11.57 -23.31
C HIS B 65 -20.46 11.09 -22.19
N GLN B 66 -19.88 10.52 -21.13
CA GLN B 66 -20.67 10.11 -19.97
C GLN B 66 -21.35 11.32 -19.32
N MET B 67 -20.64 12.44 -19.24
CA MET B 67 -21.23 13.65 -18.67
C MET B 67 -22.44 14.11 -19.47
N TRP B 68 -22.31 14.14 -20.80
CA TRP B 68 -23.44 14.51 -21.65
C TRP B 68 -24.60 13.55 -21.48
N GLU B 69 -24.31 12.25 -21.41
CA GLU B 69 -25.37 11.27 -21.22
C GLU B 69 -26.08 11.47 -19.88
N ALA B 70 -25.33 11.85 -18.85
CA ALA B 70 -25.93 12.07 -17.55
C ALA B 70 -26.71 13.38 -17.47
N VAL B 71 -26.30 14.40 -18.21
CA VAL B 71 -26.92 15.72 -18.08
C VAL B 71 -27.97 15.99 -19.15
N ARG B 72 -28.15 15.06 -20.11
CA ARG B 72 -29.15 15.28 -21.15
C ARG B 72 -30.54 15.47 -20.57
N ASP B 73 -30.95 14.60 -19.64
CA ASP B 73 -32.29 14.68 -19.08
C ASP B 73 -32.48 15.97 -18.28
N GLU B 74 -31.49 16.34 -17.46
CA GLU B 74 -31.59 17.57 -16.67
C GLU B 74 -31.65 18.80 -17.56
N LEU B 75 -30.84 18.82 -18.62
CA LEU B 75 -30.87 19.95 -19.55
C LEU B 75 -32.21 20.03 -20.26
N ASN B 76 -32.76 18.90 -20.69
CA ASN B 76 -34.05 18.90 -21.35
C ASN B 76 -35.15 19.39 -20.40
N VAL B 77 -35.11 18.97 -19.14
CA VAL B 77 -36.10 19.42 -18.17
C VAL B 77 -35.99 20.91 -17.94
N LEU B 78 -34.76 21.41 -17.78
CA LEU B 78 -34.56 22.84 -17.50
C LEU B 78 -34.85 23.72 -18.71
N LEU B 79 -34.74 23.17 -19.93
CA LEU B 79 -34.95 23.95 -21.13
C LEU B 79 -36.43 24.00 -21.48
N LYS B 80 -36.74 24.51 -22.68
CA LYS B 80 -38.08 24.63 -23.26
C LYS B 80 -38.95 25.66 -22.54
N GLU B 81 -38.44 26.32 -21.50
CA GLU B 81 -39.20 27.41 -20.89
C GLU B 81 -39.17 28.66 -21.79
N ASN B 82 -38.00 28.96 -22.35
CA ASN B 82 -37.84 30.10 -23.24
C ASN B 82 -37.35 29.73 -24.63
N ALA B 83 -36.61 28.63 -24.77
CA ALA B 83 -36.12 28.19 -26.06
C ALA B 83 -37.26 27.57 -26.87
N VAL B 84 -36.91 27.02 -28.04
CA VAL B 84 -37.88 26.40 -28.92
C VAL B 84 -37.61 24.91 -28.97
N ASP B 85 -38.46 24.18 -29.69
CA ASP B 85 -38.31 22.73 -29.78
C ASP B 85 -36.96 22.38 -30.39
N LEU B 86 -36.21 21.51 -29.71
CA LEU B 86 -34.89 21.12 -30.14
C LEU B 86 -34.59 19.72 -29.60
N SER B 87 -33.74 18.99 -30.32
CA SER B 87 -33.41 17.61 -29.98
C SER B 87 -31.94 17.57 -29.55
N VAL B 88 -31.72 17.27 -28.28
CA VAL B 88 -30.38 17.00 -27.74
C VAL B 88 -30.36 15.54 -27.35
N VAL B 89 -29.63 14.73 -28.12
CA VAL B 89 -29.60 13.29 -27.94
C VAL B 89 -28.15 12.85 -27.75
N VAL B 90 -27.93 12.03 -26.72
CA VAL B 90 -26.62 11.44 -26.46
C VAL B 90 -26.66 10.00 -26.97
N ASN B 91 -26.00 9.77 -28.10
CA ASN B 91 -26.00 8.45 -28.73
C ASN B 91 -24.91 7.58 -28.13
N LYS B 92 -24.78 6.36 -28.62
CA LYS B 92 -23.71 5.50 -28.14
C LYS B 92 -22.49 5.61 -29.03
N PRO B 93 -21.29 5.44 -28.48
CA PRO B 93 -20.08 5.56 -29.30
C PRO B 93 -19.97 4.42 -30.30
N VAL B 94 -19.24 4.70 -31.38
CA VAL B 94 -19.03 3.72 -32.44
C VAL B 94 -17.57 3.26 -32.50
N GLY B 95 -16.63 4.06 -32.00
CA GLY B 95 -15.22 3.71 -32.05
C GLY B 95 -14.36 4.83 -31.50
N ARG B 96 -13.30 5.19 -32.21
CA ARG B 96 -12.45 6.28 -31.79
C ARG B 96 -13.20 7.61 -31.91
N TYR B 97 -12.88 8.53 -31.00
CA TYR B 97 -13.51 9.84 -30.98
C TYR B 97 -12.71 10.79 -31.86
N ARG B 98 -13.37 11.35 -32.87
CA ARG B 98 -12.70 12.18 -33.85
C ARG B 98 -12.66 13.64 -33.39
N SER B 99 -11.99 14.47 -34.19
CA SER B 99 -11.82 15.89 -33.90
C SER B 99 -12.63 16.72 -34.88
N ALA B 100 -13.40 17.68 -34.36
CA ALA B 100 -14.18 18.58 -35.18
C ALA B 100 -13.52 19.95 -35.21
N PRO B 101 -13.37 20.56 -36.39
CA PRO B 101 -12.60 21.80 -36.51
C PRO B 101 -13.34 23.06 -36.05
N LYS B 102 -14.46 22.94 -35.37
CA LYS B 102 -15.23 24.09 -34.89
C LYS B 102 -15.31 24.07 -33.38
N ARG B 103 -14.96 25.19 -32.76
CA ARG B 103 -15.09 25.30 -31.31
C ARG B 103 -16.55 25.57 -30.93
N LEU B 104 -16.84 25.36 -29.64
CA LEU B 104 -18.23 25.48 -29.18
C LEU B 104 -18.60 26.93 -28.90
N SER B 105 -17.90 27.58 -27.98
CA SER B 105 -18.22 28.96 -27.63
C SER B 105 -16.96 29.65 -27.11
N MET B 106 -17.14 30.81 -26.49
CA MET B 106 -16.05 31.59 -25.94
C MET B 106 -16.59 32.50 -24.85
N THR B 107 -15.68 33.10 -24.09
CA THR B 107 -16.08 34.01 -23.01
C THR B 107 -16.14 35.45 -23.52
N PHE B 133 -29.12 18.76 -31.24
CA PHE B 133 -27.71 18.40 -31.10
C PHE B 133 -27.46 16.94 -31.44
N VAL B 134 -26.44 16.69 -32.25
CA VAL B 134 -26.05 15.35 -32.65
C VAL B 134 -24.63 15.12 -32.13
N VAL B 135 -24.52 14.53 -30.94
CA VAL B 135 -23.23 14.21 -30.34
C VAL B 135 -22.64 13.01 -31.09
N ASP B 136 -21.40 12.68 -30.79
CA ASP B 136 -20.72 11.58 -31.46
C ASP B 136 -21.53 10.30 -31.36
N GLY B 137 -21.62 9.58 -32.47
CA GLY B 137 -22.48 8.43 -32.61
C GLY B 137 -22.64 8.07 -34.07
N PRO B 138 -23.88 7.88 -34.52
CA PRO B 138 -24.12 7.72 -35.95
C PRO B 138 -23.67 8.95 -36.72
N GLU B 139 -23.09 8.72 -37.90
CA GLU B 139 -22.60 9.81 -38.74
C GLU B 139 -23.68 10.24 -39.74
N THR B 140 -24.84 10.60 -39.18
CA THR B 140 -25.98 10.98 -40.00
C THR B 140 -25.70 12.30 -40.70
N LYS B 141 -26.09 12.38 -41.98
CA LYS B 141 -25.76 13.52 -42.83
C LYS B 141 -26.49 14.80 -42.46
N GLU B 142 -27.52 14.73 -41.61
CA GLU B 142 -28.23 15.94 -41.22
C GLU B 142 -27.33 16.90 -40.45
N CYS B 143 -26.36 16.37 -39.71
CA CYS B 143 -25.41 17.18 -38.96
C CYS B 143 -24.02 17.04 -39.58
N PRO B 144 -23.55 18.00 -40.37
CA PRO B 144 -22.21 17.90 -40.94
C PRO B 144 -21.15 18.02 -39.87
N ASP B 145 -20.13 17.16 -39.97
CA ASP B 145 -19.02 17.19 -39.01
C ASP B 145 -18.21 18.48 -39.09
N GLU B 146 -18.26 19.17 -40.22
CA GLU B 146 -17.52 20.41 -40.39
C GLU B 146 -18.12 21.57 -39.58
N HIS B 147 -19.31 21.39 -39.01
CA HIS B 147 -19.94 22.38 -38.14
C HIS B 147 -20.33 21.74 -36.81
N ARG B 148 -19.42 20.98 -36.24
CA ARG B 148 -19.63 20.32 -34.96
C ARG B 148 -18.62 20.85 -33.95
N ALA B 149 -19.04 20.94 -32.68
CA ALA B 149 -18.17 21.44 -31.63
C ALA B 149 -17.21 20.35 -31.16
N TRP B 150 -16.10 20.79 -30.58
CA TRP B 150 -15.07 19.86 -30.12
C TRP B 150 -14.11 20.58 -29.18
N ASN B 151 -13.87 19.99 -28.00
CA ASN B 151 -12.78 20.38 -27.10
C ASN B 151 -12.89 21.86 -26.71
N SER B 152 -13.97 22.17 -25.98
CA SER B 152 -14.20 23.53 -25.52
C SER B 152 -14.40 23.63 -24.02
N MET B 153 -14.18 22.57 -23.27
CA MET B 153 -14.31 22.57 -21.83
C MET B 153 -12.95 22.37 -21.17
N GLN B 154 -12.73 23.05 -20.06
CA GLN B 154 -11.48 22.98 -19.33
C GLN B 154 -11.75 22.61 -17.87
N ILE B 155 -10.81 21.91 -17.27
CA ILE B 155 -10.94 21.49 -15.87
C ILE B 155 -10.54 22.65 -14.97
N GLU B 156 -11.44 23.02 -14.06
CA GLU B 156 -11.18 24.15 -13.16
C GLU B 156 -10.55 23.70 -11.85
N ASP B 157 -11.23 22.83 -11.10
CA ASP B 157 -10.73 22.37 -9.82
C ASP B 157 -11.42 21.07 -9.46
N PHE B 158 -10.88 20.40 -8.45
CA PHE B 158 -11.37 19.09 -8.02
C PHE B 158 -12.28 19.23 -6.81
N GLY B 159 -13.26 18.33 -6.72
CA GLY B 159 -14.22 18.33 -5.63
C GLY B 159 -14.11 17.06 -4.81
N PHE B 160 -14.40 17.19 -3.51
CA PHE B 160 -14.38 16.05 -2.61
C PHE B 160 -15.60 15.16 -2.85
N GLY B 161 -15.43 13.87 -2.56
CA GLY B 161 -16.53 12.93 -2.64
C GLY B 161 -16.17 11.55 -2.16
N ILE B 162 -17.01 10.96 -1.31
CA ILE B 162 -16.74 9.62 -0.79
C ILE B 162 -16.94 8.57 -1.88
N THR B 163 -18.01 8.70 -2.68
CA THR B 163 -18.28 7.71 -3.71
C THR B 163 -17.42 7.90 -4.95
N SER B 164 -17.08 9.14 -5.30
CA SER B 164 -16.25 9.41 -6.46
C SER B 164 -15.69 10.82 -6.33
N THR B 165 -14.66 11.10 -7.12
CA THR B 165 -14.00 12.39 -7.11
C THR B 165 -14.66 13.32 -8.13
N ARG B 166 -15.17 14.45 -7.66
CA ARG B 166 -15.87 15.38 -8.53
C ARG B 166 -14.86 16.28 -9.24
N VAL B 167 -14.91 16.28 -10.57
CA VAL B 167 -14.03 17.11 -11.38
C VAL B 167 -14.91 18.14 -12.08
N TRP B 168 -14.84 19.39 -11.63
CA TRP B 168 -15.66 20.45 -12.20
C TRP B 168 -15.15 20.82 -13.59
N LEU B 169 -15.96 21.60 -14.31
CA LEU B 169 -15.62 22.00 -15.66
C LEU B 169 -16.11 23.40 -15.93
N LYS B 170 -15.53 24.03 -16.96
CA LYS B 170 -15.89 25.37 -17.38
C LYS B 170 -15.42 25.55 -18.82
N ILE B 171 -16.07 26.48 -19.52
CA ILE B 171 -15.76 26.69 -20.93
C ILE B 171 -14.35 27.25 -21.07
N ARG B 172 -13.71 26.92 -22.19
CA ARG B 172 -12.36 27.38 -22.48
C ARG B 172 -12.41 28.74 -23.17
N GLU B 173 -11.39 29.55 -22.91
CA GLU B 173 -11.35 30.91 -23.44
C GLU B 173 -10.58 31.00 -24.76
N GLU B 174 -9.38 30.43 -24.81
CA GLU B 174 -8.54 30.47 -26.01
C GLU B 174 -8.57 29.10 -26.67
N SER B 175 -8.84 29.08 -27.97
CA SER B 175 -8.98 27.83 -28.71
C SER B 175 -7.61 27.24 -28.99
N THR B 176 -7.39 26.00 -28.54
CA THR B 176 -6.15 25.27 -28.77
C THR B 176 -6.46 23.95 -29.46
N ASP B 177 -5.42 23.15 -29.65
CA ASP B 177 -5.55 21.84 -30.30
C ASP B 177 -4.72 20.81 -29.54
N GLU B 178 -4.79 20.85 -28.21
CA GLU B 178 -4.05 19.92 -27.36
C GLU B 178 -4.96 19.44 -26.24
N CYS B 179 -4.48 18.44 -25.51
CA CYS B 179 -5.26 17.77 -24.49
C CYS B 179 -5.30 18.63 -23.22
N ASP B 180 -6.16 18.24 -22.28
CA ASP B 180 -6.22 18.92 -20.99
C ASP B 180 -4.96 18.66 -20.19
N GLY B 181 -4.36 19.72 -19.65
CA GLY B 181 -3.10 19.60 -18.96
C GLY B 181 -3.18 19.29 -17.49
N ALA B 182 -4.34 19.52 -16.87
CA ALA B 182 -4.48 19.32 -15.43
C ALA B 182 -4.62 17.86 -15.05
N ILE B 183 -4.69 16.95 -16.03
CA ILE B 183 -4.80 15.53 -15.77
C ILE B 183 -3.59 14.73 -16.26
N ILE B 184 -2.68 15.36 -17.00
CA ILE B 184 -1.50 14.66 -17.50
C ILE B 184 -0.55 14.38 -16.35
N GLY B 185 -0.01 13.16 -16.31
CA GLY B 185 1.05 12.85 -15.38
C GLY B 185 2.13 11.99 -16.01
N THR B 186 3.37 12.50 -16.03
CA THR B 186 4.50 11.78 -16.58
C THR B 186 5.63 11.77 -15.57
N ALA B 187 6.44 10.71 -15.59
CA ALA B 187 7.50 10.58 -14.61
C ALA B 187 8.56 9.61 -15.12
N VAL B 188 9.79 9.81 -14.65
CA VAL B 188 10.89 8.86 -14.83
C VAL B 188 11.72 8.87 -13.55
N LYS B 189 11.68 7.76 -12.80
CA LYS B 189 12.33 7.69 -11.50
C LYS B 189 13.69 7.00 -11.58
N GLY B 190 13.72 5.76 -12.04
CA GLY B 190 14.97 5.07 -12.24
C GLY B 190 15.26 4.87 -13.71
N HIS B 191 14.99 3.66 -14.19
CA HIS B 191 15.07 3.35 -15.61
C HIS B 191 13.69 3.17 -16.24
N VAL B 192 12.62 3.45 -15.50
CA VAL B 192 11.25 3.32 -15.97
C VAL B 192 10.68 4.70 -16.24
N ALA B 193 9.99 4.84 -17.37
CA ALA B 193 9.37 6.10 -17.77
C ALA B 193 7.90 5.87 -18.06
N VAL B 194 7.08 6.89 -17.80
CA VAL B 194 5.63 6.80 -17.95
C VAL B 194 5.12 8.08 -18.59
N HIS B 195 4.35 7.94 -19.66
CA HIS B 195 3.50 9.02 -20.18
C HIS B 195 2.06 8.55 -20.06
N SER B 196 1.29 9.18 -19.17
CA SER B 196 -0.04 8.67 -18.90
C SER B 196 -0.97 9.80 -18.48
N ASP B 197 -2.26 9.53 -18.61
CA ASP B 197 -3.34 10.42 -18.19
C ASP B 197 -4.52 9.52 -17.80
N LEU B 198 -5.71 10.11 -17.72
CA LEU B 198 -6.90 9.36 -17.36
C LEU B 198 -7.30 8.33 -18.41
N SER B 199 -6.71 8.37 -19.62
CA SER B 199 -7.07 7.45 -20.69
C SER B 199 -5.91 6.58 -21.15
N TYR B 200 -4.72 7.14 -21.30
CA TYR B 200 -3.57 6.40 -21.82
C TYR B 200 -2.60 6.03 -20.70
N TRP B 201 -1.74 5.06 -21.00
CA TRP B 201 -0.67 4.66 -20.08
C TRP B 201 0.44 4.05 -20.94
N ILE B 202 1.49 4.81 -21.20
CA ILE B 202 2.62 4.36 -22.01
C ILE B 202 3.82 4.17 -21.10
N GLU B 203 4.46 3.02 -21.21
CA GLU B 203 5.60 2.67 -20.39
C GLU B 203 6.86 2.57 -21.23
N SER B 204 8.01 2.81 -20.60
CA SER B 204 9.30 2.64 -21.22
C SER B 204 10.25 1.99 -20.23
N ARG B 205 11.24 1.27 -20.74
CA ARG B 205 12.20 0.58 -19.92
C ARG B 205 13.61 0.82 -20.45
N TYR B 206 14.59 0.36 -19.69
CA TYR B 206 15.99 0.53 -20.05
C TYR B 206 16.74 -0.74 -19.67
N ASN B 207 17.15 -1.50 -20.68
CA ASN B 207 18.05 -2.64 -20.51
C ASN B 207 19.41 -2.38 -21.12
N ASP B 208 19.44 -1.98 -22.39
CA ASP B 208 20.64 -1.42 -23.01
C ASP B 208 20.38 -0.14 -23.78
N THR B 209 19.13 0.16 -24.14
CA THR B 209 18.76 1.36 -24.86
C THR B 209 17.32 1.70 -24.49
N TRP B 210 17.00 2.99 -24.49
CA TRP B 210 15.65 3.43 -24.14
C TRP B 210 14.68 2.98 -25.23
N LYS B 211 13.68 2.19 -24.84
CA LYS B 211 12.70 1.66 -25.78
C LYS B 211 11.36 1.57 -25.09
N LEU B 212 10.30 1.58 -25.89
CA LEU B 212 8.95 1.44 -25.36
C LEU B 212 8.71 0.00 -24.91
N GLU B 213 7.96 -0.15 -23.82
CA GLU B 213 7.65 -1.48 -23.29
C GLU B 213 6.21 -1.89 -23.64
N ARG B 214 5.24 -1.09 -23.23
CA ARG B 214 3.83 -1.44 -23.46
C ARG B 214 2.98 -0.20 -23.28
N ALA B 215 1.94 -0.08 -24.10
CA ALA B 215 0.96 0.99 -24.02
C ALA B 215 -0.42 0.41 -23.83
N VAL B 216 -1.23 1.06 -23.01
CA VAL B 216 -2.58 0.60 -22.68
C VAL B 216 -3.56 1.73 -22.98
N PHE B 217 -4.36 1.55 -24.03
CA PHE B 217 -5.35 2.54 -24.44
C PHE B 217 -6.73 2.04 -24.02
N GLY B 218 -7.37 2.77 -23.12
CA GLY B 218 -8.76 2.50 -22.80
C GLY B 218 -9.75 3.12 -23.75
N GLU B 219 -9.25 3.92 -24.70
CA GLU B 219 -10.04 4.60 -25.72
C GLU B 219 -9.04 5.17 -26.72
N VAL B 220 -9.56 5.89 -27.71
CA VAL B 220 -8.70 6.60 -28.65
C VAL B 220 -9.32 7.98 -28.89
N LYS B 221 -8.64 9.02 -28.41
CA LYS B 221 -8.99 10.40 -28.69
C LYS B 221 -7.94 11.01 -29.62
N SER B 222 -8.26 12.19 -30.14
CA SER B 222 -7.45 12.79 -31.19
C SER B 222 -6.93 14.19 -30.81
N CYS B 223 -6.70 14.43 -29.53
CA CYS B 223 -6.06 15.67 -29.11
C CYS B 223 -4.54 15.52 -29.28
N THR B 224 -3.77 16.46 -28.73
CA THR B 224 -2.32 16.45 -28.84
C THR B 224 -1.71 16.52 -27.46
N TRP B 225 -0.73 15.66 -27.19
CA TRP B 225 -0.05 15.68 -25.91
C TRP B 225 0.66 17.02 -25.74
N PRO B 226 0.52 17.67 -24.59
CA PRO B 226 1.13 19.00 -24.42
C PRO B 226 2.64 18.94 -24.56
N GLU B 227 3.20 20.01 -25.15
CA GLU B 227 4.65 20.08 -25.32
C GLU B 227 5.38 20.14 -23.99
N THR B 228 4.72 20.62 -22.94
CA THR B 228 5.35 20.82 -21.64
C THR B 228 5.21 19.64 -20.70
N HIS B 229 4.57 18.55 -21.12
CA HIS B 229 4.57 17.30 -20.36
C HIS B 229 5.15 16.16 -21.18
N THR B 230 6.11 16.45 -22.05
CA THR B 230 6.86 15.43 -22.78
C THR B 230 8.31 15.50 -22.34
N LEU B 231 8.91 14.34 -22.10
CA LEU B 231 10.29 14.26 -21.63
C LEU B 231 11.17 13.66 -22.73
N TRP B 232 12.35 14.25 -22.91
CA TRP B 232 13.28 13.91 -23.99
C TRP B 232 12.61 14.10 -25.36
N GLY B 233 12.25 15.34 -25.65
CA GLY B 233 11.56 15.65 -26.88
C GLY B 233 12.26 16.69 -27.75
N ASP B 234 13.59 16.64 -27.80
CA ASP B 234 14.38 17.56 -28.59
C ASP B 234 14.99 16.85 -29.79
N GLY B 235 14.95 17.50 -30.95
CA GLY B 235 15.48 16.90 -32.17
C GLY B 235 14.75 15.64 -32.58
N VAL B 236 13.42 15.67 -32.55
CA VAL B 236 12.60 14.50 -32.81
C VAL B 236 11.87 14.68 -34.13
N GLU B 237 11.83 13.61 -34.93
CA GLU B 237 11.12 13.58 -36.19
C GLU B 237 9.80 12.84 -36.01
N GLU B 238 8.71 13.44 -36.48
CA GLU B 238 7.39 12.84 -36.29
C GLU B 238 7.17 11.60 -37.15
N SER B 239 8.10 11.28 -38.05
CA SER B 239 7.96 10.09 -38.88
C SER B 239 8.50 8.82 -38.20
N GLU B 240 9.35 8.97 -37.19
CA GLU B 240 9.94 7.82 -36.52
C GLU B 240 9.28 7.50 -35.18
N LEU B 241 8.11 8.07 -34.92
CA LEU B 241 7.37 7.74 -33.70
C LEU B 241 6.71 6.37 -33.83
N ILE B 242 5.92 6.00 -32.84
CA ILE B 242 5.19 4.74 -32.87
C ILE B 242 3.70 5.04 -32.77
N ILE B 243 3.29 5.69 -31.69
CA ILE B 243 1.93 6.18 -31.57
C ILE B 243 1.85 7.51 -32.32
N PRO B 244 1.05 7.63 -33.36
CA PRO B 244 1.01 8.88 -34.13
C PRO B 244 0.55 10.04 -33.26
N HIS B 245 1.09 11.22 -33.53
CA HIS B 245 0.74 12.40 -32.75
C HIS B 245 -0.69 12.86 -32.99
N THR B 246 -1.37 12.34 -34.01
CA THR B 246 -2.78 12.62 -34.19
C THR B 246 -3.65 11.86 -33.19
N ILE B 247 -3.16 10.73 -32.69
CA ILE B 247 -3.90 9.90 -31.73
C ILE B 247 -3.47 10.30 -30.32
N ALA B 248 -2.89 11.49 -30.20
CA ALA B 248 -2.35 12.00 -28.93
C ALA B 248 -1.27 11.09 -28.38
N GLY B 249 -0.23 10.90 -29.20
CA GLY B 249 0.96 10.24 -28.75
C GLY B 249 2.04 11.27 -28.48
N PRO B 250 2.67 11.21 -27.31
CA PRO B 250 3.65 12.24 -26.94
C PRO B 250 4.79 12.28 -27.95
N LYS B 251 5.19 13.51 -28.30
CA LYS B 251 6.26 13.73 -29.27
C LYS B 251 7.60 13.75 -28.56
N SER B 252 8.04 12.55 -28.17
CA SER B 252 9.26 12.36 -27.41
C SER B 252 10.05 11.21 -28.00
N LYS B 253 11.24 10.98 -27.44
CA LYS B 253 12.09 9.89 -27.86
C LYS B 253 11.89 8.63 -27.03
N HIS B 254 11.11 8.70 -25.95
CA HIS B 254 10.66 7.50 -25.25
C HIS B 254 9.45 6.86 -25.92
N ASN B 255 8.87 7.53 -26.92
CA ASN B 255 7.67 7.05 -27.61
C ASN B 255 8.00 6.22 -28.84
N ARG B 256 9.28 5.93 -29.09
CA ARG B 256 9.69 5.29 -30.32
C ARG B 256 10.37 3.95 -30.02
N ARG B 257 10.35 3.08 -31.03
CA ARG B 257 11.05 1.80 -31.00
C ARG B 257 11.98 1.72 -32.21
N GLU B 258 13.06 0.96 -32.06
CA GLU B 258 14.00 0.79 -33.16
C GLU B 258 13.44 -0.16 -34.21
N GLY B 259 13.70 0.17 -35.47
CA GLY B 259 13.28 -0.66 -36.59
C GLY B 259 11.83 -0.54 -36.99
N TYR B 260 11.02 0.19 -36.23
CA TYR B 260 9.60 0.33 -36.51
C TYR B 260 9.25 1.81 -36.71
N LYS B 261 8.41 2.08 -37.70
CA LYS B 261 7.97 3.43 -38.01
C LYS B 261 6.59 3.67 -37.41
N THR B 262 5.99 4.81 -37.74
CA THR B 262 4.69 5.17 -37.19
C THR B 262 3.63 4.17 -37.61
N GLN B 263 2.82 3.74 -36.64
CA GLN B 263 1.78 2.74 -36.86
C GLN B 263 0.42 3.42 -37.08
N ASN B 264 0.33 4.17 -38.18
CA ASN B 264 -0.90 4.89 -38.47
C ASN B 264 -2.01 3.94 -38.92
N GLN B 265 -1.65 2.86 -39.62
CA GLN B 265 -2.63 1.95 -40.21
C GLN B 265 -2.87 0.72 -39.35
N GLY B 266 -2.83 0.86 -38.03
CA GLY B 266 -3.09 -0.24 -37.14
C GLY B 266 -4.58 -0.40 -36.87
N PRO B 267 -4.93 -1.23 -35.89
CA PRO B 267 -6.34 -1.45 -35.52
C PRO B 267 -6.91 -0.37 -34.61
N TRP B 268 -6.71 0.89 -35.00
CA TRP B 268 -7.13 2.00 -34.17
C TRP B 268 -8.64 2.20 -34.14
N ASP B 269 -9.39 1.52 -35.01
CA ASP B 269 -10.84 1.58 -34.98
C ASP B 269 -11.45 0.66 -33.95
N GLU B 270 -10.69 -0.29 -33.41
CA GLU B 270 -11.22 -1.24 -32.45
C GLU B 270 -11.23 -0.62 -31.05
N ASN B 271 -11.56 -1.43 -30.04
CA ASN B 271 -11.67 -0.95 -28.67
C ASN B 271 -10.81 -1.82 -27.76
N GLY B 272 -10.35 -1.23 -26.67
CA GLY B 272 -9.48 -1.92 -25.74
C GLY B 272 -8.13 -2.28 -26.31
N ILE B 273 -7.50 -1.37 -27.05
CA ILE B 273 -6.22 -1.65 -27.68
C ILE B 273 -5.13 -1.75 -26.62
N VAL B 274 -4.38 -2.84 -26.65
CA VAL B 274 -3.21 -3.01 -25.81
C VAL B 274 -2.01 -3.22 -26.72
N LEU B 275 -0.99 -2.38 -26.56
CA LEU B 275 0.22 -2.46 -27.36
C LEU B 275 1.35 -3.01 -26.50
N ASP B 276 1.97 -4.08 -26.98
CA ASP B 276 3.12 -4.69 -26.30
C ASP B 276 3.92 -5.44 -27.36
N PHE B 277 5.04 -6.02 -26.93
CA PHE B 277 5.92 -6.74 -27.84
C PHE B 277 5.99 -8.20 -27.38
N ASP B 278 5.31 -9.07 -28.12
CA ASP B 278 5.24 -10.49 -27.81
C ASP B 278 4.77 -11.21 -29.07
N TYR B 279 4.45 -12.50 -28.93
CA TYR B 279 3.88 -13.29 -30.01
C TYR B 279 2.40 -13.50 -29.75
N CYS B 280 1.59 -13.38 -30.82
CA CYS B 280 0.20 -13.76 -30.70
C CYS B 280 0.10 -15.25 -30.36
N PRO B 281 -0.89 -15.65 -29.56
CA PRO B 281 -0.92 -17.03 -29.07
C PRO B 281 -0.90 -18.06 -30.20
N GLY B 282 -0.07 -19.08 -30.02
CA GLY B 282 0.04 -20.16 -30.99
C GLY B 282 0.48 -19.72 -32.37
N THR B 283 1.51 -18.88 -32.44
CA THR B 283 1.95 -18.31 -33.70
C THR B 283 3.48 -18.27 -33.75
N LYS B 284 4.02 -18.29 -34.97
CA LYS B 284 5.45 -18.21 -35.20
C LYS B 284 5.74 -17.10 -36.20
N VAL B 285 6.86 -16.41 -36.00
CA VAL B 285 7.31 -15.34 -36.88
C VAL B 285 8.71 -15.68 -37.36
N THR B 286 8.91 -15.63 -38.68
CA THR B 286 10.19 -15.94 -39.30
C THR B 286 10.63 -14.75 -40.15
N ILE B 287 11.83 -14.24 -39.86
CA ILE B 287 12.38 -13.15 -40.65
C ILE B 287 12.76 -13.66 -42.03
N THR B 288 12.52 -12.82 -43.05
CA THR B 288 12.82 -13.16 -44.42
C THR B 288 13.64 -12.05 -45.06
N GLU B 289 14.47 -12.43 -46.04
CA GLU B 289 15.29 -11.44 -46.73
C GLU B 289 14.45 -10.52 -47.60
N ASP B 290 13.38 -11.05 -48.20
CA ASP B 290 12.55 -10.26 -49.11
C ASP B 290 11.11 -10.74 -48.98
N CYS B 291 10.27 -9.92 -48.38
CA CYS B 291 8.83 -10.17 -48.31
C CYS B 291 8.11 -8.82 -48.32
N GLY B 292 6.85 -8.81 -47.89
CA GLY B 292 6.09 -7.59 -47.81
C GLY B 292 6.74 -6.55 -46.93
N LYS B 293 6.84 -5.30 -47.42
CA LYS B 293 7.53 -4.24 -46.71
C LYS B 293 6.62 -3.39 -45.84
N ARG B 294 5.43 -3.04 -46.32
CA ARG B 294 4.53 -2.17 -45.58
C ARG B 294 3.09 -2.51 -45.97
N GLY B 295 2.16 -1.73 -45.44
CA GLY B 295 0.75 -1.90 -45.75
C GLY B 295 -0.13 -1.73 -44.53
N PRO B 296 -1.41 -2.05 -44.67
CA PRO B 296 -2.31 -1.99 -43.52
C PRO B 296 -2.08 -3.16 -42.58
N SER B 297 -2.62 -3.01 -41.36
CA SER B 297 -2.51 -4.06 -40.37
C SER B 297 -3.30 -5.29 -40.82
N VAL B 298 -2.72 -6.47 -40.60
CA VAL B 298 -3.25 -7.73 -41.12
C VAL B 298 -3.83 -8.54 -39.97
N ARG B 299 -5.01 -9.09 -40.19
CA ARG B 299 -5.69 -9.90 -39.19
C ARG B 299 -4.93 -11.17 -38.89
N THR B 300 -5.04 -11.65 -37.65
CA THR B 300 -4.40 -12.90 -37.26
C THR B 300 -5.22 -14.11 -37.69
N THR B 301 -6.46 -14.22 -37.21
CA THR B 301 -7.32 -15.36 -37.50
C THR B 301 -8.47 -14.91 -38.40
N THR B 302 -8.72 -15.68 -39.46
CA THR B 302 -9.76 -15.38 -40.42
C THR B 302 -11.01 -16.25 -40.25
N ASP B 303 -11.04 -17.08 -39.20
CA ASP B 303 -12.19 -17.93 -38.89
C ASP B 303 -12.47 -18.93 -40.01
N SER B 304 -12.89 -18.41 -41.17
CA SER B 304 -13.18 -19.29 -42.31
C SER B 304 -11.96 -20.11 -42.70
N GLY B 305 -10.80 -19.47 -42.79
CA GLY B 305 -9.57 -20.18 -42.97
C GLY B 305 -8.88 -20.49 -41.65
N LYS B 306 -7.90 -21.39 -41.70
CA LYS B 306 -7.19 -21.78 -40.49
C LYS B 306 -6.35 -20.63 -39.96
N LEU B 307 -6.12 -20.67 -38.64
CA LEU B 307 -5.31 -19.65 -37.99
C LEU B 307 -3.94 -19.56 -38.63
N ILE B 308 -3.54 -18.35 -39.02
CA ILE B 308 -2.27 -18.16 -39.70
C ILE B 308 -1.12 -18.51 -38.76
N THR B 309 -0.14 -19.27 -39.27
CA THR B 309 0.96 -19.74 -38.46
C THR B 309 2.34 -19.31 -38.97
N ASP B 310 2.48 -19.04 -40.27
CA ASP B 310 3.75 -18.62 -40.85
C ASP B 310 3.65 -17.17 -41.27
N TRP B 311 4.62 -16.36 -40.83
CA TRP B 311 4.63 -14.93 -41.08
C TRP B 311 6.01 -14.51 -41.57
N CYS B 312 6.04 -13.44 -42.37
CA CYS B 312 7.29 -12.95 -42.93
C CYS B 312 7.47 -11.48 -42.60
N CYS B 313 8.72 -11.05 -42.53
CA CYS B 313 9.07 -9.65 -42.43
C CYS B 313 10.44 -9.44 -43.08
N ARG B 314 10.72 -8.20 -43.44
CA ARG B 314 11.97 -7.86 -44.09
C ARG B 314 12.98 -7.24 -43.13
N SER B 315 12.52 -6.38 -42.23
CA SER B 315 13.40 -5.78 -41.23
C SER B 315 12.55 -5.53 -39.98
N CYS B 316 12.63 -6.46 -39.03
CA CYS B 316 11.83 -6.40 -37.81
C CYS B 316 12.74 -6.70 -36.63
N SER B 317 12.13 -6.89 -35.46
CA SER B 317 12.85 -7.28 -34.26
C SER B 317 11.94 -8.18 -33.43
N LEU B 318 12.57 -8.98 -32.57
CA LEU B 318 11.82 -9.93 -31.77
C LEU B 318 11.95 -9.60 -30.30
N PRO B 319 10.86 -9.73 -29.52
CA PRO B 319 9.51 -10.08 -29.96
C PRO B 319 8.84 -8.96 -30.75
N PRO B 320 8.06 -9.29 -31.77
CA PRO B 320 7.37 -8.27 -32.55
C PRO B 320 6.23 -7.65 -31.74
N LEU B 321 5.79 -6.49 -32.21
CA LEU B 321 4.68 -5.80 -31.56
C LEU B 321 3.36 -6.48 -31.93
N ARG B 322 2.40 -6.42 -31.01
CA ARG B 322 1.07 -6.97 -31.25
C ARG B 322 0.04 -6.11 -30.57
N PHE B 323 -1.09 -5.92 -31.24
CA PHE B 323 -2.24 -5.20 -30.68
C PHE B 323 -3.24 -6.23 -30.20
N ARG B 324 -3.40 -6.35 -28.88
CA ARG B 324 -4.36 -7.28 -28.31
C ARG B 324 -5.61 -6.51 -27.95
N THR B 325 -6.45 -6.29 -28.94
CA THR B 325 -7.74 -5.64 -28.73
C THR B 325 -8.75 -6.66 -28.21
N GLU B 326 -10.03 -6.28 -28.16
CA GLU B 326 -11.02 -7.14 -27.52
C GLU B 326 -11.35 -8.36 -28.37
N ASN B 327 -11.27 -8.25 -29.69
CA ASN B 327 -11.70 -9.35 -30.57
C ASN B 327 -10.66 -10.45 -30.69
N GLY B 328 -9.42 -10.22 -30.28
CA GLY B 328 -8.38 -11.21 -30.44
C GLY B 328 -6.98 -10.63 -30.43
N CYS B 329 -6.18 -10.97 -31.43
CA CYS B 329 -4.80 -10.53 -31.53
C CYS B 329 -4.56 -9.96 -32.92
N TRP B 330 -3.54 -9.10 -33.02
CA TRP B 330 -3.17 -8.47 -34.28
C TRP B 330 -1.65 -8.37 -34.35
N TYR B 331 -1.15 -7.98 -35.51
CA TYR B 331 0.27 -7.75 -35.73
C TYR B 331 0.47 -6.35 -36.29
N GLY B 332 1.74 -5.98 -36.47
CA GLY B 332 2.11 -4.63 -36.85
C GLY B 332 2.02 -4.40 -38.34
N MET B 333 2.50 -3.23 -38.75
CA MET B 333 2.48 -2.82 -40.14
C MET B 333 3.64 -3.39 -40.96
N GLU B 334 4.55 -4.13 -40.33
CA GLU B 334 5.69 -4.70 -41.03
C GLU B 334 5.76 -6.22 -40.88
N ILE B 335 4.64 -6.85 -40.52
CA ILE B 335 4.57 -8.31 -40.36
C ILE B 335 3.40 -8.79 -41.20
N ARG B 336 3.71 -9.58 -42.23
CA ARG B 336 2.69 -10.10 -43.13
C ARG B 336 2.85 -11.59 -43.31
N PRO B 337 1.78 -12.39 -43.53
CA PRO B 337 1.95 -13.84 -43.62
C PRO B 337 2.52 -14.21 -44.98
N VAL B 338 3.60 -15.01 -44.99
CA VAL B 338 4.17 -15.47 -46.28
C VAL B 338 3.12 -16.31 -47.02
N ASP C 1 -9.68 0.35 6.53
CA ASP C 1 -8.35 0.81 6.14
C ASP C 1 -8.14 0.67 4.64
N THR C 2 -6.94 1.01 4.20
CA THR C 2 -6.52 0.86 2.81
C THR C 2 -5.01 0.81 2.79
N GLY C 3 -4.46 -0.08 1.98
CA GLY C 3 -3.02 -0.19 1.91
C GLY C 3 -2.51 -1.36 1.11
N CYS C 4 -1.25 -1.28 0.68
CA CYS C 4 -0.62 -2.31 -0.12
C CYS C 4 0.33 -3.14 0.74
N ALA C 5 0.62 -4.36 0.31
CA ALA C 5 1.43 -5.25 1.13
C ALA C 5 2.11 -6.31 0.26
N ILE C 6 3.14 -6.92 0.83
CA ILE C 6 3.86 -8.03 0.21
C ILE C 6 3.56 -9.30 1.00
N ASP C 7 3.20 -10.36 0.28
CA ASP C 7 2.86 -11.64 0.90
C ASP C 7 3.90 -12.68 0.54
N ILE C 8 4.72 -13.08 1.52
CA ILE C 8 5.79 -14.04 1.26
C ILE C 8 5.22 -15.41 0.92
N THR C 9 4.27 -15.89 1.73
CA THR C 9 3.76 -17.25 1.55
C THR C 9 2.77 -17.38 0.42
N ARG C 10 2.19 -16.27 -0.05
CA ARG C 10 1.28 -16.29 -1.18
C ARG C 10 1.95 -15.90 -2.49
N LYS C 11 3.21 -15.45 -2.44
CA LYS C 11 3.95 -15.01 -3.63
C LYS C 11 3.16 -13.94 -4.38
N GLU C 12 2.95 -12.82 -3.70
CA GLU C 12 2.11 -11.75 -4.19
C GLU C 12 2.67 -10.41 -3.75
N MET C 13 2.23 -9.36 -4.43
CA MET C 13 2.44 -7.98 -3.99
C MET C 13 1.11 -7.28 -4.26
N ARG C 14 0.23 -7.32 -3.27
CA ARG C 14 -1.16 -6.93 -3.43
C ARG C 14 -1.33 -5.48 -3.02
N CYS C 15 -2.59 -5.02 -3.03
CA CYS C 15 -2.93 -3.73 -2.48
C CYS C 15 -4.45 -3.63 -2.49
N GLY C 16 -5.03 -3.08 -1.43
CA GLY C 16 -6.47 -3.03 -1.32
C GLY C 16 -7.01 -2.59 0.02
N SER C 17 -8.08 -3.24 0.49
CA SER C 17 -8.79 -2.82 1.69
C SER C 17 -8.98 -4.00 2.63
N GLY C 18 -8.82 -3.76 3.92
CA GLY C 18 -9.00 -4.79 4.93
C GLY C 18 -8.54 -4.38 6.31
N ILE C 19 -7.77 -5.24 6.98
CA ILE C 19 -7.22 -4.96 8.30
C ILE C 19 -5.72 -5.24 8.26
N PHE C 20 -4.91 -4.27 8.69
CA PHE C 20 -3.47 -4.43 8.80
C PHE C 20 -3.08 -4.26 10.26
N VAL C 21 -2.39 -5.26 10.81
CA VAL C 21 -1.91 -5.22 12.19
C VAL C 21 -0.40 -5.08 12.14
N HIS C 22 0.11 -4.01 12.74
CA HIS C 22 1.53 -3.69 12.70
C HIS C 22 2.26 -4.22 13.93
N ASN C 23 3.58 -4.18 13.87
CA ASN C 23 4.46 -4.63 14.95
C ASN C 23 5.17 -3.40 15.49
N ASP C 24 4.60 -2.83 16.56
CA ASP C 24 5.11 -1.59 17.14
C ASP C 24 5.94 -1.82 18.40
N VAL C 25 6.33 -3.06 18.66
CA VAL C 25 7.10 -3.39 19.87
C VAL C 25 8.59 -3.44 19.58
N GLU C 26 8.98 -4.06 18.46
CA GLU C 26 10.39 -4.12 18.08
C GLU C 26 10.73 -2.92 17.19
N ALA C 27 10.68 -1.74 17.82
CA ALA C 27 11.00 -0.48 17.16
C ALA C 27 11.85 0.36 18.08
N TRP C 28 12.66 1.23 17.48
CA TRP C 28 13.62 2.03 18.25
C TRP C 28 13.04 3.37 18.70
N VAL C 29 12.29 4.04 17.84
CA VAL C 29 11.70 5.34 18.16
C VAL C 29 10.25 5.12 18.53
N ASP C 30 9.81 5.77 19.62
CA ASP C 30 8.43 5.62 20.07
C ASP C 30 7.49 6.28 19.06
N ARG C 31 6.43 5.55 18.71
CA ARG C 31 5.49 6.00 17.70
C ARG C 31 4.31 6.77 18.27
N TYR C 32 3.91 6.48 19.50
CA TYR C 32 2.72 7.07 20.10
C TYR C 32 3.11 7.90 21.31
N LYS C 33 2.15 8.68 21.80
CA LYS C 33 2.37 9.58 22.93
C LYS C 33 1.06 9.78 23.66
N TYR C 34 0.93 9.16 24.84
CA TYR C 34 -0.25 9.36 25.65
C TYR C 34 -0.34 10.80 26.14
N LEU C 35 -1.55 11.35 26.12
CA LEU C 35 -1.79 12.70 26.62
C LEU C 35 -3.13 12.73 27.32
N PRO C 36 -3.25 13.44 28.43
CA PRO C 36 -4.53 13.54 29.14
C PRO C 36 -5.48 14.47 28.41
N GLU C 37 -6.73 14.50 28.90
CA GLU C 37 -7.74 15.36 28.30
C GLU C 37 -7.35 16.83 28.40
N THR C 38 -6.91 17.25 29.58
CA THR C 38 -6.40 18.61 29.82
C THR C 38 -5.73 18.65 31.18
N PRO C 39 -4.52 19.21 31.29
CA PRO C 39 -3.84 19.27 32.59
C PRO C 39 -4.63 20.04 33.64
N ARG C 40 -5.54 20.93 33.25
CA ARG C 40 -6.35 21.64 34.23
C ARG C 40 -7.32 20.70 34.93
N SER C 41 -7.84 19.69 34.22
CA SER C 41 -8.79 18.77 34.83
C SER C 41 -8.08 17.76 35.74
N LEU C 42 -6.89 17.31 35.34
CA LEU C 42 -6.15 16.36 36.17
C LEU C 42 -5.79 16.95 37.52
N ALA C 43 -5.66 18.27 37.62
CA ALA C 43 -5.43 18.90 38.91
C ALA C 43 -6.60 18.67 39.85
N LYS C 44 -7.83 18.89 39.36
CA LYS C 44 -9.01 18.60 40.15
C LYS C 44 -9.11 17.11 40.47
N ILE C 45 -8.76 16.27 39.49
CA ILE C 45 -8.81 14.82 39.70
C ILE C 45 -7.91 14.42 40.86
N VAL C 46 -6.66 14.87 40.84
CA VAL C 46 -5.70 14.48 41.86
C VAL C 46 -6.07 15.12 43.20
N HIS C 47 -6.58 16.35 43.20
CA HIS C 47 -6.98 16.97 44.45
C HIS C 47 -8.10 16.18 45.12
N LYS C 48 -9.13 15.82 44.35
CA LYS C 48 -10.22 15.04 44.92
C LYS C 48 -9.75 13.66 45.37
N ALA C 49 -8.88 13.02 44.57
CA ALA C 49 -8.40 11.69 44.92
C ALA C 49 -7.62 11.72 46.23
N HIS C 50 -6.70 12.68 46.38
CA HIS C 50 -5.96 12.80 47.63
C HIS C 50 -6.87 13.20 48.78
N LYS C 51 -7.92 13.99 48.49
CA LYS C 51 -8.87 14.37 49.52
C LYS C 51 -9.58 13.15 50.10
N GLU C 52 -10.03 12.23 49.25
CA GLU C 52 -10.85 11.13 49.75
C GLU C 52 -10.03 10.00 50.35
N GLY C 53 -9.30 9.25 49.51
CA GLY C 53 -8.58 8.11 50.02
C GLY C 53 -7.29 7.69 49.35
N VAL C 54 -6.79 8.47 48.39
CA VAL C 54 -5.74 8.01 47.48
C VAL C 54 -4.44 8.74 47.83
N CYS C 55 -3.40 7.97 48.13
CA CYS C 55 -2.08 8.52 48.38
C CYS C 55 -1.14 8.43 47.17
N GLY C 56 -1.54 7.75 46.11
CA GLY C 56 -0.67 7.64 44.94
C GLY C 56 -1.36 6.83 43.85
N VAL C 57 -0.70 6.79 42.70
CA VAL C 57 -1.19 6.07 41.54
C VAL C 57 -0.08 5.15 41.05
N ARG C 58 -0.47 4.11 40.33
CA ARG C 58 0.45 3.12 39.80
C ARG C 58 0.14 2.91 38.32
N SER C 59 1.10 3.16 37.46
CA SER C 59 0.88 3.04 36.03
C SER C 59 0.62 1.59 35.64
N VAL C 60 -0.08 1.41 34.52
CA VAL C 60 -0.36 0.08 33.99
C VAL C 60 0.54 -0.15 32.78
N THR C 61 0.94 0.93 32.12
CA THR C 61 1.76 0.86 30.92
C THR C 61 2.94 1.82 31.08
N ARG C 62 4.03 1.52 30.38
CA ARG C 62 5.19 2.41 30.39
C ARG C 62 4.84 3.78 29.83
N LEU C 63 3.99 3.81 28.80
CA LEU C 63 3.58 5.09 28.22
C LEU C 63 2.78 5.93 29.20
N GLU C 64 2.01 5.28 30.08
CA GLU C 64 1.30 6.02 31.12
C GLU C 64 2.28 6.65 32.11
N HIS C 65 3.34 5.91 32.46
CA HIS C 65 4.38 6.47 33.32
C HIS C 65 5.05 7.66 32.65
N GLN C 66 5.34 7.54 31.35
CA GLN C 66 5.96 8.65 30.63
C GLN C 66 5.04 9.86 30.57
N MET C 67 3.74 9.63 30.39
CA MET C 67 2.78 10.73 30.40
C MET C 67 2.77 11.44 31.75
N TRP C 68 2.74 10.67 32.84
CA TRP C 68 2.78 11.28 34.17
C TRP C 68 4.05 12.08 34.36
N GLU C 69 5.19 11.54 33.95
CA GLU C 69 6.46 12.24 34.09
C GLU C 69 6.46 13.54 33.28
N ALA C 70 5.89 13.51 32.08
CA ALA C 70 5.87 14.70 31.23
C ALA C 70 4.96 15.78 31.79
N VAL C 71 3.80 15.41 32.33
CA VAL C 71 2.83 16.41 32.80
C VAL C 71 2.98 16.75 34.27
N ARG C 72 3.95 16.15 34.96
CA ARG C 72 4.18 16.46 36.37
C ARG C 72 4.34 17.97 36.60
N ASP C 73 5.19 18.61 35.81
CA ASP C 73 5.49 20.02 36.06
C ASP C 73 4.27 20.90 35.88
N GLU C 74 3.51 20.67 34.80
CA GLU C 74 2.32 21.48 34.56
C GLU C 74 1.27 21.25 35.65
N LEU C 75 1.06 19.99 36.06
CA LEU C 75 0.11 19.73 37.13
C LEU C 75 0.54 20.42 38.42
N ASN C 76 1.83 20.34 38.76
CA ASN C 76 2.31 20.95 39.99
C ASN C 76 2.15 22.46 39.94
N VAL C 77 2.46 23.07 38.80
CA VAL C 77 2.30 24.53 38.67
C VAL C 77 0.85 24.93 38.81
N LEU C 78 -0.06 24.18 38.18
CA LEU C 78 -1.48 24.50 38.28
C LEU C 78 -1.99 24.37 39.71
N LEU C 79 -1.61 23.29 40.41
CA LEU C 79 -2.10 23.10 41.77
C LEU C 79 -1.46 24.10 42.74
N LYS C 80 -0.24 24.54 42.45
CA LYS C 80 0.35 25.63 43.25
C LYS C 80 -0.39 26.94 42.99
N GLU C 81 -0.78 27.18 41.75
CA GLU C 81 -1.56 28.38 41.42
C GLU C 81 -2.90 28.37 42.15
N ASN C 82 -3.54 27.21 42.21
CA ASN C 82 -4.82 27.11 42.91
C ASN C 82 -4.70 27.21 44.44
N ALA C 83 -3.52 27.54 44.96
CA ALA C 83 -3.28 27.69 46.40
C ALA C 83 -3.64 26.40 47.15
N VAL C 84 -2.98 25.31 46.75
CA VAL C 84 -3.18 24.00 47.32
C VAL C 84 -1.84 23.45 47.77
N ASP C 85 -1.80 22.91 48.99
CA ASP C 85 -0.57 22.31 49.52
C ASP C 85 -0.52 20.86 49.06
N LEU C 86 0.07 20.65 47.90
CA LEU C 86 0.21 19.31 47.33
C LEU C 86 1.43 19.29 46.43
N SER C 87 1.87 18.08 46.07
CA SER C 87 3.00 17.92 45.17
C SER C 87 2.87 16.59 44.45
N VAL C 88 3.33 16.58 43.19
CA VAL C 88 3.34 15.38 42.37
C VAL C 88 4.79 15.02 42.08
N VAL C 89 5.22 13.86 42.57
CA VAL C 89 6.58 13.37 42.36
C VAL C 89 6.50 12.02 41.68
N VAL C 90 7.29 11.84 40.63
CA VAL C 90 7.29 10.62 39.84
C VAL C 90 8.63 9.93 40.05
N ASN C 91 8.60 8.76 40.68
CA ASN C 91 9.79 7.95 40.88
C ASN C 91 10.02 7.08 39.66
N LYS C 92 10.94 6.12 39.76
CA LYS C 92 11.23 5.29 38.60
C LYS C 92 10.79 3.85 38.86
N PRO C 93 10.25 3.17 37.86
CA PRO C 93 9.79 1.79 38.06
C PRO C 93 10.95 0.83 38.27
N VAL C 94 10.69 -0.20 39.07
CA VAL C 94 11.69 -1.22 39.39
C VAL C 94 11.40 -2.52 38.65
N GLY C 95 10.24 -3.12 38.90
CA GLY C 95 9.88 -4.37 38.26
C GLY C 95 8.61 -4.29 37.46
N ARG C 96 7.82 -5.36 37.47
CA ARG C 96 6.56 -5.37 36.75
C ARG C 96 5.55 -4.44 37.43
N TYR C 97 4.56 -4.01 36.66
CA TYR C 97 3.54 -3.08 37.12
C TYR C 97 2.43 -3.86 37.81
N ARG C 98 2.40 -3.81 39.14
CA ARG C 98 1.41 -4.55 39.91
C ARG C 98 0.11 -3.76 40.00
N SER C 99 -0.95 -4.45 40.40
CA SER C 99 -2.29 -3.88 40.43
C SER C 99 -2.59 -3.25 41.79
N ALA C 100 -3.57 -2.35 41.80
CA ALA C 100 -3.99 -1.63 42.99
C ALA C 100 -5.51 -1.56 43.03
N PRO C 101 -6.09 -1.57 44.23
CA PRO C 101 -7.56 -1.61 44.33
C PRO C 101 -8.26 -0.34 43.88
N LYS C 102 -7.84 0.81 44.37
CA LYS C 102 -8.61 2.03 44.21
C LYS C 102 -8.59 2.52 42.76
N ARG C 103 -9.45 3.49 42.47
CA ARG C 103 -9.59 4.08 41.15
C ARG C 103 -9.77 5.58 41.28
N LEU C 104 -9.44 6.29 40.21
CA LEU C 104 -9.61 7.74 40.17
C LEU C 104 -10.99 8.07 39.64
N SER C 105 -11.74 8.88 40.39
CA SER C 105 -13.11 9.26 40.04
C SER C 105 -13.13 10.69 39.51
N MET C 106 -13.90 10.91 38.45
CA MET C 106 -14.02 12.23 37.87
C MET C 106 -15.03 13.07 38.64
N THR C 107 -15.08 14.36 38.29
CA THR C 107 -15.97 15.29 38.96
C THR C 107 -17.37 15.27 38.35
N ALA C 129 5.10 22.21 51.75
CA ALA C 129 4.92 21.01 50.93
C ALA C 129 5.07 19.75 51.78
N ASN C 130 4.04 19.45 52.57
CA ASN C 130 4.06 18.26 53.42
C ASN C 130 3.41 17.06 52.73
N SER C 131 2.18 17.24 52.24
CA SER C 131 1.49 16.16 51.55
C SER C 131 2.06 15.95 50.16
N THR C 132 2.11 14.70 49.73
CA THR C 132 2.69 14.34 48.44
C THR C 132 1.78 13.33 47.74
N PHE C 133 1.91 13.28 46.42
CA PHE C 133 1.15 12.36 45.57
C PHE C 133 2.16 11.58 44.73
N VAL C 134 2.63 10.46 45.27
CA VAL C 134 3.68 9.66 44.64
C VAL C 134 3.13 8.93 43.41
N VAL C 135 4.04 8.44 42.57
CA VAL C 135 3.71 7.73 41.34
C VAL C 135 4.64 6.51 41.35
N ASP C 136 4.69 5.77 40.24
CA ASP C 136 5.36 4.47 40.16
C ASP C 136 6.65 4.41 40.96
N GLY C 137 6.76 3.39 41.80
CA GLY C 137 7.91 3.21 42.64
C GLY C 137 7.71 2.10 43.65
N PRO C 138 8.72 1.85 44.49
CA PRO C 138 8.61 0.78 45.48
C PRO C 138 7.61 1.12 46.58
N GLU C 139 7.21 0.09 47.32
CA GLU C 139 6.29 0.29 48.42
C GLU C 139 7.00 1.02 49.57
N THR C 140 6.37 2.08 50.05
CA THR C 140 6.91 2.90 51.12
C THR C 140 5.90 2.99 52.26
N LYS C 141 6.42 3.28 53.46
CA LYS C 141 5.56 3.41 54.63
C LYS C 141 4.58 4.57 54.48
N GLU C 142 4.97 5.60 53.73
CA GLU C 142 4.10 6.77 53.58
C GLU C 142 2.83 6.42 52.80
N CYS C 143 2.98 5.76 51.66
CA CYS C 143 1.85 5.39 50.80
C CYS C 143 1.82 3.88 50.63
N PRO C 144 1.04 3.15 51.42
CA PRO C 144 0.96 1.70 51.26
C PRO C 144 0.27 1.32 49.96
N ASP C 145 0.54 0.09 49.51
CA ASP C 145 -0.02 -0.40 48.27
C ASP C 145 -1.55 -0.51 48.32
N GLU C 146 -2.14 -0.55 49.51
CA GLU C 146 -3.59 -0.68 49.64
C GLU C 146 -4.34 0.60 49.29
N HIS C 147 -3.65 1.74 49.19
CA HIS C 147 -4.30 3.03 48.96
C HIS C 147 -3.82 3.68 47.66
N ARG C 148 -3.63 2.88 46.62
CA ARG C 148 -3.18 3.37 45.33
C ARG C 148 -4.23 3.12 44.26
N ALA C 149 -4.18 3.93 43.21
CA ALA C 149 -5.04 3.76 42.05
C ALA C 149 -4.33 2.96 40.97
N TRP C 150 -5.11 2.44 40.02
CA TRP C 150 -4.57 1.64 38.93
C TRP C 150 -5.61 1.46 37.83
N ASN C 151 -5.23 1.73 36.58
CA ASN C 151 -6.10 1.54 35.42
C ASN C 151 -7.42 2.28 35.59
N SER C 152 -7.31 3.61 35.68
CA SER C 152 -8.46 4.46 35.91
C SER C 152 -8.67 5.50 34.81
N MET C 153 -8.17 5.22 33.60
CA MET C 153 -8.43 6.09 32.47
C MET C 153 -8.37 5.27 31.19
N GLN C 154 -9.03 5.77 30.15
CA GLN C 154 -9.30 5.02 28.94
C GLN C 154 -9.05 5.88 27.71
N ILE C 155 -8.60 5.23 26.64
CA ILE C 155 -8.30 5.93 25.40
C ILE C 155 -9.60 6.50 24.81
N GLU C 156 -9.57 7.78 24.44
CA GLU C 156 -10.74 8.45 23.90
C GLU C 156 -10.70 8.59 22.38
N ASP C 157 -9.59 9.07 21.84
CA ASP C 157 -9.46 9.31 20.41
C ASP C 157 -7.98 9.47 20.07
N PHE C 158 -7.71 9.66 18.78
CA PHE C 158 -6.36 9.87 18.28
C PHE C 158 -6.25 11.25 17.66
N GLY C 159 -5.00 11.71 17.53
CA GLY C 159 -4.74 13.00 16.91
C GLY C 159 -3.56 12.91 15.97
N PHE C 160 -3.64 13.72 14.91
CA PHE C 160 -2.58 13.71 13.91
C PHE C 160 -1.30 14.29 14.50
N GLY C 161 -0.18 13.65 14.16
CA GLY C 161 1.11 14.06 14.68
C GLY C 161 2.21 13.95 13.64
N ILE C 162 3.07 14.96 13.56
CA ILE C 162 4.14 14.96 12.57
C ILE C 162 5.15 13.88 12.88
N THR C 163 5.58 13.78 14.13
CA THR C 163 6.55 12.77 14.55
C THR C 163 5.95 11.67 15.41
N SER C 164 4.96 11.99 16.24
CA SER C 164 4.34 11.02 17.12
C SER C 164 2.86 11.35 17.26
N THR C 165 2.01 10.39 16.95
CA THR C 165 0.58 10.59 17.08
C THR C 165 0.20 10.72 18.55
N ARG C 166 -0.81 11.54 18.82
CA ARG C 166 -1.23 11.86 20.17
C ARG C 166 -2.51 11.10 20.50
N VAL C 167 -2.47 10.31 21.57
CA VAL C 167 -3.59 9.48 22.00
C VAL C 167 -4.20 10.15 23.23
N TRP C 168 -5.43 10.61 23.10
CA TRP C 168 -6.10 11.30 24.20
C TRP C 168 -6.72 10.30 25.17
N LEU C 169 -6.78 10.68 26.44
CA LEU C 169 -7.29 9.81 27.48
C LEU C 169 -8.42 10.52 28.23
N LYS C 170 -9.27 9.72 28.85
CA LYS C 170 -10.38 10.23 29.64
C LYS C 170 -10.61 9.29 30.81
N ILE C 171 -11.26 9.81 31.86
CA ILE C 171 -11.49 9.03 33.05
C ILE C 171 -12.52 7.95 32.76
N ARG C 172 -12.20 6.71 33.15
CA ARG C 172 -13.06 5.57 32.92
C ARG C 172 -14.09 5.47 34.04
N GLU C 173 -15.37 5.55 33.69
CA GLU C 173 -16.42 5.58 34.69
C GLU C 173 -16.86 4.20 35.17
N GLU C 174 -16.29 3.14 34.62
CA GLU C 174 -16.47 1.80 35.15
C GLU C 174 -15.24 1.40 35.96
N SER C 175 -15.20 0.15 36.41
CA SER C 175 -14.13 -0.36 37.25
C SER C 175 -13.63 -1.70 36.73
N THR C 176 -13.42 -1.77 35.42
CA THR C 176 -12.95 -3.01 34.81
C THR C 176 -11.50 -3.29 35.20
N ASP C 177 -11.11 -4.55 35.08
CA ASP C 177 -9.74 -4.99 35.33
C ASP C 177 -9.07 -5.49 34.06
N GLU C 178 -9.64 -5.17 32.89
CA GLU C 178 -9.14 -5.66 31.62
C GLU C 178 -8.28 -4.61 30.94
N CYS C 179 -7.51 -5.04 29.94
CA CYS C 179 -6.65 -4.15 29.20
C CYS C 179 -7.48 -3.35 28.19
N ASP C 180 -6.92 -2.23 27.75
CA ASP C 180 -7.66 -1.33 26.87
C ASP C 180 -7.77 -1.95 25.48
N GLY C 181 -9.01 -2.06 24.98
CA GLY C 181 -9.26 -2.70 23.70
C GLY C 181 -9.08 -1.83 22.49
N ALA C 182 -8.89 -0.53 22.66
CA ALA C 182 -8.73 0.37 21.52
C ALA C 182 -7.40 0.19 20.81
N ILE C 183 -6.45 -0.53 21.41
CA ILE C 183 -5.13 -0.72 20.81
C ILE C 183 -4.82 -2.18 20.55
N ILE C 184 -5.66 -3.11 21.02
CA ILE C 184 -5.39 -4.53 20.84
C ILE C 184 -5.47 -4.89 19.36
N GLY C 185 -4.47 -5.63 18.88
CA GLY C 185 -4.50 -6.16 17.54
C GLY C 185 -4.29 -7.65 17.50
N THR C 186 -5.33 -8.39 17.13
CA THR C 186 -5.29 -9.84 17.07
C THR C 186 -5.64 -10.29 15.66
N ALA C 187 -4.86 -11.22 15.11
CA ALA C 187 -5.07 -11.64 13.73
C ALA C 187 -4.48 -13.02 13.52
N VAL C 188 -5.19 -13.83 12.71
CA VAL C 188 -4.68 -15.11 12.23
C VAL C 188 -4.91 -15.15 10.73
N LYS C 189 -3.88 -15.54 9.98
CA LYS C 189 -3.98 -15.56 8.52
C LYS C 189 -3.17 -16.74 7.98
N GLY C 190 -3.84 -17.87 7.79
CA GLY C 190 -3.21 -18.99 7.12
C GLY C 190 -1.94 -19.50 7.77
N HIS C 191 -2.08 -20.15 8.93
CA HIS C 191 -0.97 -20.81 9.64
C HIS C 191 -0.02 -19.82 10.29
N VAL C 192 -0.53 -18.66 10.72
CA VAL C 192 0.24 -17.74 11.56
C VAL C 192 -0.74 -16.88 12.33
N ALA C 193 -0.50 -16.72 13.63
CA ALA C 193 -1.42 -16.01 14.51
C ALA C 193 -0.64 -15.03 15.38
N VAL C 194 -1.29 -13.94 15.75
CA VAL C 194 -0.69 -12.87 16.53
C VAL C 194 -1.68 -12.33 17.54
N HIS C 195 -1.27 -12.27 18.81
CA HIS C 195 -1.91 -11.44 19.82
C HIS C 195 -0.93 -10.33 20.18
N SER C 196 -1.35 -9.07 20.06
CA SER C 196 -0.42 -7.98 20.27
C SER C 196 -1.16 -6.72 20.66
N ASP C 197 -0.41 -5.82 21.28
CA ASP C 197 -0.84 -4.45 21.57
C ASP C 197 0.42 -3.59 21.57
N LEU C 198 0.34 -2.40 22.16
CA LEU C 198 1.46 -1.46 22.12
C LEU C 198 2.69 -1.93 22.89
N SER C 199 2.56 -2.97 23.73
CA SER C 199 3.70 -3.44 24.50
C SER C 199 3.93 -4.95 24.46
N TYR C 200 3.03 -5.72 23.85
CA TYR C 200 3.17 -7.16 23.74
C TYR C 200 3.17 -7.56 22.28
N TRP C 201 3.81 -8.70 21.98
CA TRP C 201 3.79 -9.27 20.63
C TRP C 201 3.98 -10.78 20.78
N ILE C 202 2.89 -11.53 20.68
CA ILE C 202 2.89 -12.97 20.90
C ILE C 202 2.65 -13.64 19.55
N GLU C 203 3.59 -14.50 19.14
CA GLU C 203 3.57 -15.11 17.82
C GLU C 203 3.41 -16.62 17.94
N SER C 204 2.49 -17.18 17.18
CA SER C 204 2.25 -18.61 17.15
C SER C 204 2.22 -19.10 15.70
N ARG C 205 2.60 -20.36 15.51
CA ARG C 205 2.74 -20.92 14.16
C ARG C 205 2.29 -22.37 14.16
N TYR C 206 1.88 -22.84 12.97
CA TYR C 206 1.32 -24.16 12.79
C TYR C 206 2.28 -25.02 11.97
N ASN C 207 2.76 -26.10 12.59
CA ASN C 207 3.53 -27.15 11.89
C ASN C 207 3.05 -28.47 12.46
N ASP C 208 1.99 -29.02 11.85
CA ASP C 208 1.28 -30.22 12.26
C ASP C 208 0.54 -30.03 13.59
N THR C 209 0.69 -28.89 14.24
CA THR C 209 0.06 -28.58 15.52
C THR C 209 0.29 -27.10 15.81
N TRP C 210 -0.71 -26.46 16.40
CA TRP C 210 -0.57 -25.06 16.79
C TRP C 210 0.16 -24.97 18.12
N LYS C 211 1.20 -24.14 18.17
CA LYS C 211 2.00 -24.00 19.38
C LYS C 211 2.62 -22.62 19.42
N LEU C 212 3.05 -22.22 20.61
CA LEU C 212 3.72 -20.94 20.77
C LEU C 212 5.11 -20.99 20.14
N GLU C 213 5.52 -19.87 19.55
CA GLU C 213 6.82 -19.79 18.90
C GLU C 213 7.71 -18.70 19.46
N ARG C 214 7.16 -17.53 19.77
CA ARG C 214 7.97 -16.41 20.21
C ARG C 214 7.06 -15.39 20.88
N ALA C 215 7.63 -14.61 21.80
CA ALA C 215 6.88 -13.59 22.51
C ALA C 215 7.86 -12.57 23.06
N VAL C 216 7.76 -11.32 22.60
CA VAL C 216 8.63 -10.24 23.03
C VAL C 216 7.82 -9.28 23.90
N PHE C 217 8.35 -8.95 25.07
CA PHE C 217 7.71 -8.05 26.02
C PHE C 217 8.46 -6.73 26.05
N GLY C 218 7.74 -5.63 25.86
CA GLY C 218 8.29 -4.33 26.19
C GLY C 218 8.12 -3.94 27.64
N GLU C 219 7.39 -4.76 28.38
CA GLU C 219 7.10 -4.55 29.81
C GLU C 219 6.36 -5.79 30.29
N VAL C 220 6.02 -5.80 31.57
CA VAL C 220 5.21 -6.87 32.16
C VAL C 220 4.06 -6.22 32.91
N LYS C 221 2.87 -6.28 32.34
CA LYS C 221 1.70 -5.63 32.90
C LYS C 221 0.99 -6.56 33.88
N SER C 222 -0.20 -6.16 34.34
CA SER C 222 -0.99 -7.01 35.22
C SER C 222 -2.48 -6.96 34.89
N CYS C 223 -2.88 -6.35 33.77
CA CYS C 223 -4.27 -6.35 33.39
C CYS C 223 -4.65 -7.70 32.79
N THR C 224 -5.93 -7.86 32.47
CA THR C 224 -6.47 -9.10 31.93
C THR C 224 -6.80 -8.91 30.45
N TRP C 225 -6.37 -9.86 29.64
CA TRP C 225 -6.64 -9.78 28.20
C TRP C 225 -8.13 -9.93 27.95
N PRO C 226 -8.75 -9.00 27.22
CA PRO C 226 -10.19 -9.13 26.95
C PRO C 226 -10.50 -10.36 26.12
N GLU C 227 -11.62 -11.00 26.42
CA GLU C 227 -12.02 -12.19 25.67
C GLU C 227 -12.53 -11.85 24.28
N THR C 228 -12.95 -10.61 24.05
CA THR C 228 -13.41 -10.20 22.73
C THR C 228 -12.28 -10.14 21.70
N HIS C 229 -11.02 -10.23 22.15
CA HIS C 229 -9.86 -10.17 21.27
C HIS C 229 -9.02 -11.43 21.37
N THR C 230 -9.65 -12.57 21.61
CA THR C 230 -8.95 -13.82 21.85
C THR C 230 -9.38 -14.87 20.83
N LEU C 231 -8.41 -15.50 20.17
CA LEU C 231 -8.67 -16.59 19.24
C LEU C 231 -8.63 -17.93 19.96
N TRP C 232 -9.59 -18.80 19.62
CA TRP C 232 -9.61 -20.18 20.11
C TRP C 232 -9.68 -20.24 21.63
N GLY C 233 -10.74 -19.65 22.17
CA GLY C 233 -10.86 -19.54 23.62
C GLY C 233 -11.95 -20.38 24.24
N ASP C 234 -12.15 -21.61 23.78
CA ASP C 234 -13.18 -22.49 24.29
C ASP C 234 -12.53 -23.68 25.00
N GLY C 235 -12.94 -23.92 26.23
CA GLY C 235 -12.45 -25.06 26.98
C GLY C 235 -10.97 -25.00 27.30
N VAL C 236 -10.48 -23.84 27.72
CA VAL C 236 -9.07 -23.67 28.04
C VAL C 236 -8.86 -23.92 29.53
N GLU C 237 -7.72 -24.50 29.87
CA GLU C 237 -7.35 -24.76 31.26
C GLU C 237 -6.39 -23.67 31.73
N GLU C 238 -6.70 -23.09 32.89
CA GLU C 238 -5.87 -22.01 33.44
C GLU C 238 -4.45 -22.49 33.74
N SER C 239 -4.24 -23.79 33.88
CA SER C 239 -2.93 -24.34 34.24
C SER C 239 -2.12 -24.78 33.03
N GLU C 240 -2.57 -24.49 31.81
CA GLU C 240 -1.83 -24.85 30.62
C GLU C 240 -1.20 -23.67 29.90
N LEU C 241 -1.70 -22.46 30.13
CA LEU C 241 -1.19 -21.28 29.43
C LEU C 241 0.28 -21.06 29.75
N ILE C 242 1.08 -20.82 28.71
CA ILE C 242 2.53 -20.71 28.90
C ILE C 242 2.86 -19.48 29.73
N ILE C 243 2.30 -18.33 29.38
CA ILE C 243 2.46 -17.14 30.20
C ILE C 243 1.17 -16.98 31.01
N PRO C 244 1.27 -16.65 32.30
CA PRO C 244 0.06 -16.66 33.14
C PRO C 244 -0.99 -15.69 32.65
N HIS C 245 -2.25 -16.06 32.88
CA HIS C 245 -3.38 -15.20 32.53
C HIS C 245 -3.47 -13.96 33.39
N THR C 246 -2.71 -13.90 34.49
CA THR C 246 -2.76 -12.76 35.40
C THR C 246 -1.72 -11.69 35.09
N ILE C 247 -0.88 -11.89 34.08
CA ILE C 247 0.07 -10.87 33.65
C ILE C 247 -0.24 -10.47 32.21
N ALA C 248 -1.52 -10.50 31.87
CA ALA C 248 -2.02 -10.11 30.55
C ALA C 248 -1.60 -11.10 29.47
N GLY C 249 -1.68 -12.39 29.79
CA GLY C 249 -1.54 -13.43 28.80
C GLY C 249 -2.90 -13.84 28.28
N PRO C 250 -3.05 -13.94 26.96
CA PRO C 250 -4.35 -14.30 26.40
C PRO C 250 -4.81 -15.66 26.87
N LYS C 251 -6.12 -15.77 27.10
CA LYS C 251 -6.74 -17.03 27.51
C LYS C 251 -7.08 -17.89 26.30
N SER C 252 -6.08 -18.14 25.47
CA SER C 252 -6.23 -18.83 24.20
C SER C 252 -5.48 -20.16 24.23
N LYS C 253 -5.75 -20.99 23.22
CA LYS C 253 -5.01 -22.23 23.04
C LYS C 253 -3.80 -22.06 22.12
N HIS C 254 -3.66 -20.90 21.47
CA HIS C 254 -2.42 -20.59 20.78
C HIS C 254 -1.30 -20.31 21.77
N ASN C 255 -1.63 -19.70 22.91
CA ASN C 255 -0.67 -19.45 23.99
C ASN C 255 -0.51 -20.74 24.79
N ARG C 256 0.23 -21.67 24.21
CA ARG C 256 0.30 -23.04 24.72
C ARG C 256 1.41 -23.77 23.99
N ARG C 257 2.01 -24.75 24.67
CA ARG C 257 3.03 -25.60 24.09
C ARG C 257 2.93 -26.98 24.69
N GLU C 258 3.34 -27.98 23.93
CA GLU C 258 3.21 -29.37 24.35
C GLU C 258 4.35 -29.75 25.29
N GLY C 259 4.00 -30.21 26.48
CA GLY C 259 4.97 -30.66 27.46
C GLY C 259 5.26 -29.68 28.58
N TYR C 260 4.84 -28.43 28.45
CA TYR C 260 5.06 -27.41 29.46
C TYR C 260 3.75 -27.01 30.12
N LYS C 261 3.88 -26.28 31.22
CA LYS C 261 2.72 -25.78 31.96
C LYS C 261 2.90 -24.30 32.25
N THR C 262 2.05 -23.74 33.11
CA THR C 262 2.11 -22.32 33.40
C THR C 262 3.47 -21.93 33.96
N GLN C 263 4.06 -20.89 33.37
CA GLN C 263 5.34 -20.35 33.86
C GLN C 263 5.09 -19.20 34.82
N ASN C 264 4.42 -19.53 35.93
CA ASN C 264 4.03 -18.53 36.91
C ASN C 264 5.19 -18.07 37.79
N GLN C 265 6.35 -18.71 37.67
CA GLN C 265 7.52 -18.39 38.50
C GLN C 265 8.76 -18.28 37.65
N GLY C 266 8.64 -17.59 36.52
CA GLY C 266 9.77 -17.33 35.66
C GLY C 266 10.48 -16.06 36.05
N PRO C 267 11.29 -15.51 35.13
CA PRO C 267 11.99 -14.25 35.41
C PRO C 267 11.16 -13.02 35.03
N TRP C 268 9.98 -12.90 35.64
CA TRP C 268 9.08 -11.80 35.29
C TRP C 268 9.37 -10.54 36.10
N ASP C 269 10.64 -10.17 36.21
CA ASP C 269 11.05 -8.92 36.82
C ASP C 269 12.12 -8.17 36.05
N GLU C 270 12.80 -8.80 35.09
CA GLU C 270 13.84 -8.14 34.33
C GLU C 270 13.20 -7.27 33.24
N ASN C 271 14.02 -6.68 32.39
CA ASN C 271 13.54 -5.81 31.32
C ASN C 271 14.17 -6.24 30.00
N GLY C 272 13.47 -5.93 28.90
CA GLY C 272 13.90 -6.38 27.60
C GLY C 272 13.88 -7.89 27.46
N ILE C 273 12.83 -8.53 27.95
CA ILE C 273 12.74 -9.98 28.01
C ILE C 273 12.13 -10.50 26.72
N VAL C 274 12.73 -11.58 26.19
CA VAL C 274 12.25 -12.24 24.98
C VAL C 274 12.10 -13.72 25.29
N LEU C 275 10.92 -14.26 25.00
CA LEU C 275 10.61 -15.67 25.21
C LEU C 275 10.61 -16.40 23.87
N ASP C 276 11.35 -17.49 23.79
CA ASP C 276 11.42 -18.30 22.59
C ASP C 276 11.89 -19.70 22.99
N PHE C 277 12.02 -20.58 21.99
CA PHE C 277 12.41 -21.97 22.23
C PHE C 277 13.70 -22.25 21.46
N ASP C 278 14.80 -22.35 22.18
CA ASP C 278 16.11 -22.64 21.60
C ASP C 278 17.05 -23.01 22.75
N TYR C 279 18.34 -23.15 22.45
CA TYR C 279 19.36 -23.42 23.44
C TYR C 279 20.07 -22.13 23.84
N CYS C 280 20.21 -21.92 25.15
CA CYS C 280 21.07 -20.88 25.64
C CYS C 280 22.52 -21.20 25.25
N PRO C 281 23.35 -20.19 25.01
CA PRO C 281 24.69 -20.46 24.46
C PRO C 281 25.53 -21.37 25.35
N GLY C 282 26.24 -22.31 24.71
CA GLY C 282 27.20 -23.14 25.39
C GLY C 282 26.66 -24.18 26.34
N THR C 283 25.39 -24.56 26.21
CA THR C 283 24.77 -25.49 27.13
C THR C 283 24.04 -26.59 26.37
N LYS C 284 23.51 -27.55 27.13
CA LYS C 284 22.75 -28.66 26.55
C LYS C 284 21.83 -29.22 27.62
N VAL C 285 20.81 -29.95 27.17
CA VAL C 285 19.85 -30.59 28.07
C VAL C 285 19.51 -31.97 27.53
N THR C 286 19.41 -32.95 28.42
CA THR C 286 19.09 -34.33 28.07
C THR C 286 17.87 -34.78 28.89
N ILE C 287 16.93 -35.45 28.23
CA ILE C 287 15.73 -35.92 28.89
C ILE C 287 16.05 -37.15 29.73
N THR C 288 15.70 -37.10 31.01
CA THR C 288 15.84 -38.24 31.89
C THR C 288 14.81 -38.12 33.00
N GLU C 289 14.23 -39.25 33.38
CA GLU C 289 13.12 -39.25 34.33
C GLU C 289 13.57 -39.07 35.77
N ASP C 290 14.85 -39.30 36.06
CA ASP C 290 15.35 -39.17 37.42
C ASP C 290 15.81 -37.76 37.76
N CYS C 291 15.58 -36.79 36.85
CA CYS C 291 15.89 -35.40 37.14
C CYS C 291 14.98 -34.87 38.26
N GLY C 292 15.26 -33.64 38.69
CA GLY C 292 14.52 -33.05 39.79
C GLY C 292 13.08 -32.71 39.45
N LYS C 293 12.45 -31.86 40.25
CA LYS C 293 11.06 -31.47 40.05
C LYS C 293 11.00 -30.02 39.56
N ARG C 294 9.78 -29.54 39.36
CA ARG C 294 9.56 -28.22 38.79
C ARG C 294 9.73 -27.15 39.86
N GLY C 295 10.53 -26.13 39.55
CA GLY C 295 10.79 -25.04 40.46
C GLY C 295 11.08 -23.74 39.74
N PRO C 296 11.52 -22.72 40.48
CA PRO C 296 11.80 -21.43 39.85
C PRO C 296 12.94 -21.53 38.85
N SER C 297 12.91 -20.65 37.85
CA SER C 297 13.90 -20.67 36.79
C SER C 297 15.28 -20.32 37.33
N VAL C 298 16.30 -20.90 36.69
CA VAL C 298 17.69 -20.75 37.11
C VAL C 298 18.49 -20.18 35.96
N ARG C 299 19.35 -19.21 36.27
CA ARG C 299 20.18 -18.56 35.26
C ARG C 299 21.20 -19.53 34.70
N THR C 300 21.62 -19.28 33.45
CA THR C 300 22.66 -20.08 32.83
C THR C 300 23.98 -19.95 33.58
N THR C 301 24.38 -18.73 33.88
CA THR C 301 25.63 -18.46 34.57
C THR C 301 25.39 -18.12 36.03
N THR C 302 26.33 -18.53 36.88
CA THR C 302 26.23 -18.29 38.31
C THR C 302 26.64 -16.86 38.65
N ASP C 303 26.57 -16.53 39.94
CA ASP C 303 26.95 -15.19 40.38
C ASP C 303 28.42 -14.92 40.10
N SER C 304 29.28 -15.92 40.31
CA SER C 304 30.71 -15.74 40.01
C SER C 304 30.93 -15.49 38.52
N GLY C 305 30.21 -16.20 37.66
CA GLY C 305 30.34 -16.01 36.23
C GLY C 305 30.75 -17.27 35.49
N LYS C 306 30.52 -18.43 36.11
CA LYS C 306 30.87 -19.71 35.52
C LYS C 306 29.63 -20.38 34.95
N LEU C 307 29.73 -20.85 33.71
CA LEU C 307 28.60 -21.48 33.04
C LEU C 307 28.29 -22.85 33.65
N ILE C 308 27.03 -23.23 33.56
CA ILE C 308 26.58 -24.59 33.89
C ILE C 308 26.13 -25.23 32.59
N THR C 309 26.88 -26.23 32.13
CA THR C 309 26.68 -26.80 30.81
C THR C 309 25.90 -28.12 30.83
N ASP C 310 25.32 -28.49 31.97
CA ASP C 310 24.58 -29.74 32.08
C ASP C 310 23.19 -29.44 32.63
N TRP C 311 22.17 -29.95 31.94
CA TRP C 311 20.78 -29.70 32.32
C TRP C 311 19.94 -30.92 32.01
N CYS C 312 18.92 -31.14 32.84
CA CYS C 312 17.98 -32.23 32.65
C CYS C 312 16.56 -31.72 32.88
N CYS C 313 15.60 -32.39 32.24
CA CYS C 313 14.18 -32.13 32.46
C CYS C 313 13.46 -33.46 32.65
N ARG C 314 12.40 -33.43 33.46
CA ARG C 314 11.61 -34.63 33.68
C ARG C 314 10.74 -34.95 32.47
N SER C 315 9.91 -33.99 32.05
CA SER C 315 9.07 -34.15 30.87
C SER C 315 9.06 -32.81 30.13
N CYS C 316 9.93 -32.68 29.13
CA CYS C 316 10.02 -31.44 28.37
C CYS C 316 10.25 -31.78 26.90
N SER C 317 9.73 -30.93 26.04
CA SER C 317 9.96 -31.07 24.61
C SER C 317 11.18 -30.28 24.19
N LEU C 318 11.73 -30.64 23.04
CA LEU C 318 12.89 -29.92 22.53
C LEU C 318 12.51 -29.15 21.27
N PRO C 319 13.11 -27.97 21.03
CA PRO C 319 14.11 -27.26 21.84
C PRO C 319 13.57 -26.76 23.18
N PRO C 320 14.45 -26.37 24.11
CA PRO C 320 13.98 -25.97 25.45
C PRO C 320 13.26 -24.62 25.46
N LEU C 321 12.85 -24.18 26.64
CA LEU C 321 12.21 -22.87 26.81
C LEU C 321 13.25 -21.91 27.37
N ARG C 322 13.54 -20.85 26.63
CA ARG C 322 14.64 -19.95 26.94
C ARG C 322 14.12 -18.52 27.12
N PHE C 323 14.57 -17.86 28.19
CA PHE C 323 14.30 -16.45 28.41
C PHE C 323 15.55 -15.66 28.04
N ARG C 324 15.41 -14.71 27.11
CA ARG C 324 16.52 -13.89 26.64
C ARG C 324 16.39 -12.51 27.26
N THR C 325 16.91 -12.35 28.46
CA THR C 325 16.76 -11.12 29.22
C THR C 325 18.03 -10.27 29.15
N GLU C 326 18.00 -9.13 29.85
CA GLU C 326 19.14 -8.22 29.84
C GLU C 326 20.29 -8.76 30.68
N ASN C 327 19.98 -9.35 31.84
CA ASN C 327 21.03 -9.87 32.70
C ASN C 327 21.77 -11.03 32.03
N GLY C 328 21.03 -11.92 31.38
CA GLY C 328 21.64 -13.07 30.74
C GLY C 328 20.63 -14.00 30.09
N CYS C 329 20.90 -15.30 30.16
CA CYS C 329 20.07 -16.29 29.49
C CYS C 329 19.49 -17.21 30.56
N TRP C 330 18.17 -17.42 30.52
CA TRP C 330 17.48 -18.25 31.48
C TRP C 330 16.80 -19.42 30.77
N TYR C 331 16.40 -20.41 31.56
CA TYR C 331 15.57 -21.53 31.12
C TYR C 331 14.19 -21.47 31.75
N GLY C 332 13.33 -22.38 31.28
CA GLY C 332 12.01 -22.52 31.84
C GLY C 332 12.02 -23.16 33.21
N MET C 333 10.87 -23.11 33.87
CA MET C 333 10.75 -23.60 35.24
C MET C 333 10.77 -25.11 35.34
N GLU C 334 10.72 -25.83 34.23
CA GLU C 334 10.83 -27.29 34.25
C GLU C 334 12.28 -27.76 34.15
N ILE C 335 13.10 -27.06 33.38
CA ILE C 335 14.50 -27.43 33.23
C ILE C 335 15.25 -27.15 34.53
N ARG C 336 16.01 -28.13 34.99
CA ARG C 336 16.78 -28.01 36.21
C ARG C 336 18.23 -28.38 35.96
N PRO C 337 19.16 -27.83 36.73
CA PRO C 337 20.56 -28.23 36.62
C PRO C 337 20.75 -29.65 37.11
N VAL C 338 21.77 -30.32 36.56
CA VAL C 338 21.97 -31.73 36.88
C VAL C 338 22.58 -31.94 38.25
N ARG C 339 23.80 -31.45 38.48
CA ARG C 339 24.40 -31.67 39.79
C ARG C 339 24.69 -30.41 40.58
N HIS C 340 25.69 -29.64 40.14
CA HIS C 340 26.12 -28.37 40.73
C HIS C 340 25.87 -28.30 42.23
N ASP C 341 25.06 -27.33 42.64
CA ASP C 341 24.57 -27.18 44.01
C ASP C 341 23.41 -26.18 43.97
N GLU C 342 22.98 -25.73 45.15
CA GLU C 342 21.95 -24.71 45.28
C GLU C 342 22.39 -23.61 46.24
N THR C 343 23.66 -23.21 46.14
CA THR C 343 24.21 -22.17 47.01
C THR C 343 24.86 -21.03 46.25
N THR C 344 25.06 -21.15 44.94
CA THR C 344 25.70 -20.10 44.14
C THR C 344 24.89 -19.76 42.89
N LEU C 345 23.63 -20.18 42.83
CA LEU C 345 22.81 -20.01 41.64
C LEU C 345 21.69 -19.00 41.93
N VAL C 346 21.39 -18.17 40.93
CA VAL C 346 20.36 -17.16 41.05
C VAL C 346 19.03 -17.75 40.60
N ARG C 347 18.01 -17.61 41.43
CA ARG C 347 16.68 -18.15 41.16
C ARG C 347 15.66 -17.03 41.20
N SER C 348 14.69 -17.09 40.29
CA SER C 348 13.66 -16.06 40.20
C SER C 348 12.69 -16.18 41.38
N GLN C 349 12.20 -15.03 41.83
CA GLN C 349 11.33 -14.92 42.99
C GLN C 349 10.14 -14.02 42.70
N VAL C 350 9.49 -14.22 41.54
CA VAL C 350 8.44 -13.30 41.11
C VAL C 350 7.14 -13.58 41.84
N ASP C 351 6.82 -14.86 42.08
CA ASP C 351 5.53 -15.25 42.66
C ASP C 351 4.36 -14.71 41.83
N ALA C 352 4.51 -14.77 40.51
CA ALA C 352 3.51 -14.21 39.60
C ALA C 352 2.26 -15.09 39.51
N ASP D 1 5.63 0.42 -8.76
CA ASP D 1 5.86 0.05 -7.37
C ASP D 1 4.71 0.49 -6.47
N THR D 2 4.18 -0.44 -5.68
CA THR D 2 2.99 -0.18 -4.89
C THR D 2 3.28 0.84 -3.80
N GLY D 3 2.29 1.67 -3.49
CA GLY D 3 2.44 2.66 -2.45
C GLY D 3 1.16 3.45 -2.29
N CYS D 4 1.19 4.35 -1.30
CA CYS D 4 0.07 5.21 -0.99
C CYS D 4 0.54 6.66 -0.98
N ALA D 5 -0.40 7.58 -1.23
CA ALA D 5 -0.05 8.99 -1.27
C ALA D 5 -1.28 9.82 -0.91
N ILE D 6 -1.03 11.08 -0.58
CA ILE D 6 -2.08 12.04 -0.22
C ILE D 6 -2.05 13.17 -1.24
N ASP D 7 -3.15 13.35 -1.95
CA ASP D 7 -3.29 14.43 -2.92
C ASP D 7 -4.05 15.59 -2.30
N ILE D 8 -3.50 16.79 -2.41
CA ILE D 8 -4.15 17.97 -1.86
C ILE D 8 -5.01 18.67 -2.92
N THR D 9 -4.48 18.84 -4.13
CA THR D 9 -5.27 19.47 -5.19
C THR D 9 -6.39 18.57 -5.66
N ARG D 10 -6.20 17.25 -5.59
CA ARG D 10 -7.25 16.30 -5.95
C ARG D 10 -8.14 15.93 -4.77
N LYS D 11 -7.80 16.38 -3.56
CA LYS D 11 -8.64 16.20 -2.37
C LYS D 11 -8.95 14.72 -2.13
N GLU D 12 -7.94 13.87 -2.32
CA GLU D 12 -8.13 12.44 -2.15
C GLU D 12 -6.84 11.79 -1.67
N MET D 13 -6.97 10.68 -0.96
CA MET D 13 -5.84 9.87 -0.54
C MET D 13 -6.10 8.44 -1.01
N ARG D 14 -5.10 7.84 -1.67
CA ARG D 14 -5.31 6.61 -2.40
C ARG D 14 -4.02 5.79 -2.39
N CYS D 15 -4.19 4.48 -2.50
CA CYS D 15 -3.09 3.54 -2.65
C CYS D 15 -3.14 2.89 -4.03
N GLY D 16 -1.98 2.47 -4.52
CA GLY D 16 -1.91 1.83 -5.82
C GLY D 16 -0.47 1.68 -6.26
N SER D 17 -0.30 1.57 -7.58
CA SER D 17 1.00 1.38 -8.19
C SER D 17 1.28 2.49 -9.19
N GLY D 18 2.55 2.85 -9.34
CA GLY D 18 2.95 3.90 -10.24
C GLY D 18 4.38 4.33 -10.08
N ILE D 19 4.62 5.65 -9.98
CA ILE D 19 5.95 6.22 -9.80
C ILE D 19 5.90 7.15 -8.60
N PHE D 20 6.81 6.94 -7.65
CA PHE D 20 6.91 7.77 -6.45
C PHE D 20 8.27 8.45 -6.44
N VAL D 21 8.29 9.77 -6.68
CA VAL D 21 9.49 10.57 -6.62
C VAL D 21 9.49 11.31 -5.29
N HIS D 22 10.44 10.99 -4.42
CA HIS D 22 10.46 11.48 -3.06
C HIS D 22 11.54 12.53 -2.86
N ASN D 23 11.26 13.49 -1.97
CA ASN D 23 12.20 14.56 -1.65
C ASN D 23 13.16 14.09 -0.57
N ASP D 24 14.44 14.01 -0.91
CA ASP D 24 15.46 13.55 0.03
C ASP D 24 16.70 14.43 -0.06
N VAL D 25 16.51 15.74 -0.16
CA VAL D 25 17.63 16.67 -0.21
C VAL D 25 17.51 17.68 0.92
N GLU D 26 16.29 17.92 1.37
CA GLU D 26 16.04 18.84 2.48
C GLU D 26 16.00 18.13 3.83
N ALA D 27 15.98 16.80 3.86
CA ALA D 27 16.06 16.08 5.11
C ALA D 27 17.43 16.30 5.74
N TRP D 28 17.45 16.51 7.05
CA TRP D 28 18.66 16.85 7.76
C TRP D 28 19.51 15.62 8.10
N VAL D 29 19.08 14.42 7.73
CA VAL D 29 19.82 13.21 8.00
C VAL D 29 20.20 12.56 6.67
N ASP D 30 21.32 11.84 6.68
CA ASP D 30 21.76 11.11 5.51
C ASP D 30 20.89 9.87 5.31
N ARG D 31 20.79 9.43 4.05
CA ARG D 31 19.99 8.27 3.70
C ARG D 31 20.71 7.26 2.82
N TYR D 32 21.73 7.68 2.08
CA TYR D 32 22.45 6.80 1.17
C TYR D 32 23.94 6.83 1.49
N LYS D 33 24.63 5.78 1.08
CA LYS D 33 26.05 5.63 1.38
C LYS D 33 26.69 4.75 0.32
N TYR D 34 27.70 5.28 -0.36
CA TYR D 34 28.31 4.61 -1.50
C TYR D 34 29.39 3.64 -1.06
N LEU D 35 29.46 2.50 -1.73
CA LEU D 35 30.48 1.49 -1.46
C LEU D 35 31.09 1.03 -2.78
N PRO D 36 32.41 0.87 -2.82
CA PRO D 36 33.04 0.29 -4.01
C PRO D 36 32.72 -1.20 -4.14
N GLU D 37 32.77 -1.69 -5.38
CA GLU D 37 32.46 -3.10 -5.62
C GLU D 37 33.54 -4.00 -5.03
N THR D 38 34.81 -3.70 -5.28
CA THR D 38 35.91 -4.50 -4.77
C THR D 38 37.01 -3.60 -4.23
N PRO D 39 37.18 -3.51 -2.91
CA PRO D 39 38.24 -2.66 -2.35
C PRO D 39 39.62 -3.06 -2.81
N ARG D 40 39.86 -4.34 -3.08
CA ARG D 40 41.15 -4.77 -3.61
C ARG D 40 41.39 -4.21 -5.00
N SER D 41 40.32 -4.11 -5.82
CA SER D 41 40.47 -3.55 -7.16
C SER D 41 40.78 -2.06 -7.11
N LEU D 42 40.37 -1.38 -6.04
CA LEU D 42 40.68 0.04 -5.90
C LEU D 42 42.18 0.26 -5.83
N ALA D 43 42.91 -0.58 -5.09
CA ALA D 43 44.35 -0.43 -5.01
C ALA D 43 45.01 -0.65 -6.36
N LYS D 44 44.53 -1.65 -7.11
CA LYS D 44 45.09 -1.89 -8.44
C LYS D 44 44.84 -0.71 -9.38
N ILE D 45 43.62 -0.15 -9.35
CA ILE D 45 43.32 1.00 -10.19
C ILE D 45 44.15 2.21 -9.77
N VAL D 46 44.34 2.39 -8.47
CA VAL D 46 45.15 3.52 -7.99
C VAL D 46 46.59 3.37 -8.47
N HIS D 47 47.15 2.17 -8.36
CA HIS D 47 48.52 1.94 -8.82
C HIS D 47 48.64 2.15 -10.32
N LYS D 48 47.64 1.67 -11.08
CA LYS D 48 47.65 1.87 -12.53
C LYS D 48 47.60 3.35 -12.87
N ALA D 49 46.75 4.11 -12.19
CA ALA D 49 46.67 5.55 -12.44
C ALA D 49 47.96 6.26 -12.07
N HIS D 50 48.58 5.86 -10.96
CA HIS D 50 49.85 6.47 -10.55
C HIS D 50 50.93 6.19 -11.58
N LYS D 51 50.99 4.96 -12.08
CA LYS D 51 51.96 4.64 -13.14
C LYS D 51 51.67 5.42 -14.41
N GLU D 52 50.39 5.57 -14.76
CA GLU D 52 50.01 6.33 -15.94
C GLU D 52 50.13 7.83 -15.75
N GLY D 53 50.27 8.31 -14.52
CA GLY D 53 50.46 9.73 -14.27
C GLY D 53 49.19 10.46 -13.85
N VAL D 54 48.45 9.88 -12.91
CA VAL D 54 47.24 10.50 -12.36
C VAL D 54 47.48 10.79 -10.90
N CYS D 55 47.52 12.07 -10.55
CA CYS D 55 47.78 12.47 -9.16
C CYS D 55 46.59 12.16 -8.26
N GLY D 56 45.37 12.44 -8.73
CA GLY D 56 44.20 12.25 -7.89
C GLY D 56 42.92 12.41 -8.67
N VAL D 57 41.81 12.23 -7.96
CA VAL D 57 40.48 12.24 -8.56
C VAL D 57 39.59 13.20 -7.77
N ARG D 58 38.79 13.99 -8.48
CA ARG D 58 37.84 14.91 -7.87
C ARG D 58 36.50 14.21 -7.69
N SER D 59 35.98 14.26 -6.46
CA SER D 59 34.66 13.69 -6.19
C SER D 59 33.58 14.47 -6.92
N VAL D 60 32.63 13.73 -7.50
CA VAL D 60 31.51 14.38 -8.19
C VAL D 60 30.44 14.79 -7.20
N THR D 61 30.09 13.90 -6.29
CA THR D 61 29.12 14.17 -5.23
C THR D 61 29.84 14.13 -3.89
N ARG D 62 29.30 14.86 -2.91
CA ARG D 62 29.84 14.79 -1.56
C ARG D 62 29.74 13.37 -1.00
N LEU D 63 28.81 12.58 -1.51
CA LEU D 63 28.76 11.16 -1.14
C LEU D 63 29.98 10.42 -1.67
N GLU D 64 30.51 10.81 -2.83
CA GLU D 64 31.75 10.22 -3.31
C GLU D 64 32.93 10.61 -2.43
N HIS D 65 32.94 11.87 -1.95
CA HIS D 65 33.96 12.28 -1.00
C HIS D 65 33.87 11.47 0.28
N GLN D 66 32.66 11.24 0.77
CA GLN D 66 32.48 10.42 1.96
C GLN D 66 32.91 8.98 1.72
N MET D 67 32.66 8.47 0.52
CA MET D 67 33.13 7.13 0.17
C MET D 67 34.65 7.05 0.19
N TRP D 68 35.32 8.06 -0.37
CA TRP D 68 36.78 8.08 -0.32
C TRP D 68 37.29 8.17 1.11
N GLU D 69 36.62 8.97 1.94
CA GLU D 69 36.99 9.05 3.35
C GLU D 69 36.83 7.70 4.04
N ALA D 70 35.75 6.98 3.72
CA ALA D 70 35.53 5.67 4.31
C ALA D 70 36.59 4.67 3.88
N VAL D 71 36.96 4.68 2.59
CA VAL D 71 37.92 3.70 2.07
C VAL D 71 39.37 4.12 2.27
N ARG D 72 39.61 5.30 2.83
CA ARG D 72 40.98 5.73 3.12
C ARG D 72 41.74 4.69 3.93
N ASP D 73 41.15 4.23 5.04
CA ASP D 73 41.86 3.30 5.91
C ASP D 73 42.09 1.96 5.23
N GLU D 74 41.10 1.46 4.51
CA GLU D 74 41.25 0.19 3.81
C GLU D 74 42.37 0.26 2.77
N LEU D 75 42.40 1.33 1.98
CA LEU D 75 43.46 1.48 0.99
C LEU D 75 44.82 1.68 1.65
N ASN D 76 44.87 2.39 2.79
CA ASN D 76 46.11 2.54 3.52
C ASN D 76 46.64 1.18 3.99
N VAL D 77 45.76 0.34 4.52
CA VAL D 77 46.18 -0.99 4.95
C VAL D 77 46.65 -1.81 3.75
N LEU D 78 45.94 -1.70 2.62
CA LEU D 78 46.33 -2.44 1.42
C LEU D 78 47.73 -2.03 0.95
N LEU D 79 48.00 -0.73 0.91
CA LEU D 79 49.31 -0.27 0.47
C LEU D 79 50.39 -0.60 1.49
N LYS D 80 50.06 -0.59 2.78
CA LYS D 80 51.02 -0.99 3.80
C LYS D 80 51.42 -2.45 3.65
N GLU D 81 50.44 -3.33 3.42
CA GLU D 81 50.75 -4.74 3.26
C GLU D 81 51.34 -5.07 1.90
N ASN D 82 51.14 -4.19 0.90
CA ASN D 82 51.77 -4.38 -0.40
C ASN D 82 53.14 -3.71 -0.49
N ALA D 83 53.56 -2.99 0.55
CA ALA D 83 54.91 -2.42 0.65
C ALA D 83 55.22 -1.48 -0.53
N VAL D 84 54.47 -0.39 -0.60
CA VAL D 84 54.70 0.66 -1.57
C VAL D 84 54.62 2.02 -0.87
N ASP D 85 55.41 2.97 -1.35
CA ASP D 85 55.45 4.32 -0.77
C ASP D 85 54.31 5.13 -1.37
N LEU D 86 53.22 5.27 -0.62
CA LEU D 86 52.06 6.03 -1.07
C LEU D 86 51.21 6.38 0.14
N SER D 87 50.48 7.49 0.02
CA SER D 87 49.55 7.90 1.06
C SER D 87 48.36 8.60 0.41
N VAL D 88 47.21 8.49 1.07
CA VAL D 88 45.97 9.12 0.61
C VAL D 88 45.46 10.03 1.71
N VAL D 89 45.05 11.24 1.33
CA VAL D 89 44.60 12.25 2.28
C VAL D 89 43.25 12.80 1.80
N VAL D 90 42.37 13.09 2.76
CA VAL D 90 41.04 13.63 2.47
C VAL D 90 40.92 14.97 3.19
N ASN D 91 40.73 16.04 2.41
CA ASN D 91 40.54 17.37 2.97
C ASN D 91 39.06 17.69 3.11
N LYS D 92 38.74 18.95 3.39
CA LYS D 92 37.38 19.46 3.43
C LYS D 92 37.06 20.17 2.13
N PRO D 93 35.94 19.84 1.47
CA PRO D 93 35.59 20.54 0.22
C PRO D 93 35.54 22.05 0.39
N VAL D 94 36.47 22.75 -0.28
CA VAL D 94 36.61 24.20 -0.11
C VAL D 94 35.45 24.96 -0.77
N GLY D 95 35.26 24.78 -2.07
CA GLY D 95 34.21 25.48 -2.79
C GLY D 95 33.18 24.57 -3.41
N ARG D 96 33.30 24.39 -4.73
CA ARG D 96 32.41 23.53 -5.50
C ARG D 96 33.22 22.42 -6.14
N TYR D 97 32.55 21.32 -6.47
CA TYR D 97 33.21 20.20 -7.13
C TYR D 97 33.35 20.50 -8.62
N ARG D 98 34.50 21.04 -9.01
CA ARG D 98 34.76 21.35 -10.40
C ARG D 98 34.98 20.06 -11.20
N SER D 99 35.16 20.22 -12.50
CA SER D 99 35.40 19.09 -13.38
C SER D 99 36.89 18.91 -13.65
N ALA D 100 37.23 17.78 -14.26
CA ALA D 100 38.58 17.47 -14.65
C ALA D 100 38.62 16.95 -16.07
N PRO D 101 39.72 17.18 -16.79
CA PRO D 101 39.76 16.80 -18.21
C PRO D 101 39.97 15.32 -18.45
N LYS D 102 40.72 14.66 -17.58
CA LYS D 102 41.03 13.25 -17.75
C LYS D 102 40.10 12.40 -16.90
N ARG D 103 40.24 11.08 -17.02
CA ARG D 103 39.38 10.12 -16.34
C ARG D 103 40.30 9.14 -15.62
N LEU D 104 39.70 8.04 -15.14
CA LEU D 104 40.48 6.88 -14.70
C LEU D 104 40.64 5.93 -15.89
N SER D 105 41.47 6.37 -16.84
CA SER D 105 41.61 5.70 -18.12
C SER D 105 42.10 4.26 -17.95
N MET D 106 41.53 3.36 -18.74
CA MET D 106 41.95 1.96 -18.80
C MET D 106 42.32 1.61 -20.24
N THR D 107 42.89 0.42 -20.40
CA THR D 107 43.30 -0.04 -21.72
C THR D 107 43.30 -1.56 -21.81
N ASN D 130 57.72 9.97 -1.46
CA ASN D 130 56.43 9.44 -1.02
C ASN D 130 55.30 9.96 -1.90
N SER D 131 54.63 9.05 -2.61
CA SER D 131 53.53 9.43 -3.48
C SER D 131 52.35 9.93 -2.66
N THR D 132 51.69 10.97 -3.16
CA THR D 132 50.53 11.57 -2.50
C THR D 132 49.32 11.43 -3.39
N PHE D 133 48.33 10.66 -2.93
CA PHE D 133 47.08 10.48 -3.67
C PHE D 133 46.01 11.43 -3.13
N VAL D 134 46.23 12.71 -3.38
CA VAL D 134 45.27 13.73 -2.96
C VAL D 134 43.97 13.56 -3.73
N VAL D 135 42.86 13.95 -3.11
CA VAL D 135 41.54 13.87 -3.74
C VAL D 135 41.05 15.23 -4.22
N ASP D 136 40.95 16.21 -3.32
CA ASP D 136 40.42 17.52 -3.66
C ASP D 136 41.26 18.58 -2.95
N GLY D 137 40.77 19.81 -2.96
CA GLY D 137 41.44 20.91 -2.31
C GLY D 137 42.01 21.90 -3.30
N PRO D 138 43.08 22.60 -2.89
CA PRO D 138 43.70 23.60 -3.77
C PRO D 138 44.46 22.96 -4.92
N GLU D 139 45.08 23.79 -5.75
CA GLU D 139 45.88 23.31 -6.88
C GLU D 139 47.33 23.16 -6.40
N THR D 140 47.77 21.91 -6.24
CA THR D 140 49.12 21.64 -5.76
C THR D 140 50.14 21.90 -6.86
N LYS D 141 51.38 22.13 -6.43
CA LYS D 141 52.45 22.37 -7.38
C LYS D 141 52.80 21.09 -8.15
N GLU D 142 52.93 19.97 -7.45
CA GLU D 142 53.26 18.70 -8.11
C GLU D 142 52.14 18.26 -9.03
N CYS D 143 50.90 18.35 -8.57
CA CYS D 143 49.73 18.01 -9.39
C CYS D 143 48.90 19.26 -9.67
N PRO D 144 48.95 19.79 -10.88
CA PRO D 144 48.04 20.89 -11.24
C PRO D 144 46.62 20.38 -11.43
N ASP D 145 45.67 21.32 -11.42
CA ASP D 145 44.29 20.99 -11.68
C ASP D 145 44.04 20.90 -13.18
N GLU D 146 44.85 20.09 -13.87
CA GLU D 146 44.80 19.98 -15.32
C GLU D 146 44.83 18.54 -15.83
N HIS D 147 45.20 17.56 -15.00
CA HIS D 147 45.26 16.17 -15.43
C HIS D 147 44.67 15.24 -14.37
N ARG D 148 43.69 15.72 -13.61
CA ARG D 148 43.06 14.93 -12.58
C ARG D 148 41.89 14.13 -13.16
N ALA D 149 41.29 13.29 -12.32
CA ALA D 149 40.20 12.42 -12.73
C ALA D 149 38.88 12.92 -12.15
N TRP D 150 37.79 12.54 -12.83
CA TRP D 150 36.45 13.00 -12.46
C TRP D 150 35.38 12.16 -13.14
N ASN D 151 34.40 11.69 -12.36
CA ASN D 151 33.27 10.92 -12.88
C ASN D 151 33.74 9.66 -13.63
N SER D 152 34.40 8.79 -12.89
CA SER D 152 34.89 7.52 -13.43
C SER D 152 34.19 6.31 -12.82
N MET D 153 33.10 6.52 -12.08
CA MET D 153 32.38 5.43 -11.45
C MET D 153 30.89 5.55 -11.76
N GLN D 154 30.23 4.41 -11.83
CA GLN D 154 28.81 4.34 -12.17
C GLN D 154 28.06 3.52 -11.13
N ILE D 155 26.86 3.98 -10.79
CA ILE D 155 26.02 3.23 -9.86
C ILE D 155 25.54 1.96 -10.54
N GLU D 156 25.81 0.81 -9.93
CA GLU D 156 25.44 -0.48 -10.48
C GLU D 156 24.12 -0.98 -9.93
N ASP D 157 24.03 -1.18 -8.62
CA ASP D 157 22.83 -1.73 -7.98
C ASP D 157 22.76 -1.23 -6.55
N PHE D 158 21.69 -1.62 -5.86
CA PHE D 158 21.44 -1.20 -4.50
C PHE D 158 21.57 -2.39 -3.54
N GLY D 159 21.66 -2.08 -2.26
CA GLY D 159 21.75 -3.10 -1.24
C GLY D 159 20.91 -2.72 -0.04
N PHE D 160 20.47 -3.75 0.68
CA PHE D 160 19.59 -3.54 1.83
C PHE D 160 20.35 -2.85 2.97
N GLY D 161 19.64 -1.98 3.69
CA GLY D 161 20.21 -1.28 4.82
C GLY D 161 19.15 -0.72 5.74
N ILE D 162 19.35 -0.85 7.06
CA ILE D 162 18.34 -0.38 8.01
C ILE D 162 18.28 1.14 8.03
N THR D 163 19.43 1.80 7.99
CA THR D 163 19.49 3.27 8.05
C THR D 163 20.00 3.88 6.75
N SER D 164 21.10 3.36 6.20
CA SER D 164 21.67 3.85 4.97
C SER D 164 21.57 2.75 3.91
N THR D 165 20.82 3.03 2.84
CA THR D 165 20.70 2.08 1.76
C THR D 165 22.02 1.97 1.01
N ARG D 166 22.54 0.75 0.89
CA ARG D 166 23.82 0.54 0.25
C ARG D 166 23.70 0.76 -1.26
N VAL D 167 24.60 1.57 -1.82
CA VAL D 167 24.68 1.80 -3.25
C VAL D 167 26.05 1.31 -3.71
N TRP D 168 26.06 0.32 -4.59
CA TRP D 168 27.28 -0.33 -5.02
C TRP D 168 27.77 0.28 -6.32
N LEU D 169 29.04 0.62 -6.37
CA LEU D 169 29.63 1.35 -7.49
C LEU D 169 30.47 0.41 -8.35
N LYS D 170 30.58 0.73 -9.63
CA LYS D 170 31.51 0.07 -10.54
C LYS D 170 32.21 1.14 -11.35
N ILE D 171 32.96 0.73 -12.37
CA ILE D 171 33.67 1.67 -13.24
C ILE D 171 33.00 1.67 -14.60
N ARG D 172 33.00 2.84 -15.25
CA ARG D 172 32.42 2.97 -16.57
C ARG D 172 33.38 2.48 -17.64
N GLU D 173 32.85 2.28 -18.83
CA GLU D 173 33.65 1.91 -20.00
C GLU D 173 34.01 3.10 -20.87
N GLU D 174 33.13 4.10 -20.94
CA GLU D 174 33.33 5.27 -21.77
C GLU D 174 33.24 6.53 -20.92
N SER D 175 33.94 7.58 -21.37
CA SER D 175 33.98 8.84 -20.64
C SER D 175 32.73 9.66 -20.97
N THR D 176 31.90 9.90 -19.96
CA THR D 176 30.69 10.68 -20.11
C THR D 176 30.72 11.87 -19.15
N ASP D 177 30.29 13.03 -19.63
CA ASP D 177 30.32 14.26 -18.84
C ASP D 177 28.96 14.62 -18.26
N GLU D 178 28.01 13.70 -18.28
CA GLU D 178 26.67 13.96 -17.74
C GLU D 178 26.45 13.19 -16.45
N CYS D 179 25.49 13.67 -15.66
CA CYS D 179 25.23 13.11 -14.35
C CYS D 179 24.69 11.68 -14.49
N ASP D 180 24.91 10.89 -13.45
CA ASP D 180 24.43 9.52 -13.46
C ASP D 180 22.91 9.48 -13.41
N GLY D 181 22.31 8.71 -14.32
CA GLY D 181 20.87 8.72 -14.48
C GLY D 181 20.15 7.55 -13.84
N ALA D 182 20.79 6.88 -12.89
CA ALA D 182 20.17 5.77 -12.17
C ALA D 182 19.51 6.21 -10.87
N ILE D 183 19.60 7.49 -10.52
CA ILE D 183 19.07 8.00 -9.26
C ILE D 183 18.26 9.26 -9.52
N ILE D 184 18.12 9.63 -10.78
CA ILE D 184 17.53 10.91 -11.18
C ILE D 184 16.03 10.73 -11.37
N GLY D 185 15.23 11.53 -10.68
CA GLY D 185 13.79 11.45 -10.77
C GLY D 185 13.10 12.75 -11.12
N THR D 186 12.37 12.77 -12.23
CA THR D 186 11.60 13.93 -12.66
C THR D 186 10.15 13.53 -12.87
N ALA D 187 9.24 14.49 -12.67
CA ALA D 187 7.82 14.20 -12.76
C ALA D 187 7.03 15.49 -12.91
N VAL D 188 5.87 15.37 -13.56
CA VAL D 188 4.89 16.45 -13.67
C VAL D 188 3.51 15.83 -13.51
N LYS D 189 2.84 16.14 -12.39
CA LYS D 189 1.45 15.71 -12.18
C LYS D 189 0.63 16.93 -11.76
N GLY D 190 0.24 17.73 -12.74
CA GLY D 190 -0.76 18.76 -12.52
C GLY D 190 -0.17 20.06 -12.06
N HIS D 191 0.00 21.02 -12.97
CA HIS D 191 0.42 22.38 -12.63
C HIS D 191 1.64 22.41 -11.71
N VAL D 192 2.48 21.39 -11.77
CA VAL D 192 3.67 21.31 -10.90
C VAL D 192 4.66 20.34 -11.54
N ALA D 193 5.94 20.69 -11.48
CA ALA D 193 6.99 19.92 -12.12
C ALA D 193 8.23 19.89 -11.23
N VAL D 194 9.02 18.83 -11.39
CA VAL D 194 10.19 18.59 -10.56
C VAL D 194 11.32 18.03 -11.43
N HIS D 195 12.53 18.54 -11.22
CA HIS D 195 13.78 17.95 -11.74
C HIS D 195 14.70 17.77 -10.54
N SER D 196 14.77 16.55 -10.01
CA SER D 196 15.48 16.33 -8.76
C SER D 196 16.32 15.07 -8.81
N ASP D 197 17.30 15.02 -7.92
CA ASP D 197 18.12 13.85 -7.66
C ASP D 197 18.53 13.89 -6.19
N LEU D 198 19.54 13.12 -5.81
CA LEU D 198 19.96 13.04 -4.40
C LEU D 198 20.49 14.35 -3.84
N SER D 199 20.81 15.32 -4.69
CA SER D 199 21.34 16.60 -4.22
C SER D 199 20.48 17.79 -4.63
N TYR D 200 19.96 17.80 -5.85
CA TYR D 200 19.19 18.92 -6.37
C TYR D 200 17.69 18.68 -6.18
N TRP D 201 16.93 19.77 -6.14
CA TRP D 201 15.47 19.69 -6.12
C TRP D 201 14.95 21.01 -6.70
N ILE D 202 14.47 20.96 -7.94
CA ILE D 202 14.00 22.13 -8.66
C ILE D 202 12.49 21.99 -8.85
N GLU D 203 11.74 23.02 -8.47
CA GLU D 203 10.29 23.01 -8.54
C GLU D 203 9.79 24.15 -9.40
N SER D 204 8.81 23.86 -10.25
CA SER D 204 8.20 24.85 -11.12
C SER D 204 6.68 24.73 -11.04
N ARG D 205 5.99 25.85 -11.25
CA ARG D 205 4.54 25.91 -11.04
C ARG D 205 3.87 26.53 -12.25
N TYR D 206 2.53 26.55 -12.19
CA TYR D 206 1.68 27.16 -13.19
C TYR D 206 0.79 28.19 -12.52
N ASN D 207 1.00 29.47 -12.85
CA ASN D 207 0.13 30.56 -12.40
C ASN D 207 0.01 31.51 -13.58
N ASP D 208 -0.99 31.27 -14.43
CA ASP D 208 -1.24 31.96 -15.69
C ASP D 208 -0.13 31.73 -16.71
N THR D 209 0.93 31.01 -16.33
CA THR D 209 2.07 30.67 -17.17
C THR D 209 2.99 29.79 -16.33
N TRP D 210 3.91 29.10 -17.00
CA TRP D 210 4.86 28.23 -16.32
C TRP D 210 6.13 29.01 -15.97
N LYS D 211 6.56 28.89 -14.72
CA LYS D 211 7.74 29.61 -14.26
C LYS D 211 8.37 28.87 -13.09
N LEU D 212 9.63 29.18 -12.84
CA LEU D 212 10.36 28.54 -11.75
C LEU D 212 9.94 29.10 -10.41
N GLU D 213 9.64 28.22 -9.46
CA GLU D 213 9.35 28.60 -8.08
C GLU D 213 10.60 28.60 -7.21
N ARG D 214 11.22 27.44 -7.07
CA ARG D 214 12.21 27.21 -6.03
C ARG D 214 13.19 26.17 -6.52
N ALA D 215 14.44 26.29 -6.07
CA ALA D 215 15.46 25.30 -6.41
C ALA D 215 16.39 25.19 -5.20
N VAL D 216 16.13 24.20 -4.35
CA VAL D 216 16.92 24.03 -3.14
C VAL D 216 18.19 23.25 -3.47
N PHE D 217 19.33 23.85 -3.17
CA PHE D 217 20.64 23.23 -3.33
C PHE D 217 21.04 22.58 -2.00
N GLY D 218 22.34 22.34 -1.83
CA GLY D 218 22.87 21.49 -0.79
C GLY D 218 24.13 20.85 -1.31
N GLU D 219 24.38 21.11 -2.60
CA GLU D 219 25.64 20.79 -3.25
C GLU D 219 25.65 21.52 -4.58
N VAL D 220 26.85 21.79 -5.09
CA VAL D 220 27.05 22.49 -6.36
C VAL D 220 27.99 21.64 -7.20
N LYS D 221 27.44 20.82 -8.08
CA LYS D 221 28.23 19.95 -8.93
C LYS D 221 28.54 20.65 -10.25
N SER D 222 29.10 19.90 -11.20
CA SER D 222 29.39 20.45 -12.53
C SER D 222 29.03 19.48 -13.66
N CYS D 223 28.35 18.38 -13.37
CA CYS D 223 27.94 17.46 -14.41
C CYS D 223 26.80 18.07 -15.22
N THR D 224 26.37 17.36 -16.27
CA THR D 224 25.33 17.83 -17.16
C THR D 224 24.06 17.02 -16.95
N TRP D 225 22.93 17.70 -16.83
CA TRP D 225 21.67 17.02 -16.61
C TRP D 225 21.26 16.26 -17.87
N PRO D 226 20.99 14.96 -17.77
CA PRO D 226 20.65 14.19 -18.97
C PRO D 226 19.39 14.73 -19.65
N GLU D 227 19.40 14.67 -20.98
CA GLU D 227 18.23 15.10 -21.73
C GLU D 227 17.11 14.06 -21.68
N THR D 228 17.42 12.83 -21.27
CA THR D 228 16.38 11.81 -21.12
C THR D 228 15.54 12.03 -19.87
N HIS D 229 15.86 13.04 -19.08
CA HIS D 229 15.13 13.37 -17.86
C HIS D 229 14.74 14.85 -17.86
N THR D 230 14.26 15.34 -19.02
CA THR D 230 14.08 16.76 -19.24
C THR D 230 12.71 17.01 -19.86
N LEU D 231 11.79 17.55 -19.06
CA LEU D 231 10.47 17.93 -19.54
C LEU D 231 10.56 19.26 -20.30
N TRP D 232 9.80 19.36 -21.39
CA TRP D 232 9.71 20.58 -22.19
C TRP D 232 11.07 20.97 -22.76
N GLY D 233 11.67 20.03 -23.50
CA GLY D 233 13.03 20.20 -23.96
C GLY D 233 13.20 20.60 -25.41
N ASP D 234 12.13 21.08 -26.06
CA ASP D 234 12.18 21.43 -27.47
C ASP D 234 12.33 22.94 -27.63
N GLY D 235 13.27 23.34 -28.48
CA GLY D 235 13.48 24.76 -28.76
C GLY D 235 13.92 25.58 -27.57
N VAL D 236 14.86 25.06 -26.79
CA VAL D 236 15.31 25.72 -25.58
C VAL D 236 16.52 26.60 -25.88
N GLU D 237 16.47 27.84 -25.42
CA GLU D 237 17.58 28.77 -25.57
C GLU D 237 18.51 28.65 -24.38
N GLU D 238 19.80 28.49 -24.65
CA GLU D 238 20.78 28.29 -23.58
C GLU D 238 20.99 29.54 -22.73
N SER D 239 20.69 30.72 -23.27
CA SER D 239 20.96 31.97 -22.56
C SER D 239 19.82 32.41 -21.66
N GLU D 240 18.70 31.69 -21.64
CA GLU D 240 17.57 32.02 -20.79
C GLU D 240 17.43 31.09 -19.60
N LEU D 241 18.39 30.20 -19.39
CA LEU D 241 18.31 29.25 -18.28
C LEU D 241 18.79 29.94 -17.00
N ILE D 242 17.93 29.93 -15.97
CA ILE D 242 18.28 30.57 -14.71
C ILE D 242 19.50 29.90 -14.09
N ILE D 243 19.50 28.57 -14.05
CA ILE D 243 20.63 27.78 -13.58
C ILE D 243 21.43 27.36 -14.81
N PRO D 244 22.70 27.77 -14.94
CA PRO D 244 23.46 27.44 -16.15
C PRO D 244 23.59 25.95 -16.33
N HIS D 245 23.69 25.53 -17.59
CA HIS D 245 23.78 24.11 -17.92
C HIS D 245 25.12 23.50 -17.54
N THR D 246 26.09 24.32 -17.09
CA THR D 246 27.35 23.81 -16.58
C THR D 246 27.31 23.52 -15.07
N ILE D 247 26.23 23.90 -14.40
CA ILE D 247 26.08 23.66 -12.96
C ILE D 247 25.00 22.60 -12.77
N ALA D 248 24.87 21.71 -13.75
CA ALA D 248 23.84 20.67 -13.76
C ALA D 248 22.44 21.28 -13.72
N GLY D 249 22.26 22.37 -14.45
CA GLY D 249 20.96 22.96 -14.63
C GLY D 249 20.26 22.30 -15.81
N PRO D 250 19.03 21.85 -15.59
CA PRO D 250 18.31 21.14 -16.65
C PRO D 250 18.11 22.02 -17.89
N LYS D 251 18.20 21.39 -19.05
CA LYS D 251 18.03 22.10 -20.32
C LYS D 251 16.56 22.13 -20.74
N SER D 252 15.72 22.61 -19.84
CA SER D 252 14.27 22.64 -20.02
C SER D 252 13.81 24.09 -20.12
N LYS D 253 12.50 24.26 -20.31
CA LYS D 253 11.89 25.58 -20.36
C LYS D 253 11.16 25.93 -19.06
N HIS D 254 11.06 25.00 -18.12
CA HIS D 254 10.65 25.36 -16.77
C HIS D 254 11.74 26.13 -16.04
N ASN D 255 12.97 26.08 -16.54
CA ASN D 255 14.14 26.66 -15.89
C ASN D 255 14.34 28.12 -16.32
N ARG D 256 13.31 28.94 -16.18
CA ARG D 256 13.39 30.34 -16.59
C ARG D 256 12.21 31.09 -16.01
N ARG D 257 12.36 32.41 -15.93
CA ARG D 257 11.26 33.31 -15.58
C ARG D 257 11.37 34.56 -16.45
N GLU D 258 10.30 35.34 -16.45
CA GLU D 258 10.23 36.54 -17.27
C GLU D 258 11.30 37.55 -16.86
N GLY D 259 11.97 38.12 -17.84
CA GLY D 259 12.97 39.15 -17.60
C GLY D 259 14.21 38.70 -16.86
N TYR D 260 14.76 37.54 -17.24
CA TYR D 260 15.99 37.06 -16.63
C TYR D 260 16.76 36.23 -17.64
N LYS D 261 18.06 36.08 -17.40
CA LYS D 261 18.95 35.37 -18.30
C LYS D 261 19.86 34.47 -17.48
N THR D 262 20.85 33.87 -18.14
CA THR D 262 21.75 32.93 -17.48
C THR D 262 22.54 33.63 -16.38
N GLN D 263 22.54 33.05 -15.19
CA GLN D 263 23.27 33.58 -14.04
C GLN D 263 24.58 32.79 -13.89
N ASN D 264 25.54 33.10 -14.76
CA ASN D 264 26.85 32.47 -14.70
C ASN D 264 27.72 33.04 -13.58
N GLN D 265 27.34 34.17 -12.99
CA GLN D 265 28.08 34.79 -11.90
C GLN D 265 27.14 34.94 -10.70
N GLY D 266 27.25 34.01 -9.75
CA GLY D 266 26.43 34.03 -8.57
C GLY D 266 27.15 33.45 -7.37
N PRO D 267 26.44 33.32 -6.25
CA PRO D 267 27.03 32.75 -5.03
C PRO D 267 27.10 31.23 -5.08
N TRP D 268 27.78 30.71 -6.10
CA TRP D 268 27.86 29.27 -6.34
C TRP D 268 29.04 28.62 -5.61
N ASP D 269 29.56 29.26 -4.57
CA ASP D 269 30.66 28.71 -3.79
C ASP D 269 30.32 28.60 -2.31
N GLU D 270 29.09 28.90 -1.92
CA GLU D 270 28.69 28.88 -0.52
C GLU D 270 28.17 27.50 -0.15
N ASN D 271 27.55 27.39 1.02
CA ASN D 271 27.06 26.12 1.55
C ASN D 271 25.57 26.24 1.84
N GLY D 272 24.80 25.27 1.34
CA GLY D 272 23.37 25.24 1.60
C GLY D 272 22.59 26.39 0.99
N ILE D 273 22.88 26.72 -0.26
CA ILE D 273 22.21 27.85 -0.92
C ILE D 273 20.81 27.43 -1.35
N VAL D 274 19.87 28.36 -1.22
CA VAL D 274 18.48 28.16 -1.64
C VAL D 274 18.10 29.30 -2.57
N LEU D 275 17.50 28.95 -3.70
CA LEU D 275 17.06 29.93 -4.69
C LEU D 275 15.54 30.07 -4.61
N ASP D 276 15.07 31.30 -4.42
CA ASP D 276 13.65 31.57 -4.32
C ASP D 276 13.40 33.02 -4.72
N PHE D 277 12.13 33.34 -4.95
CA PHE D 277 11.71 34.68 -5.37
C PHE D 277 10.87 35.28 -4.25
N ASP D 278 11.45 36.18 -3.48
CA ASP D 278 10.77 36.83 -2.36
C ASP D 278 11.50 38.14 -2.06
N TYR D 279 11.18 38.73 -0.91
CA TYR D 279 11.80 39.97 -0.46
C TYR D 279 12.70 39.68 0.73
N CYS D 280 13.96 40.06 0.63
CA CYS D 280 14.86 40.02 1.77
C CYS D 280 14.61 41.23 2.66
N PRO D 281 15.07 41.18 3.92
CA PRO D 281 14.87 42.33 4.81
C PRO D 281 15.48 43.59 4.23
N GLY D 282 14.78 44.71 4.41
CA GLY D 282 15.17 45.92 3.72
C GLY D 282 14.85 45.81 2.23
N THR D 283 15.55 46.63 1.45
CA THR D 283 15.46 46.64 -0.01
C THR D 283 14.09 47.07 -0.51
N LYS D 284 14.05 48.13 -1.31
CA LYS D 284 12.81 48.68 -1.83
C LYS D 284 12.65 48.33 -3.31
N VAL D 285 11.43 48.51 -3.80
CA VAL D 285 11.07 48.16 -5.17
C VAL D 285 11.33 49.40 -6.02
N THR D 286 12.51 49.43 -6.65
CA THR D 286 12.88 50.49 -7.59
C THR D 286 13.10 49.85 -8.95
N ILE D 287 12.28 50.23 -9.93
CA ILE D 287 12.31 49.60 -11.25
C ILE D 287 12.78 50.58 -12.30
N THR D 288 13.65 51.52 -11.90
CA THR D 288 14.17 52.50 -12.84
C THR D 288 15.00 51.83 -13.92
N GLU D 289 14.96 52.41 -15.12
CA GLU D 289 15.62 51.83 -16.29
C GLU D 289 16.95 52.49 -16.59
N ASP D 290 17.69 52.91 -15.56
CA ASP D 290 18.97 53.55 -15.76
C ASP D 290 20.04 53.10 -14.76
N CYS D 291 19.81 51.99 -14.05
CA CYS D 291 20.68 51.59 -12.95
C CYS D 291 21.84 50.72 -13.46
N GLY D 292 22.67 51.33 -14.30
CA GLY D 292 23.91 50.72 -14.76
C GLY D 292 23.66 49.47 -15.59
N LYS D 293 24.67 48.59 -15.60
CA LYS D 293 24.65 47.37 -16.38
C LYS D 293 24.63 46.15 -15.46
N ARG D 294 24.16 45.04 -16.01
CA ARG D 294 24.15 43.78 -15.28
C ARG D 294 25.57 43.34 -14.94
N GLY D 295 25.77 42.91 -13.69
CA GLY D 295 27.07 42.48 -13.23
C GLY D 295 26.97 41.37 -12.20
N PRO D 296 28.07 41.11 -11.50
CA PRO D 296 28.06 40.05 -10.49
C PRO D 296 27.15 40.39 -9.32
N SER D 297 26.70 39.34 -8.63
CA SER D 297 25.79 39.51 -7.50
C SER D 297 26.46 40.29 -6.39
N VAL D 298 25.66 41.12 -5.70
CA VAL D 298 26.15 41.98 -4.63
C VAL D 298 25.46 41.58 -3.33
N ARG D 299 26.27 41.30 -2.31
CA ARG D 299 25.74 40.87 -1.02
C ARG D 299 24.99 42.01 -0.35
N THR D 300 23.93 41.66 0.39
CA THR D 300 23.11 42.64 1.10
C THR D 300 23.67 42.94 2.49
N THR D 301 24.95 43.28 2.56
CA THR D 301 25.59 43.59 3.84
C THR D 301 26.82 44.44 3.57
N THR D 302 26.92 45.58 4.25
CA THR D 302 27.99 46.54 4.03
C THR D 302 29.18 46.19 4.92
N ASP D 303 29.98 45.24 4.44
CA ASP D 303 31.20 44.78 5.12
C ASP D 303 30.91 44.43 6.58
N SER D 304 30.04 43.42 6.76
CA SER D 304 29.60 42.98 8.08
C SER D 304 28.96 44.11 8.88
N GLY D 305 28.33 45.05 8.18
CA GLY D 305 27.71 46.19 8.83
C GLY D 305 26.23 46.35 8.52
N LYS D 306 25.88 47.50 7.93
CA LYS D 306 24.48 47.80 7.65
C LYS D 306 24.03 47.07 6.38
N LEU D 307 22.72 46.95 6.22
CA LEU D 307 22.12 46.30 5.06
C LEU D 307 21.62 47.35 4.08
N ILE D 308 21.94 47.16 2.80
CA ILE D 308 21.56 48.14 1.77
C ILE D 308 20.07 48.02 1.48
N THR D 309 19.37 49.15 1.53
CA THR D 309 17.93 49.19 1.30
C THR D 309 17.57 49.79 -0.05
N ASP D 310 18.56 50.11 -0.88
CA ASP D 310 18.31 50.72 -2.20
C ASP D 310 18.87 49.79 -3.26
N TRP D 311 18.00 48.99 -3.88
CA TRP D 311 18.37 48.07 -4.94
C TRP D 311 17.45 48.30 -6.13
N CYS D 312 18.03 48.32 -7.33
CA CYS D 312 17.31 48.66 -8.54
C CYS D 312 17.66 47.71 -9.67
N CYS D 313 16.69 47.49 -10.55
CA CYS D 313 16.86 46.63 -11.72
C CYS D 313 16.46 47.41 -12.97
N ARG D 314 17.25 47.26 -14.03
CA ARG D 314 16.91 47.90 -15.30
C ARG D 314 15.62 47.35 -15.87
N SER D 315 15.46 46.01 -15.84
CA SER D 315 14.21 45.39 -16.28
C SER D 315 14.15 44.02 -15.60
N CYS D 316 13.27 43.88 -14.61
CA CYS D 316 13.14 42.64 -13.86
C CYS D 316 11.67 42.41 -13.58
N SER D 317 11.39 41.40 -12.73
CA SER D 317 10.03 41.05 -12.35
C SER D 317 9.97 40.87 -10.85
N LEU D 318 8.77 41.08 -10.30
CA LEU D 318 8.58 41.02 -8.86
C LEU D 318 7.88 39.73 -8.46
N PRO D 319 8.27 39.11 -7.34
CA PRO D 319 9.38 39.49 -6.43
C PRO D 319 10.75 39.29 -7.07
N PRO D 320 11.80 39.93 -6.53
CA PRO D 320 13.13 39.79 -7.14
C PRO D 320 13.75 38.42 -6.88
N LEU D 321 14.99 38.24 -7.33
CA LEU D 321 15.69 36.98 -7.17
C LEU D 321 16.70 37.12 -6.04
N ARG D 322 16.58 36.25 -5.04
CA ARG D 322 17.46 36.25 -3.87
C ARG D 322 18.27 34.97 -3.82
N PHE D 323 19.04 34.82 -2.76
CA PHE D 323 19.80 33.60 -2.48
C PHE D 323 19.78 33.39 -0.98
N ARG D 324 19.00 32.42 -0.51
CA ARG D 324 18.87 32.20 0.92
C ARG D 324 20.05 31.41 1.46
N THR D 325 21.26 31.88 1.19
CA THR D 325 22.45 31.29 1.78
C THR D 325 22.45 31.51 3.29
N GLU D 326 23.00 30.54 4.02
CA GLU D 326 23.12 30.70 5.46
C GLU D 326 24.05 31.85 5.83
N ASN D 327 24.93 32.27 4.91
CA ASN D 327 25.74 33.46 5.15
C ASN D 327 24.88 34.72 5.17
N GLY D 328 23.91 34.81 4.27
CA GLY D 328 23.06 35.99 4.20
C GLY D 328 22.23 35.98 2.94
N CYS D 329 21.86 37.19 2.50
CA CYS D 329 21.04 37.36 1.31
C CYS D 329 21.84 38.03 0.20
N TRP D 330 21.62 37.57 -1.03
CA TRP D 330 22.21 38.14 -2.23
C TRP D 330 21.09 38.52 -3.20
N TYR D 331 21.47 39.07 -4.34
CA TYR D 331 20.51 39.47 -5.35
C TYR D 331 21.04 39.11 -6.73
N GLY D 332 20.11 39.01 -7.68
CA GLY D 332 20.44 38.57 -9.01
C GLY D 332 21.39 39.51 -9.74
N MET D 333 21.91 39.00 -10.85
CA MET D 333 22.90 39.76 -11.62
C MET D 333 22.32 41.07 -12.15
N GLU D 334 21.06 41.03 -12.60
CA GLU D 334 20.42 42.23 -13.14
C GLU D 334 20.19 43.30 -12.09
N ILE D 335 20.23 42.94 -10.81
CA ILE D 335 19.93 43.87 -9.73
C ILE D 335 21.24 44.41 -9.17
N ARG D 336 21.37 45.74 -9.14
CA ARG D 336 22.55 46.40 -8.61
C ARG D 336 22.12 47.55 -7.69
N PRO D 337 22.75 47.69 -6.52
CA PRO D 337 22.29 48.71 -5.57
C PRO D 337 22.67 50.11 -6.00
N VAL D 338 21.75 51.05 -5.76
CA VAL D 338 22.00 52.45 -6.08
C VAL D 338 23.03 53.03 -5.10
#